data_6JEM
#
_entry.id   6JEM
#
_cell.length_a   57.374
_cell.length_b   137.616
_cell.length_c   208.956
_cell.angle_alpha   90.00
_cell.angle_beta   90.00
_cell.angle_gamma   90.00
#
_symmetry.space_group_name_H-M   'P 21 21 21'
#
loop_
_entity.id
_entity.type
_entity.pdbx_description
1 polymer Glycosyltransferase
2 non-polymer "URIDINE-5'-DIPHOSPHATE-2-DEOXY-2-FLUORO-ALPHA-D-GLUCOSE"
3 non-polymer RESVERATROL
#
_entity_poly.entity_id   1
_entity_poly.type   'polypeptide(L)'
_entity_poly.pdbx_seq_one_letter_code
;MNHKVHHHHHHLQENLYFQGMEMEAPLIVIVPSPGMGHLIPLVEFAKVLVSRFHFSVSLLLPTTAQPTKAQTTLLNSLPS
SVSHNFLPTVDPAHLPDGVAHEVTISLTHAHSLSSIRAALGSLAQQAQVVALITDLFGTGLYTVARDLGIPPYLYFTSTA
MCLLFLFHLPKLDETVSCEYRDMPEPLVLPGCVPLHGKDFVDPAQDRQDQAYHVLLDHVKRYVLAEGIFVNTFVDLEPGA
IKTLQTEDPNVPPVYPVGPIIQSGLDDDSHGSDCLKWLDRQPSGSVLFVSFGSGGTLSNEQLNELAIGLEISGHRFLWVV
RSPNDHSSFGSFFSTQSQDDPFGFLPTGFVDRIKDRGLLVPSWAPQIKVLSHGSTGGFLTHCGWNSTLESIVNGVPLIVW
PLYAEQRMNAVMLNQGLKVALRPNASQRGLVEADEIARVVKELMDGDEGKKARYKMRELSDSAKRVTSENGESTKLLSEV
ASKWSQCKS
;
_entity_poly.pdbx_strand_id   A,B,C
#
loop_
_chem_comp.id
_chem_comp.type
_chem_comp.name
_chem_comp.formula
STL non-polymer RESVERATROL 'C14 H12 O3'
U2F non-polymer URIDINE-5'-DIPHOSPHATE-2-DEOXY-2-FLUORO-ALPHA-D-GLUCOSE 'C15 H23 F N2 O16 P2'
#
# COMPACT_ATOMS: atom_id res chain seq x y z
N ALA A 25 18.20 -28.21 -3.96
CA ALA A 25 18.09 -27.75 -5.40
C ALA A 25 18.45 -26.27 -5.54
N PRO A 26 19.44 -25.92 -6.37
CA PRO A 26 19.81 -24.52 -6.57
C PRO A 26 18.60 -23.65 -6.92
N LEU A 27 18.59 -22.41 -6.44
CA LEU A 27 17.52 -21.42 -6.71
C LEU A 27 17.98 -20.48 -7.82
N ILE A 28 17.08 -20.25 -8.78
CA ILE A 28 17.21 -19.14 -9.77
C ILE A 28 16.17 -18.09 -9.39
N VAL A 29 16.60 -16.84 -9.29
CA VAL A 29 15.67 -15.71 -8.98
C VAL A 29 15.39 -15.00 -10.30
N ILE A 30 14.12 -14.76 -10.59
CA ILE A 30 13.68 -14.06 -11.82
C ILE A 30 12.92 -12.80 -11.40
N VAL A 31 13.33 -11.65 -11.91
CA VAL A 31 12.66 -10.36 -11.62
C VAL A 31 12.07 -9.81 -12.91
N PRO A 32 10.77 -10.09 -13.17
CA PRO A 32 10.06 -9.52 -14.31
C PRO A 32 9.67 -8.07 -14.05
N SER A 33 9.85 -7.23 -15.08
CA SER A 33 9.24 -5.88 -15.16
C SER A 33 7.73 -6.03 -14.99
N PRO A 34 7.02 -5.04 -14.40
CA PRO A 34 5.58 -5.16 -14.23
C PRO A 34 4.85 -5.11 -15.58
N GLY A 35 3.78 -5.89 -15.75
CA GLY A 35 3.06 -5.97 -17.04
C GLY A 35 3.13 -7.36 -17.61
N MET A 36 2.06 -7.78 -18.30
CA MET A 36 1.79 -9.21 -18.58
C MET A 36 2.69 -9.69 -19.71
N GLY A 37 3.09 -8.78 -20.61
CA GLY A 37 3.94 -9.10 -21.77
C GLY A 37 5.41 -9.18 -21.40
N HIS A 38 5.70 -8.78 -20.16
CA HIS A 38 7.01 -8.98 -19.48
C HIS A 38 6.94 -10.26 -18.66
N LEU A 39 5.81 -10.50 -17.96
CA LEU A 39 5.70 -11.64 -17.01
C LEU A 39 5.59 -12.98 -17.75
N ILE A 40 4.76 -13.08 -18.78
CA ILE A 40 4.39 -14.38 -19.41
C ILE A 40 5.65 -15.01 -20.02
N PRO A 41 6.45 -14.30 -20.83
CA PRO A 41 7.67 -14.90 -21.37
C PRO A 41 8.63 -15.38 -20.27
N LEU A 42 8.78 -14.61 -19.18
CA LEU A 42 9.71 -14.99 -18.08
C LEU A 42 9.13 -16.17 -17.30
N VAL A 43 7.81 -16.23 -17.15
CA VAL A 43 7.15 -17.43 -16.57
C VAL A 43 7.43 -18.63 -17.49
N GLU A 44 7.39 -18.44 -18.81
CA GLU A 44 7.65 -19.56 -19.77
C GLU A 44 9.09 -20.05 -19.61
N PHE A 45 10.07 -19.15 -19.53
CA PHE A 45 11.49 -19.49 -19.31
C PHE A 45 11.60 -20.28 -18.01
N ALA A 46 10.88 -19.82 -16.96
CA ALA A 46 10.82 -20.49 -15.65
C ALA A 46 10.34 -21.93 -15.82
N LYS A 47 9.24 -22.17 -16.55
CA LYS A 47 8.68 -23.55 -16.74
C LYS A 47 9.70 -24.45 -17.45
N VAL A 48 10.46 -23.86 -18.38
CA VAL A 48 11.53 -24.56 -19.14
C VAL A 48 12.66 -24.95 -18.19
N LEU A 49 13.16 -24.00 -17.42
CA LEU A 49 14.29 -24.21 -16.47
C LEU A 49 13.96 -25.36 -15.50
N VAL A 50 12.75 -25.41 -14.94
CA VAL A 50 12.34 -26.38 -13.87
C VAL A 50 11.94 -27.74 -14.46
N SER A 51 11.44 -27.80 -15.70
CA SER A 51 11.15 -29.08 -16.42
C SER A 51 12.44 -29.77 -16.84
N ARG A 52 13.38 -29.07 -17.48
CA ARG A 52 14.57 -29.67 -18.14
C ARG A 52 15.74 -29.86 -17.14
N PHE A 53 15.74 -29.19 -16.00
CA PHE A 53 16.88 -29.20 -15.05
C PHE A 53 16.38 -29.23 -13.61
N HIS A 54 17.32 -29.50 -12.70
CA HIS A 54 17.14 -29.60 -11.23
C HIS A 54 17.36 -28.19 -10.62
N PHE A 55 16.38 -27.30 -10.82
CA PHE A 55 16.35 -25.93 -10.27
C PHE A 55 14.96 -25.66 -9.70
N SER A 56 14.92 -24.77 -8.69
CA SER A 56 13.70 -24.09 -8.23
C SER A 56 13.82 -22.64 -8.69
N VAL A 57 12.69 -21.95 -8.77
CA VAL A 57 12.61 -20.56 -9.24
C VAL A 57 11.78 -19.79 -8.21
N SER A 58 12.24 -18.58 -7.90
CA SER A 58 11.50 -17.58 -7.10
C SER A 58 11.35 -16.35 -7.97
N LEU A 59 10.12 -16.03 -8.31
CA LEU A 59 9.78 -14.79 -9.04
C LEU A 59 9.59 -13.68 -8.01
N LEU A 60 10.37 -12.62 -8.10
CA LEU A 60 10.15 -11.37 -7.34
C LEU A 60 9.52 -10.35 -8.27
N LEU A 61 8.29 -9.94 -7.98
CA LEU A 61 7.52 -9.06 -8.89
C LEU A 61 7.36 -7.68 -8.28
N PRO A 62 8.10 -6.67 -8.78
CA PRO A 62 7.82 -5.28 -8.45
C PRO A 62 6.43 -4.95 -9.00
N THR A 63 5.67 -4.12 -8.29
CA THR A 63 4.26 -3.79 -8.64
C THR A 63 3.95 -2.31 -8.36
N THR A 64 3.16 -1.70 -9.26
CA THR A 64 2.58 -0.33 -9.13
C THR A 64 1.25 -0.44 -8.39
N ALA A 65 0.68 -1.65 -8.27
CA ALA A 65 -0.66 -1.93 -7.70
C ALA A 65 -0.75 -3.36 -7.14
N GLN A 66 -1.78 -3.61 -6.33
CA GLN A 66 -2.09 -4.94 -5.74
C GLN A 66 -2.21 -5.95 -6.88
N PRO A 67 -1.89 -7.24 -6.68
CA PRO A 67 -2.09 -8.27 -7.69
C PRO A 67 -3.41 -8.19 -8.49
N THR A 68 -3.37 -8.38 -9.81
CA THR A 68 -4.52 -8.65 -10.73
C THR A 68 -5.04 -10.07 -10.47
N LYS A 69 -6.29 -10.34 -10.88
CA LYS A 69 -6.90 -11.68 -11.00
C LYS A 69 -6.12 -12.49 -12.04
N ALA A 70 -5.71 -11.84 -13.14
CA ALA A 70 -4.87 -12.38 -14.24
C ALA A 70 -3.49 -12.83 -13.73
N GLN A 71 -2.81 -12.01 -12.92
CA GLN A 71 -1.48 -12.34 -12.34
C GLN A 71 -1.63 -13.57 -11.43
N THR A 72 -2.59 -13.54 -10.50
CA THR A 72 -2.82 -14.61 -9.49
C THR A 72 -3.20 -15.93 -10.20
N THR A 73 -4.05 -15.90 -11.23
CA THR A 73 -4.42 -17.11 -12.04
C THR A 73 -3.15 -17.74 -12.61
N LEU A 74 -2.35 -16.95 -13.33
CA LEU A 74 -1.11 -17.40 -14.01
C LEU A 74 -0.14 -17.95 -12.96
N LEU A 75 0.08 -17.22 -11.88
CA LEU A 75 1.12 -17.53 -10.88
C LEU A 75 0.73 -18.76 -10.07
N ASN A 76 -0.56 -18.96 -9.76
CA ASN A 76 -1.00 -20.07 -8.87
C ASN A 76 -1.16 -21.35 -9.69
N SER A 77 -1.07 -21.25 -11.02
CA SER A 77 -1.13 -22.38 -11.99
C SER A 77 0.26 -22.99 -12.27
N LEU A 78 1.34 -22.46 -11.68
CA LEU A 78 2.73 -22.90 -11.99
C LEU A 78 3.04 -24.14 -11.17
N PRO A 79 4.07 -24.93 -11.56
CA PRO A 79 4.49 -26.08 -10.76
C PRO A 79 5.00 -25.57 -9.39
N SER A 80 5.09 -26.47 -8.41
CA SER A 80 5.45 -26.12 -7.03
C SER A 80 6.89 -25.61 -6.97
N SER A 81 7.76 -26.06 -7.90
CA SER A 81 9.20 -25.66 -8.01
C SER A 81 9.34 -24.16 -8.32
N VAL A 82 8.27 -23.47 -8.71
CA VAL A 82 8.26 -22.02 -9.00
C VAL A 82 7.39 -21.31 -7.95
N SER A 83 8.03 -20.70 -6.95
CA SER A 83 7.39 -19.80 -5.96
C SER A 83 7.34 -18.40 -6.55
N HIS A 84 6.52 -17.52 -5.98
CA HIS A 84 6.41 -16.11 -6.41
C HIS A 84 6.19 -15.22 -5.19
N ASN A 85 6.53 -13.95 -5.31
CA ASN A 85 6.36 -12.94 -4.25
C ASN A 85 6.18 -11.58 -4.90
N PHE A 86 5.02 -10.96 -4.70
CA PHE A 86 4.79 -9.54 -4.99
C PHE A 86 5.56 -8.76 -3.95
N LEU A 87 6.32 -7.77 -4.40
CA LEU A 87 7.16 -6.96 -3.50
C LEU A 87 6.27 -5.86 -2.97
N PRO A 88 6.56 -5.30 -1.78
CA PRO A 88 5.89 -4.09 -1.32
C PRO A 88 5.59 -3.14 -2.48
N THR A 89 4.35 -2.68 -2.59
CA THR A 89 3.87 -1.67 -3.56
C THR A 89 4.77 -0.45 -3.53
N VAL A 90 5.19 0.06 -4.68
CA VAL A 90 5.70 1.45 -4.84
C VAL A 90 4.48 2.36 -4.88
N ASP A 91 4.43 3.45 -4.10
CA ASP A 91 3.22 4.32 -3.99
C ASP A 91 3.01 5.02 -5.33
N PRO A 92 1.91 4.78 -6.10
CA PRO A 92 1.77 5.41 -7.42
C PRO A 92 1.59 6.94 -7.37
N ALA A 93 1.37 7.49 -6.17
CA ALA A 93 1.32 8.95 -5.91
C ALA A 93 2.73 9.54 -6.01
N HIS A 94 3.78 8.75 -5.73
CA HIS A 94 5.21 9.19 -5.70
C HIS A 94 5.90 8.74 -7.02
N LEU A 95 5.14 8.66 -8.11
CA LEU A 95 5.60 8.47 -9.52
C LEU A 95 4.87 9.52 -10.36
N PRO A 96 5.47 10.69 -10.67
CA PRO A 96 4.72 11.81 -11.25
C PRO A 96 4.18 11.57 -12.67
N VAL A 99 3.62 8.85 -17.72
CA VAL A 99 4.23 9.11 -19.07
C VAL A 99 4.29 7.77 -19.83
N ALA A 100 5.24 7.56 -20.75
CA ALA A 100 5.40 6.30 -21.52
C ALA A 100 5.66 5.13 -20.55
N HIS A 101 5.24 3.92 -20.94
CA HIS A 101 5.30 2.74 -20.02
C HIS A 101 6.77 2.43 -19.69
N GLU A 102 7.68 2.57 -20.65
CA GLU A 102 9.16 2.41 -20.45
C GLU A 102 9.61 3.21 -19.21
N VAL A 103 9.17 4.45 -19.06
CA VAL A 103 9.59 5.32 -17.91
C VAL A 103 9.00 4.80 -16.60
N THR A 104 7.71 4.47 -16.60
CA THR A 104 6.97 3.93 -15.43
C THR A 104 7.62 2.59 -14.99
N ILE A 105 7.88 1.65 -15.92
CA ILE A 105 8.59 0.37 -15.64
C ILE A 105 9.91 0.68 -14.92
N SER A 106 10.72 1.56 -15.50
CA SER A 106 12.09 1.92 -15.05
C SER A 106 12.00 2.47 -13.62
N LEU A 107 11.06 3.35 -13.33
CA LEU A 107 10.93 4.00 -12.00
C LEU A 107 10.39 2.98 -10.98
N THR A 108 9.57 2.04 -11.41
CA THR A 108 9.08 0.93 -10.55
C THR A 108 10.27 0.09 -10.09
N HIS A 109 11.17 -0.27 -11.02
CA HIS A 109 12.40 -1.06 -10.75
C HIS A 109 13.30 -0.31 -9.75
N ALA A 110 13.50 0.98 -10.00
CA ALA A 110 14.32 1.90 -9.17
C ALA A 110 13.76 1.97 -7.74
N HIS A 111 12.45 2.19 -7.60
CA HIS A 111 11.80 2.37 -6.28
C HIS A 111 11.62 1.00 -5.60
N SER A 112 11.95 -0.10 -6.27
CA SER A 112 11.86 -1.48 -5.72
C SER A 112 13.25 -2.06 -5.47
N LEU A 113 14.30 -1.30 -5.76
CA LEU A 113 15.71 -1.75 -5.65
C LEU A 113 15.93 -2.23 -4.21
N SER A 114 15.55 -1.40 -3.23
CA SER A 114 15.72 -1.69 -1.78
C SER A 114 14.99 -2.99 -1.42
N SER A 115 13.74 -3.11 -1.84
CA SER A 115 12.92 -4.31 -1.54
C SER A 115 13.61 -5.53 -2.16
N ILE A 116 14.11 -5.45 -3.40
CA ILE A 116 14.78 -6.62 -4.04
C ILE A 116 16.09 -6.96 -3.32
N ARG A 117 16.95 -5.98 -3.05
CA ARG A 117 18.21 -6.19 -2.29
C ARG A 117 17.90 -6.97 -1.00
N ALA A 118 16.90 -6.51 -0.24
CA ALA A 118 16.44 -7.14 1.02
C ALA A 118 15.96 -8.59 0.79
N ALA A 119 15.05 -8.78 -0.16
CA ALA A 119 14.54 -10.12 -0.56
C ALA A 119 15.71 -11.01 -1.01
N LEU A 120 16.57 -10.47 -1.85
CA LEU A 120 17.71 -11.22 -2.42
C LEU A 120 18.67 -11.62 -1.30
N GLY A 121 18.96 -10.70 -0.37
CA GLY A 121 19.83 -10.99 0.79
C GLY A 121 19.33 -12.19 1.59
N SER A 122 18.03 -12.22 1.83
CA SER A 122 17.41 -13.27 2.67
C SER A 122 17.41 -14.61 1.92
N LEU A 123 17.06 -14.63 0.63
CA LEU A 123 17.11 -15.87 -0.19
C LEU A 123 18.54 -16.43 -0.20
N ALA A 124 19.54 -15.57 -0.40
CA ALA A 124 20.97 -15.95 -0.53
C ALA A 124 21.46 -16.69 0.72
N GLN A 125 20.96 -16.35 1.92
CA GLN A 125 21.42 -17.02 3.15
C GLN A 125 20.64 -18.33 3.35
N GLN A 126 19.36 -18.39 3.00
CA GLN A 126 18.52 -19.62 3.21
C GLN A 126 18.64 -20.62 2.05
N ALA A 127 19.36 -20.33 0.95
CA ALA A 127 19.40 -21.16 -0.29
C ALA A 127 20.61 -20.87 -1.16
N GLN A 128 20.94 -21.75 -2.09
CA GLN A 128 22.06 -21.47 -3.05
C GLN A 128 21.42 -20.77 -4.26
N VAL A 129 21.55 -19.45 -4.29
CA VAL A 129 21.10 -18.61 -5.43
C VAL A 129 22.23 -18.64 -6.45
N VAL A 130 21.99 -19.29 -7.58
CA VAL A 130 23.04 -19.55 -8.60
C VAL A 130 22.92 -18.56 -9.77
N ALA A 131 21.77 -17.87 -9.91
CA ALA A 131 21.57 -16.87 -10.99
C ALA A 131 20.39 -15.94 -10.70
N LEU A 132 20.50 -14.71 -11.20
CA LEU A 132 19.39 -13.74 -11.30
C LEU A 132 19.09 -13.57 -12.79
N ILE A 133 17.82 -13.65 -13.18
CA ILE A 133 17.39 -13.38 -14.58
C ILE A 133 16.41 -12.23 -14.57
N THR A 134 16.62 -11.24 -15.42
CA THR A 134 15.70 -10.10 -15.58
C THR A 134 15.38 -9.93 -17.06
N ASP A 135 14.49 -9.00 -17.38
CA ASP A 135 14.22 -8.55 -18.76
C ASP A 135 14.93 -7.21 -18.97
N LEU A 136 14.75 -6.62 -20.14
CA LEU A 136 15.60 -5.55 -20.70
C LEU A 136 15.46 -4.26 -19.89
N PHE A 137 14.59 -4.21 -18.89
CA PHE A 137 14.40 -3.00 -18.03
C PHE A 137 14.82 -3.24 -16.57
N GLY A 138 15.40 -4.40 -16.27
CA GLY A 138 15.85 -4.77 -14.91
C GLY A 138 17.34 -4.61 -14.72
N THR A 139 18.03 -3.88 -15.60
CA THR A 139 19.51 -3.78 -15.66
C THR A 139 20.06 -3.01 -14.45
N GLY A 140 19.22 -2.28 -13.70
CA GLY A 140 19.61 -1.68 -12.42
C GLY A 140 20.04 -2.70 -11.38
N LEU A 141 19.75 -3.99 -11.60
CA LEU A 141 19.99 -5.08 -10.60
C LEU A 141 21.34 -5.73 -10.84
N TYR A 142 21.97 -5.49 -11.98
CA TYR A 142 23.16 -6.29 -12.39
C TYR A 142 24.31 -6.10 -11.39
N THR A 143 24.70 -4.86 -11.08
CA THR A 143 25.81 -4.59 -10.13
C THR A 143 25.38 -5.09 -8.75
N VAL A 144 24.12 -4.91 -8.35
CA VAL A 144 23.59 -5.44 -7.05
C VAL A 144 23.81 -6.96 -6.97
N ALA A 145 23.50 -7.70 -8.03
CA ALA A 145 23.64 -9.16 -8.05
C ALA A 145 25.13 -9.55 -7.99
N ARG A 146 26.00 -8.82 -8.69
CA ARG A 146 27.48 -9.08 -8.76
C ARG A 146 28.09 -8.95 -7.36
N ASP A 147 27.86 -7.81 -6.68
CA ASP A 147 28.23 -7.54 -5.26
C ASP A 147 27.92 -8.76 -4.38
N LEU A 148 26.78 -9.44 -4.59
CA LEU A 148 26.28 -10.54 -3.71
C LEU A 148 26.77 -11.89 -4.22
N GLY A 149 27.60 -11.93 -5.26
CA GLY A 149 28.13 -13.16 -5.86
C GLY A 149 27.09 -13.93 -6.67
N ILE A 150 26.06 -13.24 -7.16
CA ILE A 150 25.03 -13.85 -8.06
C ILE A 150 25.25 -13.32 -9.46
N PRO A 151 25.48 -14.19 -10.46
CA PRO A 151 25.62 -13.75 -11.86
C PRO A 151 24.27 -13.33 -12.46
N PRO A 152 24.15 -12.09 -12.97
CA PRO A 152 22.91 -11.62 -13.58
C PRO A 152 22.86 -11.87 -15.09
N TYR A 153 21.73 -12.39 -15.59
CA TYR A 153 21.45 -12.64 -17.03
C TYR A 153 20.25 -11.81 -17.47
N LEU A 154 20.30 -11.35 -18.72
CA LEU A 154 19.17 -10.70 -19.45
C LEU A 154 18.49 -11.76 -20.29
N TYR A 155 17.18 -11.94 -20.12
CA TYR A 155 16.32 -12.76 -21.02
C TYR A 155 15.61 -11.75 -21.93
N PHE A 156 16.14 -11.63 -23.15
CA PHE A 156 15.64 -10.71 -24.20
C PHE A 156 14.50 -11.40 -24.95
N THR A 157 13.30 -10.82 -24.85
CA THR A 157 12.04 -11.48 -25.28
C THR A 157 11.69 -11.15 -26.72
N SER A 158 12.51 -10.36 -27.41
CA SER A 158 12.33 -9.98 -28.83
C SER A 158 13.47 -10.56 -29.69
N THR A 159 13.68 -10.02 -30.87
CA THR A 159 14.60 -10.59 -31.90
C THR A 159 16.05 -10.23 -31.61
N ALA A 160 16.96 -11.05 -32.14
CA ALA A 160 18.40 -10.78 -32.22
C ALA A 160 18.62 -9.46 -32.97
N MET A 161 17.81 -9.21 -33.98
CA MET A 161 17.92 -7.96 -34.77
C MET A 161 17.63 -6.79 -33.82
N CYS A 162 16.59 -6.92 -33.00
CA CYS A 162 16.18 -5.87 -32.06
C CYS A 162 17.31 -5.69 -31.02
N LEU A 163 17.91 -6.79 -30.53
CA LEU A 163 19.04 -6.71 -29.58
C LEU A 163 20.21 -5.94 -30.22
N LEU A 164 20.55 -6.28 -31.46
CA LEU A 164 21.61 -5.62 -32.24
C LEU A 164 21.28 -4.14 -32.40
N PHE A 165 20.03 -3.82 -32.77
CA PHE A 165 19.60 -2.42 -32.93
C PHE A 165 19.97 -1.68 -31.64
N LEU A 166 19.65 -2.26 -30.49
CA LEU A 166 19.77 -1.60 -29.17
C LEU A 166 21.24 -1.44 -28.79
N PHE A 167 22.08 -2.46 -28.94
CA PHE A 167 23.54 -2.30 -28.71
C PHE A 167 24.12 -1.19 -29.62
N HIS A 168 23.53 -0.93 -30.80
CA HIS A 168 24.07 0.01 -31.79
C HIS A 168 23.54 1.42 -31.53
N LEU A 169 22.50 1.55 -30.71
CA LEU A 169 21.72 2.81 -30.55
C LEU A 169 22.60 3.95 -30.02
N PRO A 170 23.53 3.74 -29.05
CA PRO A 170 24.35 4.84 -28.54
C PRO A 170 25.26 5.46 -29.63
N LYS A 171 25.93 4.63 -30.42
CA LYS A 171 26.73 5.03 -31.62
C LYS A 171 25.81 5.75 -32.64
N LEU A 172 24.61 5.23 -32.89
CA LEU A 172 23.61 5.86 -33.80
C LEU A 172 23.22 7.24 -33.25
N ASP A 173 23.07 7.34 -31.94
CA ASP A 173 22.60 8.57 -31.27
C ASP A 173 23.61 9.71 -31.48
N GLU A 174 24.90 9.40 -31.50
CA GLU A 174 26.00 10.37 -31.73
C GLU A 174 26.08 10.71 -33.23
N THR A 175 26.09 9.69 -34.10
CA THR A 175 26.25 9.82 -35.58
C THR A 175 25.13 10.69 -36.18
N VAL A 176 23.88 10.47 -35.77
CA VAL A 176 22.68 11.06 -36.43
C VAL A 176 21.98 12.00 -35.45
N SER A 177 21.74 13.26 -35.84
CA SER A 177 21.24 14.34 -34.97
C SER A 177 19.77 14.67 -35.27
N CYS A 178 19.27 14.30 -36.45
CA CYS A 178 17.85 14.51 -36.81
C CYS A 178 17.02 13.41 -36.13
N GLU A 179 15.72 13.67 -35.96
CA GLU A 179 14.72 12.62 -35.61
C GLU A 179 14.86 11.48 -36.64
N TYR A 180 14.86 10.23 -36.21
CA TYR A 180 15.25 9.08 -37.08
C TYR A 180 14.32 8.95 -38.31
N ARG A 181 13.05 9.32 -38.21
CA ARG A 181 12.12 9.25 -39.37
C ARG A 181 12.59 10.22 -40.49
N ASP A 182 13.40 11.23 -40.17
CA ASP A 182 13.85 12.26 -41.13
C ASP A 182 15.15 11.85 -41.82
N MET A 183 15.69 10.69 -41.46
CA MET A 183 16.89 10.13 -42.10
C MET A 183 16.41 9.44 -43.36
N PRO A 184 16.58 10.03 -44.56
CA PRO A 184 16.05 9.40 -45.79
C PRO A 184 16.70 8.05 -46.12
N GLU A 185 17.85 7.75 -45.52
CA GLU A 185 18.62 6.51 -45.79
C GLU A 185 18.35 5.52 -44.67
N PRO A 186 18.33 4.21 -45.00
CA PRO A 186 18.10 3.18 -44.00
C PRO A 186 19.34 2.88 -43.16
N LEU A 187 19.12 2.35 -41.94
CA LEU A 187 20.16 1.73 -41.09
C LEU A 187 20.40 0.31 -41.63
N VAL A 188 21.65 -0.04 -41.94
CA VAL A 188 22.03 -1.40 -42.40
C VAL A 188 22.98 -2.00 -41.37
N LEU A 189 22.41 -2.63 -40.34
CA LEU A 189 23.17 -3.39 -39.32
C LEU A 189 23.81 -4.56 -40.05
N PRO A 190 25.07 -4.90 -39.74
CA PRO A 190 25.70 -6.09 -40.32
C PRO A 190 24.82 -7.34 -40.16
N GLY A 191 24.46 -7.97 -41.28
CA GLY A 191 23.79 -9.29 -41.33
C GLY A 191 22.28 -9.16 -41.33
N CYS A 192 21.74 -7.96 -41.48
CA CYS A 192 20.30 -7.62 -41.24
C CYS A 192 19.70 -6.89 -42.44
N VAL A 193 18.38 -6.97 -42.57
CA VAL A 193 17.65 -6.20 -43.62
C VAL A 193 17.79 -4.72 -43.29
N PRO A 194 17.90 -3.88 -44.34
CA PRO A 194 17.83 -2.44 -44.13
C PRO A 194 16.57 -2.05 -43.35
N LEU A 195 16.65 -0.96 -42.61
CA LEU A 195 15.61 -0.55 -41.67
C LEU A 195 15.48 0.99 -41.68
N HIS A 196 14.42 1.51 -42.27
CA HIS A 196 14.15 2.97 -42.26
C HIS A 196 13.87 3.39 -40.82
N GLY A 197 14.20 4.62 -40.50
CA GLY A 197 14.00 5.21 -39.18
C GLY A 197 12.55 5.18 -38.75
N LYS A 198 11.60 5.29 -39.67
CA LYS A 198 10.15 5.30 -39.31
C LYS A 198 9.80 3.96 -38.64
N ASP A 199 10.61 2.92 -38.88
CA ASP A 199 10.38 1.52 -38.40
C ASP A 199 11.23 1.18 -37.15
N PHE A 200 12.03 2.11 -36.63
CA PHE A 200 12.77 1.92 -35.36
C PHE A 200 11.72 1.76 -34.26
N VAL A 201 12.09 1.07 -33.18
CA VAL A 201 11.26 0.88 -31.96
C VAL A 201 10.59 2.20 -31.53
N ASP A 202 9.44 2.09 -30.86
CA ASP A 202 8.57 3.23 -30.45
C ASP A 202 9.35 4.28 -29.66
N PRO A 203 10.08 3.93 -28.58
CA PRO A 203 10.74 4.95 -27.75
C PRO A 203 11.84 5.77 -28.47
N ALA A 204 12.30 5.35 -29.65
CA ALA A 204 13.31 6.04 -30.48
C ALA A 204 12.66 7.03 -31.44
N GLN A 205 11.34 7.18 -31.44
CA GLN A 205 10.59 8.00 -32.42
C GLN A 205 10.37 9.43 -31.90
N ASP A 206 10.60 9.70 -30.61
CA ASP A 206 10.74 11.07 -30.05
C ASP A 206 11.99 11.14 -29.16
N ARG A 207 13.09 11.72 -29.67
CA ARG A 207 14.40 11.79 -28.94
C ARG A 207 14.36 12.84 -27.82
N GLN A 208 13.25 13.56 -27.65
CA GLN A 208 13.06 14.59 -26.60
C GLN A 208 12.29 13.98 -25.42
N ASP A 209 11.49 12.93 -25.64
CA ASP A 209 10.75 12.22 -24.56
C ASP A 209 11.73 11.47 -23.66
N GLN A 210 11.37 11.28 -22.39
CA GLN A 210 12.22 10.63 -21.37
C GLN A 210 12.39 9.15 -21.75
N ALA A 211 11.42 8.57 -22.47
CA ALA A 211 11.44 7.13 -22.85
C ALA A 211 12.73 6.85 -23.63
N TYR A 212 13.16 7.77 -24.48
CA TYR A 212 14.40 7.63 -25.28
C TYR A 212 15.62 7.58 -24.36
N HIS A 213 15.68 8.49 -23.38
CA HIS A 213 16.81 8.63 -22.42
C HIS A 213 16.88 7.39 -21.52
N VAL A 214 15.72 6.89 -21.07
CA VAL A 214 15.69 5.67 -20.21
C VAL A 214 16.16 4.48 -21.06
N LEU A 215 15.66 4.35 -22.28
CA LEU A 215 16.10 3.23 -23.16
C LEU A 215 17.63 3.26 -23.31
N LEU A 216 18.22 4.41 -23.60
CA LEU A 216 19.70 4.52 -23.71
C LEU A 216 20.38 4.10 -22.40
N ASP A 217 19.86 4.52 -21.23
CA ASP A 217 20.50 4.19 -19.92
C ASP A 217 20.56 2.68 -19.73
N HIS A 218 19.47 1.97 -20.04
CA HIS A 218 19.35 0.50 -19.85
C HIS A 218 20.28 -0.19 -20.85
N VAL A 219 20.25 0.23 -22.10
CA VAL A 219 21.09 -0.36 -23.17
C VAL A 219 22.57 -0.28 -22.78
N LYS A 220 23.00 0.86 -22.24
CA LYS A 220 24.38 1.11 -21.77
C LYS A 220 24.79 0.10 -20.69
N ARG A 221 23.84 -0.51 -19.96
CA ARG A 221 24.13 -1.48 -18.87
C ARG A 221 23.98 -2.94 -19.35
N TYR A 222 23.48 -3.22 -20.58
CA TYR A 222 23.39 -4.62 -21.09
C TYR A 222 24.77 -5.27 -20.93
N VAL A 223 25.82 -4.46 -21.09
CA VAL A 223 27.24 -4.89 -20.99
C VAL A 223 27.53 -5.52 -19.60
N LEU A 224 26.75 -5.20 -18.57
CA LEU A 224 26.98 -5.70 -17.18
C LEU A 224 26.45 -7.13 -16.99
N ALA A 225 25.76 -7.71 -17.96
CA ALA A 225 25.18 -9.07 -17.82
C ALA A 225 26.27 -10.12 -17.98
N GLU A 226 26.21 -11.20 -17.20
CA GLU A 226 27.06 -12.40 -17.37
C GLU A 226 26.81 -12.96 -18.78
N GLY A 227 25.58 -12.81 -19.26
CA GLY A 227 25.09 -13.45 -20.49
C GLY A 227 23.72 -12.93 -20.88
N ILE A 228 23.36 -13.06 -22.16
CA ILE A 228 22.05 -12.63 -22.70
C ILE A 228 21.44 -13.80 -23.47
N PHE A 229 20.35 -14.36 -22.94
CA PHE A 229 19.46 -15.30 -23.64
C PHE A 229 18.60 -14.49 -24.60
N VAL A 230 18.37 -15.03 -25.78
CA VAL A 230 17.48 -14.44 -26.81
C VAL A 230 16.50 -15.51 -27.25
N ASN A 231 15.21 -15.19 -27.26
CA ASN A 231 14.17 -16.16 -27.69
C ASN A 231 14.14 -16.22 -29.22
N THR A 232 15.14 -16.83 -29.83
CA THR A 232 15.30 -16.94 -31.29
C THR A 232 16.19 -18.14 -31.57
N PHE A 233 16.54 -18.40 -32.83
CA PHE A 233 17.45 -19.54 -33.16
C PHE A 233 18.29 -19.20 -34.40
N VAL A 234 19.39 -19.89 -34.56
CA VAL A 234 20.46 -19.55 -35.55
C VAL A 234 19.82 -19.46 -36.94
N ASP A 235 18.98 -20.44 -37.30
CA ASP A 235 18.39 -20.57 -38.66
C ASP A 235 17.48 -19.37 -38.93
N LEU A 236 16.90 -18.75 -37.90
CA LEU A 236 15.90 -17.65 -38.05
C LEU A 236 16.60 -16.31 -38.25
N GLU A 237 17.78 -16.11 -37.68
CA GLU A 237 18.45 -14.77 -37.69
C GLU A 237 19.97 -14.95 -37.73
N PRO A 238 20.53 -15.55 -38.80
CA PRO A 238 21.92 -16.02 -38.74
C PRO A 238 22.90 -14.84 -38.70
N GLY A 239 22.51 -13.75 -39.34
CA GLY A 239 23.29 -12.52 -39.51
C GLY A 239 23.38 -11.75 -38.22
N ALA A 240 22.23 -11.44 -37.63
CA ALA A 240 22.19 -10.64 -36.40
C ALA A 240 22.90 -11.43 -35.28
N ILE A 241 22.72 -12.75 -35.23
CA ILE A 241 23.37 -13.63 -34.22
C ILE A 241 24.89 -13.67 -34.48
N LYS A 242 25.31 -13.92 -35.72
CA LYS A 242 26.75 -13.89 -36.10
C LYS A 242 27.34 -12.56 -35.64
N THR A 243 26.76 -11.45 -36.05
CA THR A 243 27.21 -10.08 -35.68
C THR A 243 27.25 -9.90 -34.15
N LEU A 244 26.20 -10.32 -33.42
CA LEU A 244 26.13 -10.08 -31.95
C LEU A 244 27.29 -10.82 -31.27
N GLN A 245 27.57 -12.02 -31.76
CA GLN A 245 28.54 -12.99 -31.19
C GLN A 245 29.99 -12.75 -31.67
N THR A 246 30.26 -11.85 -32.63
CA THR A 246 31.66 -11.64 -33.12
C THR A 246 32.06 -10.15 -33.14
N GLU A 247 31.15 -9.22 -33.45
CA GLU A 247 31.43 -7.78 -33.74
C GLU A 247 32.17 -7.08 -32.58
N ASP A 248 31.94 -7.45 -31.31
CA ASP A 248 32.43 -6.67 -30.13
C ASP A 248 32.78 -7.59 -28.96
N PRO A 249 33.95 -7.43 -28.31
CA PRO A 249 34.19 -8.00 -26.98
C PRO A 249 33.36 -7.31 -25.88
N ASN A 250 33.02 -6.04 -26.07
CA ASN A 250 32.17 -5.19 -25.19
C ASN A 250 30.82 -5.89 -24.90
N VAL A 251 30.20 -6.51 -25.91
CA VAL A 251 28.93 -7.30 -25.79
C VAL A 251 29.18 -8.60 -25.01
N PRO A 252 28.34 -8.96 -24.02
CA PRO A 252 28.46 -10.22 -23.30
C PRO A 252 28.13 -11.42 -24.17
N PRO A 253 28.36 -12.67 -23.71
CA PRO A 253 27.89 -13.86 -24.41
C PRO A 253 26.40 -13.71 -24.74
N VAL A 254 25.97 -14.25 -25.88
CA VAL A 254 24.57 -14.19 -26.38
C VAL A 254 24.16 -15.62 -26.75
N TYR A 255 23.08 -16.10 -26.15
CA TYR A 255 22.64 -17.52 -26.19
C TYR A 255 21.26 -17.60 -26.85
N PRO A 256 21.17 -17.89 -28.17
CA PRO A 256 19.88 -18.22 -28.77
C PRO A 256 19.39 -19.56 -28.23
N VAL A 257 18.24 -19.57 -27.54
CA VAL A 257 17.70 -20.75 -26.81
C VAL A 257 16.21 -20.93 -27.13
N GLY A 258 15.73 -20.32 -28.22
CA GLY A 258 14.31 -20.35 -28.63
C GLY A 258 14.08 -21.36 -29.76
N PRO A 259 12.83 -21.50 -30.26
CA PRO A 259 11.65 -20.82 -29.71
C PRO A 259 11.19 -21.40 -28.37
N ILE A 260 10.91 -20.51 -27.42
CA ILE A 260 10.21 -20.88 -26.17
C ILE A 260 8.82 -20.22 -26.22
N ILE A 261 7.79 -21.05 -26.19
CA ILE A 261 6.38 -20.61 -26.40
C ILE A 261 5.49 -21.40 -25.44
N GLN A 262 4.34 -20.84 -25.07
CA GLN A 262 3.27 -21.51 -24.27
C GLN A 262 2.87 -22.80 -25.00
N SER A 263 2.60 -23.87 -24.25
CA SER A 263 2.24 -25.23 -24.75
C SER A 263 0.82 -25.18 -25.31
N GLY A 264 -0.01 -24.28 -24.73
CA GLY A 264 -1.45 -24.12 -25.02
C GLY A 264 -2.27 -25.35 -24.65
N LEU A 265 -2.20 -25.79 -23.40
CA LEU A 265 -2.99 -26.91 -22.85
C LEU A 265 -3.70 -26.37 -21.60
N ASP A 266 -4.69 -25.50 -21.85
CA ASP A 266 -5.42 -24.73 -20.82
C ASP A 266 -6.85 -24.40 -21.31
N ASP A 267 -7.72 -24.00 -20.36
CA ASP A 267 -9.19 -23.80 -20.49
C ASP A 267 -9.56 -23.18 -21.85
N ASP A 268 -10.57 -23.76 -22.52
CA ASP A 268 -11.10 -23.38 -23.85
C ASP A 268 -9.97 -23.51 -24.89
N SER A 272 -15.62 -22.36 -26.00
CA SER A 272 -14.85 -22.15 -27.26
C SER A 272 -15.25 -23.19 -28.33
N ASP A 273 -15.98 -22.69 -29.32
CA ASP A 273 -16.48 -23.43 -30.49
C ASP A 273 -15.39 -23.36 -31.58
N CYS A 274 -14.29 -22.67 -31.31
CA CYS A 274 -13.18 -22.42 -32.26
C CYS A 274 -12.81 -23.72 -32.92
N LEU A 275 -12.31 -24.70 -32.15
CA LEU A 275 -11.78 -25.98 -32.67
C LEU A 275 -12.87 -26.78 -33.37
N LYS A 276 -14.07 -26.83 -32.79
CA LYS A 276 -15.23 -27.50 -33.42
C LYS A 276 -15.45 -26.91 -34.84
N TRP A 277 -15.40 -25.58 -34.93
CA TRP A 277 -15.59 -24.82 -36.19
C TRP A 277 -14.42 -25.08 -37.15
N LEU A 278 -13.19 -25.04 -36.68
CA LEU A 278 -12.02 -25.24 -37.54
C LEU A 278 -12.10 -26.65 -38.15
N ASP A 279 -12.64 -27.62 -37.42
CA ASP A 279 -12.74 -29.03 -37.86
C ASP A 279 -13.59 -29.14 -39.14
N ARG A 280 -14.53 -28.23 -39.35
CA ARG A 280 -15.45 -28.29 -40.51
C ARG A 280 -14.84 -27.59 -41.73
N GLN A 281 -13.61 -27.11 -41.67
CA GLN A 281 -13.00 -26.33 -42.78
C GLN A 281 -11.92 -27.12 -43.51
N PRO A 282 -11.70 -26.83 -44.80
CA PRO A 282 -10.66 -27.47 -45.57
C PRO A 282 -9.27 -27.05 -45.13
N SER A 283 -8.31 -27.95 -45.36
CA SER A 283 -6.87 -27.78 -45.05
C SER A 283 -6.39 -26.42 -45.58
N GLY A 284 -5.71 -25.63 -44.73
CA GLY A 284 -5.03 -24.36 -45.05
C GLY A 284 -5.95 -23.27 -45.59
N SER A 285 -7.23 -23.28 -45.24
CA SER A 285 -8.27 -22.41 -45.85
C SER A 285 -8.65 -21.22 -44.94
N VAL A 286 -8.29 -21.25 -43.65
CA VAL A 286 -8.71 -20.24 -42.66
C VAL A 286 -7.59 -19.22 -42.40
N LEU A 287 -7.95 -17.94 -42.47
CA LEU A 287 -7.12 -16.81 -42.02
C LEU A 287 -7.49 -16.52 -40.57
N PHE A 288 -6.55 -16.77 -39.68
CA PHE A 288 -6.69 -16.38 -38.27
C PHE A 288 -6.35 -14.88 -38.21
N VAL A 289 -7.23 -14.09 -37.62
CA VAL A 289 -7.05 -12.62 -37.46
C VAL A 289 -7.05 -12.30 -35.97
N SER A 290 -5.91 -11.86 -35.44
CA SER A 290 -5.75 -11.51 -34.00
C SER A 290 -4.68 -10.43 -33.81
N PHE A 291 -5.12 -9.30 -33.30
CA PHE A 291 -4.32 -8.22 -32.69
C PHE A 291 -4.33 -8.63 -31.22
N GLY A 292 -3.31 -8.34 -30.43
CA GLY A 292 -3.25 -8.95 -29.07
C GLY A 292 -4.28 -8.34 -28.12
N SER A 293 -4.03 -8.46 -26.82
CA SER A 293 -4.70 -7.68 -25.74
C SER A 293 -4.48 -6.17 -25.94
N GLY A 294 -3.24 -5.75 -26.18
CA GLY A 294 -2.80 -4.33 -26.17
C GLY A 294 -3.01 -3.66 -27.50
N GLY A 295 -3.23 -4.44 -28.55
CA GLY A 295 -3.48 -3.94 -29.92
C GLY A 295 -4.91 -3.44 -30.07
N THR A 296 -5.08 -2.12 -30.14
CA THR A 296 -6.38 -1.40 -30.14
C THR A 296 -6.60 -0.76 -31.53
N LEU A 297 -7.76 -1.02 -32.15
CA LEU A 297 -8.15 -0.47 -33.48
C LEU A 297 -9.38 0.43 -33.34
N SER A 298 -9.47 1.51 -34.10
CA SER A 298 -10.69 2.37 -34.16
C SER A 298 -11.88 1.55 -34.69
N ASN A 299 -13.09 1.92 -34.31
CA ASN A 299 -14.33 1.38 -34.91
C ASN A 299 -14.28 1.53 -36.44
N GLU A 300 -13.76 2.62 -36.98
CA GLU A 300 -13.71 2.83 -38.45
C GLU A 300 -12.82 1.73 -39.04
N GLN A 301 -11.72 1.38 -38.36
CA GLN A 301 -10.70 0.44 -38.92
C GLN A 301 -11.19 -1.01 -38.81
N LEU A 302 -11.87 -1.36 -37.70
CA LEU A 302 -12.57 -2.65 -37.50
C LEU A 302 -13.57 -2.86 -38.64
N ASN A 303 -14.42 -1.88 -38.92
CA ASN A 303 -15.47 -1.96 -39.96
C ASN A 303 -14.83 -2.08 -41.37
N GLU A 304 -13.69 -1.49 -41.63
CA GLU A 304 -12.97 -1.67 -42.93
C GLU A 304 -12.39 -3.09 -42.97
N LEU A 305 -11.91 -3.59 -41.83
CA LEU A 305 -11.36 -4.97 -41.73
C LEU A 305 -12.47 -5.98 -42.02
N ALA A 306 -13.67 -5.75 -41.49
CA ALA A 306 -14.84 -6.62 -41.66
C ALA A 306 -15.20 -6.72 -43.15
N ILE A 307 -15.51 -5.59 -43.79
CA ILE A 307 -15.88 -5.52 -45.23
C ILE A 307 -14.73 -6.15 -46.04
N GLY A 308 -13.49 -5.90 -45.66
CA GLY A 308 -12.34 -6.46 -46.37
C GLY A 308 -12.31 -7.98 -46.28
N LEU A 309 -12.55 -8.55 -45.10
CA LEU A 309 -12.58 -10.03 -44.88
C LEU A 309 -13.71 -10.63 -45.73
N GLU A 310 -14.89 -10.03 -45.64
CA GLU A 310 -16.11 -10.44 -46.35
C GLU A 310 -15.86 -10.48 -47.86
N ILE A 311 -15.39 -9.40 -48.45
CA ILE A 311 -15.24 -9.31 -49.92
C ILE A 311 -13.99 -10.09 -50.38
N SER A 312 -13.13 -10.56 -49.48
CA SER A 312 -11.96 -11.41 -49.88
C SER A 312 -12.47 -12.76 -50.38
N GLY A 313 -13.65 -13.17 -49.94
CA GLY A 313 -14.22 -14.51 -50.20
C GLY A 313 -13.58 -15.64 -49.39
N HIS A 314 -12.52 -15.40 -48.62
CA HIS A 314 -11.84 -16.44 -47.81
C HIS A 314 -12.49 -16.60 -46.44
N ARG A 315 -12.26 -17.77 -45.88
CA ARG A 315 -12.74 -18.21 -44.56
C ARG A 315 -11.82 -17.64 -43.51
N PHE A 316 -12.36 -17.25 -42.37
CA PHE A 316 -11.55 -16.49 -41.36
C PHE A 316 -12.08 -16.82 -39.98
N LEU A 317 -11.18 -16.73 -39.00
CA LEU A 317 -11.51 -16.78 -37.56
C LEU A 317 -10.94 -15.49 -36.97
N TRP A 318 -11.81 -14.60 -36.56
CA TRP A 318 -11.44 -13.22 -36.17
C TRP A 318 -11.77 -13.03 -34.71
N VAL A 319 -10.75 -12.78 -33.89
CA VAL A 319 -10.89 -12.35 -32.49
C VAL A 319 -11.17 -10.85 -32.50
N VAL A 320 -12.45 -10.53 -32.33
CA VAL A 320 -13.04 -9.18 -32.39
C VAL A 320 -13.01 -8.54 -31.00
N ARG A 321 -12.13 -7.57 -30.85
CA ARG A 321 -12.07 -6.84 -29.57
C ARG A 321 -12.83 -5.55 -29.80
N SER A 322 -13.49 -5.02 -28.78
CA SER A 322 -14.30 -3.78 -28.93
C SER A 322 -13.48 -2.60 -29.46
N PRO A 323 -14.09 -1.66 -30.20
CA PRO A 323 -13.35 -0.52 -30.71
C PRO A 323 -12.84 0.32 -29.53
N PRO A 341 -22.59 -7.40 -28.53
CA PRO A 341 -21.28 -8.09 -28.68
C PRO A 341 -20.58 -7.70 -30.00
N PHE A 342 -21.33 -7.71 -31.11
CA PHE A 342 -20.83 -7.35 -32.45
C PHE A 342 -21.74 -6.29 -33.06
N GLY A 343 -22.45 -5.56 -32.19
CA GLY A 343 -23.44 -4.52 -32.55
C GLY A 343 -22.82 -3.31 -33.24
N PHE A 344 -21.52 -3.06 -33.10
CA PHE A 344 -20.76 -1.97 -33.77
C PHE A 344 -20.28 -2.35 -35.17
N LEU A 345 -20.55 -3.56 -35.63
CA LEU A 345 -20.01 -4.07 -36.92
C LEU A 345 -20.97 -3.69 -38.04
N PRO A 346 -20.47 -3.66 -39.29
CA PRO A 346 -21.23 -3.23 -40.44
C PRO A 346 -22.57 -3.98 -40.50
N THR A 347 -23.63 -3.22 -40.73
CA THR A 347 -25.02 -3.72 -40.92
C THR A 347 -25.00 -4.94 -41.88
N GLY A 348 -25.58 -6.04 -41.41
CA GLY A 348 -25.70 -7.27 -42.20
C GLY A 348 -24.48 -8.18 -42.19
N PHE A 349 -23.28 -7.70 -41.79
CA PHE A 349 -21.98 -8.41 -41.89
C PHE A 349 -22.03 -9.76 -41.14
N VAL A 350 -22.42 -9.77 -39.88
CA VAL A 350 -22.45 -11.00 -39.04
C VAL A 350 -23.17 -12.13 -39.79
N ASP A 351 -24.27 -11.82 -40.44
CA ASP A 351 -25.16 -12.79 -41.09
C ASP A 351 -24.55 -13.19 -42.45
N ARG A 352 -24.14 -12.23 -43.26
CA ARG A 352 -23.58 -12.46 -44.62
C ARG A 352 -22.35 -13.41 -44.59
N ILE A 353 -21.58 -13.51 -43.49
CA ILE A 353 -20.36 -14.35 -43.38
C ILE A 353 -20.56 -15.57 -42.45
N LYS A 354 -21.79 -15.96 -42.16
CA LYS A 354 -22.13 -17.13 -41.30
C LYS A 354 -21.48 -18.42 -41.86
N ASP A 355 -21.43 -18.60 -43.16
CA ASP A 355 -20.91 -19.84 -43.83
C ASP A 355 -19.38 -19.90 -43.81
N ARG A 356 -18.64 -18.77 -43.79
CA ARG A 356 -17.18 -18.81 -44.01
C ARG A 356 -16.38 -18.15 -42.91
N GLY A 357 -16.98 -17.47 -41.96
CA GLY A 357 -16.17 -16.84 -40.90
C GLY A 357 -16.80 -17.04 -39.55
N LEU A 358 -15.96 -17.16 -38.55
CA LEU A 358 -16.34 -17.22 -37.13
C LEU A 358 -15.80 -15.97 -36.43
N LEU A 359 -16.67 -15.26 -35.72
CA LEU A 359 -16.27 -14.12 -34.87
C LEU A 359 -16.18 -14.61 -33.43
N VAL A 360 -15.06 -14.35 -32.77
CA VAL A 360 -14.82 -14.72 -31.36
C VAL A 360 -14.62 -13.44 -30.58
N PRO A 361 -15.44 -13.20 -29.54
CA PRO A 361 -15.24 -12.03 -28.67
C PRO A 361 -13.98 -12.23 -27.82
N SER A 362 -13.16 -11.20 -27.73
CA SER A 362 -12.09 -11.02 -26.71
C SER A 362 -10.92 -12.01 -26.87
N TRP A 363 -11.15 -13.32 -26.99
CA TRP A 363 -10.07 -14.33 -26.72
C TRP A 363 -10.28 -15.62 -27.53
N ALA A 364 -9.20 -16.20 -28.05
CA ALA A 364 -9.21 -17.52 -28.72
C ALA A 364 -8.02 -18.32 -28.23
N PRO A 365 -8.05 -19.67 -28.30
CA PRO A 365 -6.87 -20.44 -27.96
C PRO A 365 -5.86 -20.39 -29.12
N GLN A 366 -5.02 -19.34 -29.13
CA GLN A 366 -4.09 -19.04 -30.26
C GLN A 366 -3.28 -20.27 -30.66
N ILE A 367 -2.61 -20.95 -29.73
CA ILE A 367 -1.69 -22.04 -30.18
C ILE A 367 -2.52 -23.16 -30.81
N LYS A 368 -3.72 -23.43 -30.30
CA LYS A 368 -4.61 -24.51 -30.81
C LYS A 368 -5.11 -24.14 -32.21
N VAL A 369 -5.52 -22.88 -32.41
CA VAL A 369 -5.89 -22.33 -33.73
C VAL A 369 -4.72 -22.47 -34.72
N LEU A 370 -3.54 -21.98 -34.35
CA LEU A 370 -2.37 -21.90 -35.27
C LEU A 370 -1.87 -23.29 -35.63
N SER A 371 -2.04 -24.28 -34.73
CA SER A 371 -1.53 -25.67 -34.94
C SER A 371 -2.58 -26.52 -35.63
N HIS A 372 -3.79 -26.00 -35.88
CA HIS A 372 -4.85 -26.73 -36.63
C HIS A 372 -4.59 -26.65 -38.14
N GLY A 373 -4.89 -27.73 -38.87
CA GLY A 373 -4.58 -27.90 -40.31
C GLY A 373 -5.51 -27.08 -41.18
N SER A 374 -6.66 -26.63 -40.65
CA SER A 374 -7.55 -25.65 -41.30
C SER A 374 -6.87 -24.30 -41.49
N THR A 375 -5.87 -23.97 -40.66
CA THR A 375 -5.31 -22.61 -40.54
C THR A 375 -4.23 -22.41 -41.60
N GLY A 376 -4.46 -21.46 -42.49
CA GLY A 376 -3.59 -21.18 -43.65
C GLY A 376 -2.81 -19.89 -43.47
N GLY A 377 -3.27 -19.00 -42.57
CA GLY A 377 -2.63 -17.68 -42.42
C GLY A 377 -3.01 -17.03 -41.13
N PHE A 378 -2.26 -15.98 -40.81
CA PHE A 378 -2.32 -15.25 -39.53
C PHE A 378 -2.11 -13.77 -39.84
N LEU A 379 -3.18 -12.99 -39.71
CA LEU A 379 -3.13 -11.51 -39.71
C LEU A 379 -2.83 -11.10 -38.27
N THR A 380 -1.58 -10.71 -37.98
CA THR A 380 -1.02 -10.47 -36.62
C THR A 380 -0.46 -9.05 -36.50
N HIS A 381 -0.30 -8.57 -35.28
CA HIS A 381 0.36 -7.29 -34.96
C HIS A 381 1.87 -7.48 -34.81
N CYS A 382 2.39 -8.69 -35.00
CA CYS A 382 3.85 -9.00 -35.04
C CYS A 382 4.56 -8.90 -33.68
N GLY A 383 3.83 -8.92 -32.59
CA GLY A 383 4.44 -9.29 -31.31
C GLY A 383 5.24 -10.54 -31.48
N TRP A 384 6.40 -10.62 -30.83
CA TRP A 384 7.38 -11.70 -31.07
C TRP A 384 6.84 -13.05 -30.61
N ASN A 385 6.04 -13.11 -29.54
CA ASN A 385 5.55 -14.41 -29.01
C ASN A 385 4.54 -14.98 -30.01
N SER A 386 3.66 -14.14 -30.55
CA SER A 386 2.69 -14.53 -31.60
C SER A 386 3.47 -14.97 -32.84
N THR A 387 4.47 -14.20 -33.24
CA THR A 387 5.32 -14.51 -34.43
C THR A 387 5.97 -15.87 -34.24
N LEU A 388 6.49 -16.18 -33.04
CA LEU A 388 7.21 -17.46 -32.82
C LEU A 388 6.21 -18.62 -32.92
N GLU A 389 5.03 -18.46 -32.34
CA GLU A 389 3.95 -19.49 -32.36
C GLU A 389 3.63 -19.85 -33.81
N SER A 390 3.50 -18.84 -34.63
CA SER A 390 3.19 -18.95 -36.07
C SER A 390 4.38 -19.62 -36.77
N ILE A 391 5.62 -19.24 -36.43
CA ILE A 391 6.83 -19.88 -37.03
C ILE A 391 6.82 -21.37 -36.71
N VAL A 392 6.61 -21.78 -35.45
CA VAL A 392 6.79 -23.24 -35.15
C VAL A 392 5.64 -24.04 -35.79
N ASN A 393 4.53 -23.42 -36.15
CA ASN A 393 3.38 -24.12 -36.80
C ASN A 393 3.29 -23.87 -38.33
N GLY A 394 4.34 -23.35 -38.96
CA GLY A 394 4.40 -23.14 -40.43
C GLY A 394 3.36 -22.19 -41.00
N VAL A 395 2.73 -21.33 -40.19
CA VAL A 395 1.63 -20.45 -40.68
C VAL A 395 2.21 -19.12 -41.12
N PRO A 396 2.11 -18.77 -42.42
CA PRO A 396 2.60 -17.49 -42.94
C PRO A 396 1.69 -16.34 -42.51
N LEU A 397 2.17 -15.11 -42.63
CA LEU A 397 1.54 -13.93 -41.99
C LEU A 397 1.22 -12.83 -42.98
N ILE A 398 0.20 -12.07 -42.62
CA ILE A 398 0.01 -10.63 -42.97
C ILE A 398 0.37 -9.83 -41.73
N VAL A 399 1.39 -8.99 -41.82
CA VAL A 399 1.93 -8.19 -40.70
C VAL A 399 1.24 -6.84 -40.72
N TRP A 400 0.75 -6.42 -39.55
CA TRP A 400 0.01 -5.17 -39.29
C TRP A 400 0.52 -4.63 -37.96
N PRO A 401 1.77 -4.11 -37.94
CA PRO A 401 2.40 -3.70 -36.68
C PRO A 401 1.69 -2.51 -36.03
N LEU A 402 1.63 -2.48 -34.70
CA LEU A 402 0.93 -1.42 -33.91
C LEU A 402 1.87 -0.63 -32.98
N TYR A 403 2.84 -1.26 -32.29
CA TYR A 403 3.60 -0.60 -31.21
C TYR A 403 4.88 -1.38 -30.84
N ALA A 404 5.62 -0.82 -29.89
CA ALA A 404 6.91 -1.37 -29.39
C ALA A 404 7.86 -1.60 -30.58
N GLU A 405 8.37 -2.81 -30.78
CA GLU A 405 9.36 -3.14 -31.83
C GLU A 405 8.64 -3.84 -33.01
N GLN A 406 7.31 -3.73 -33.10
CA GLN A 406 6.51 -4.51 -34.08
C GLN A 406 6.83 -4.04 -35.49
N ARG A 407 7.04 -2.74 -35.74
CA ARG A 407 7.36 -2.21 -37.09
C ARG A 407 8.67 -2.83 -37.58
N MET A 408 9.62 -3.01 -36.70
CA MET A 408 10.93 -3.62 -37.01
C MET A 408 10.72 -5.11 -37.28
N ASN A 409 9.81 -5.77 -36.55
CA ASN A 409 9.52 -7.22 -36.75
C ASN A 409 8.89 -7.39 -38.13
N ALA A 410 7.98 -6.50 -38.51
CA ALA A 410 7.26 -6.56 -39.79
C ALA A 410 8.27 -6.50 -40.94
N VAL A 411 9.22 -5.56 -40.87
CA VAL A 411 10.22 -5.35 -41.96
C VAL A 411 11.07 -6.60 -42.05
N MET A 412 11.45 -7.18 -40.93
CA MET A 412 12.27 -8.43 -40.89
C MET A 412 11.48 -9.59 -41.52
N LEU A 413 10.21 -9.71 -41.18
CA LEU A 413 9.35 -10.83 -41.61
C LEU A 413 9.00 -10.66 -43.09
N ASN A 414 8.73 -9.42 -43.52
CA ASN A 414 8.24 -9.10 -44.89
C ASN A 414 9.39 -9.04 -45.91
N GLN A 415 10.51 -8.35 -45.63
CA GLN A 415 11.61 -8.12 -46.62
C GLN A 415 12.81 -9.05 -46.38
N GLY A 416 13.05 -9.51 -45.15
CA GLY A 416 14.17 -10.42 -44.83
C GLY A 416 13.82 -11.87 -45.04
N LEU A 417 12.92 -12.41 -44.23
CA LEU A 417 12.57 -13.85 -44.23
C LEU A 417 11.55 -14.16 -45.34
N LYS A 418 10.76 -13.17 -45.76
CA LYS A 418 9.81 -13.25 -46.91
C LYS A 418 8.71 -14.28 -46.58
N VAL A 419 8.30 -14.34 -45.32
CA VAL A 419 7.26 -15.27 -44.78
C VAL A 419 6.02 -14.45 -44.42
N ALA A 420 5.97 -13.18 -44.79
CA ALA A 420 4.88 -12.23 -44.50
C ALA A 420 4.60 -11.32 -45.70
N LEU A 421 3.32 -11.06 -45.94
CA LEU A 421 2.82 -9.96 -46.79
C LEU A 421 2.42 -8.82 -45.88
N ARG A 422 2.08 -7.68 -46.47
CA ARG A 422 1.87 -6.39 -45.79
C ARG A 422 0.84 -5.59 -46.56
N PRO A 423 -0.22 -5.09 -45.91
CA PRO A 423 -1.13 -4.18 -46.61
C PRO A 423 -0.45 -2.81 -46.70
N ASN A 424 -0.89 -1.94 -47.63
CA ASN A 424 -0.53 -0.50 -47.68
C ASN A 424 -1.61 0.31 -46.98
N ALA A 425 -1.22 1.20 -46.05
CA ALA A 425 -2.16 2.18 -45.46
C ALA A 425 -2.41 3.31 -46.47
N SER A 426 -3.59 3.92 -46.42
CA SER A 426 -3.90 5.21 -47.09
C SER A 426 -3.22 6.33 -46.29
N GLN A 427 -3.30 7.57 -46.79
CA GLN A 427 -2.51 8.72 -46.25
C GLN A 427 -2.74 8.82 -44.72
N ARG A 428 -4.00 8.72 -44.28
CA ARG A 428 -4.42 8.99 -42.87
C ARG A 428 -3.96 7.89 -41.91
N GLY A 429 -3.52 6.71 -42.42
CA GLY A 429 -3.02 5.57 -41.61
C GLY A 429 -4.03 4.44 -41.53
N LEU A 430 -5.18 4.59 -42.20
CA LEU A 430 -6.27 3.57 -42.30
C LEU A 430 -5.98 2.56 -43.41
N VAL A 431 -6.05 1.28 -43.10
CA VAL A 431 -5.94 0.20 -44.13
C VAL A 431 -7.36 -0.06 -44.62
N GLU A 432 -7.56 0.09 -45.93
CA GLU A 432 -8.88 0.15 -46.59
C GLU A 432 -9.32 -1.29 -46.87
N ALA A 433 -10.63 -1.53 -46.87
CA ALA A 433 -11.25 -2.84 -47.19
C ALA A 433 -10.64 -3.41 -48.47
N ASP A 434 -10.55 -2.62 -49.54
CA ASP A 434 -10.07 -3.11 -50.87
C ASP A 434 -8.65 -3.63 -50.72
N GLU A 435 -7.84 -3.02 -49.88
CA GLU A 435 -6.40 -3.39 -49.70
C GLU A 435 -6.31 -4.65 -48.83
N ILE A 436 -7.18 -4.79 -47.84
CA ILE A 436 -7.26 -5.98 -46.96
C ILE A 436 -7.63 -7.21 -47.80
N ALA A 437 -8.68 -7.08 -48.60
CA ALA A 437 -9.14 -8.09 -49.56
C ALA A 437 -8.00 -8.46 -50.50
N ARG A 438 -7.32 -7.47 -51.06
CA ARG A 438 -6.23 -7.79 -52.03
C ARG A 438 -5.20 -8.68 -51.30
N VAL A 439 -4.73 -8.31 -50.12
CA VAL A 439 -3.56 -8.98 -49.49
C VAL A 439 -4.01 -10.31 -48.89
N VAL A 440 -5.25 -10.41 -48.40
CA VAL A 440 -5.83 -11.70 -47.93
C VAL A 440 -5.82 -12.69 -49.10
N LYS A 441 -6.34 -12.31 -50.25
CA LYS A 441 -6.34 -13.15 -51.48
C LYS A 441 -4.89 -13.47 -51.86
N GLU A 442 -3.97 -12.52 -51.76
CA GLU A 442 -2.56 -12.81 -52.13
C GLU A 442 -2.03 -13.91 -51.19
N LEU A 443 -2.36 -13.87 -49.90
CA LEU A 443 -1.83 -14.84 -48.91
C LEU A 443 -2.48 -16.21 -49.11
N MET A 444 -3.79 -16.25 -49.15
CA MET A 444 -4.53 -17.52 -49.06
C MET A 444 -4.54 -18.24 -50.41
N ASP A 445 -4.47 -17.56 -51.55
CA ASP A 445 -4.63 -18.24 -52.88
C ASP A 445 -3.56 -17.79 -53.90
N GLY A 446 -2.85 -16.68 -53.68
CA GLY A 446 -1.87 -16.12 -54.62
C GLY A 446 -0.49 -16.77 -54.55
N ASP A 447 0.40 -16.38 -55.48
CA ASP A 447 1.79 -16.90 -55.64
C ASP A 447 2.63 -16.41 -54.47
N GLU A 448 2.51 -15.13 -54.12
CA GLU A 448 3.29 -14.57 -52.99
C GLU A 448 2.95 -15.36 -51.71
N GLY A 449 1.69 -15.70 -51.51
CA GLY A 449 1.26 -16.53 -50.39
C GLY A 449 1.92 -17.90 -50.43
N LYS A 450 1.97 -18.54 -51.61
CA LYS A 450 2.59 -19.88 -51.77
C LYS A 450 4.08 -19.80 -51.40
N LYS A 451 4.78 -18.76 -51.82
CA LYS A 451 6.23 -18.59 -51.57
C LYS A 451 6.44 -18.37 -50.08
N ALA A 452 5.56 -17.59 -49.45
CA ALA A 452 5.60 -17.30 -48.00
C ALA A 452 5.35 -18.58 -47.20
N ARG A 453 4.32 -19.34 -47.56
CA ARG A 453 3.95 -20.62 -46.92
C ARG A 453 5.12 -21.59 -46.97
N TYR A 454 5.80 -21.67 -48.10
CA TYR A 454 6.93 -22.60 -48.32
C TYR A 454 8.06 -22.23 -47.37
N LYS A 455 8.47 -20.96 -47.40
CA LYS A 455 9.58 -20.41 -46.57
C LYS A 455 9.25 -20.59 -45.07
N MET A 456 7.98 -20.46 -44.70
CA MET A 456 7.55 -20.49 -43.29
C MET A 456 7.55 -21.95 -42.83
N ARG A 457 7.22 -22.89 -43.72
CA ARG A 457 7.25 -24.35 -43.43
C ARG A 457 8.70 -24.76 -43.22
N GLU A 458 9.65 -24.21 -43.99
CA GLU A 458 11.10 -24.46 -43.78
C GLU A 458 11.53 -23.93 -42.40
N LEU A 459 11.14 -22.72 -42.02
CA LEU A 459 11.49 -22.19 -40.67
C LEU A 459 10.84 -23.08 -39.60
N SER A 460 9.65 -23.58 -39.84
CA SER A 460 8.93 -24.53 -38.94
C SER A 460 9.77 -25.75 -38.67
N ASP A 461 10.47 -26.27 -39.69
CA ASP A 461 11.25 -27.52 -39.61
C ASP A 461 12.53 -27.25 -38.85
N SER A 462 13.13 -26.07 -39.02
CA SER A 462 14.32 -25.64 -38.26
C SER A 462 13.95 -25.49 -36.77
N ALA A 463 12.77 -24.94 -36.47
CA ALA A 463 12.28 -24.71 -35.09
C ALA A 463 12.20 -26.05 -34.36
N LYS A 464 11.55 -27.04 -34.98
CA LYS A 464 11.36 -28.41 -34.42
C LYS A 464 12.75 -29.02 -34.11
N ARG A 465 13.64 -28.98 -35.10
CA ARG A 465 15.03 -29.49 -35.05
C ARG A 465 15.80 -28.83 -33.89
N VAL A 466 15.86 -27.48 -33.81
CA VAL A 466 16.74 -26.78 -32.85
C VAL A 466 16.24 -26.96 -31.40
N THR A 467 15.01 -27.42 -31.17
CA THR A 467 14.41 -27.61 -29.81
C THR A 467 14.27 -29.11 -29.50
N SER A 468 14.75 -29.99 -30.36
CA SER A 468 14.70 -31.47 -30.15
C SER A 468 15.90 -31.86 -29.29
N GLU A 469 16.00 -33.12 -28.86
CA GLU A 469 16.96 -33.61 -27.82
C GLU A 469 18.40 -33.14 -28.14
N ASN A 470 18.80 -33.15 -29.41
CA ASN A 470 20.19 -32.82 -29.84
C ASN A 470 20.25 -31.48 -30.60
N GLY A 471 19.21 -30.64 -30.49
CA GLY A 471 19.12 -29.35 -31.19
C GLY A 471 20.04 -28.29 -30.63
N GLU A 472 20.41 -27.30 -31.45
CA GLU A 472 21.39 -26.24 -31.09
C GLU A 472 20.84 -25.47 -29.88
N SER A 473 19.52 -25.22 -29.81
CA SER A 473 18.88 -24.42 -28.72
C SER A 473 18.85 -25.23 -27.42
N THR A 474 18.35 -26.47 -27.43
CA THR A 474 18.35 -27.39 -26.27
C THR A 474 19.76 -27.50 -25.68
N LYS A 475 20.77 -27.70 -26.54
CA LYS A 475 22.17 -27.98 -26.14
C LYS A 475 22.76 -26.74 -25.48
N LEU A 476 22.62 -25.57 -26.12
CA LEU A 476 23.22 -24.32 -25.61
C LEU A 476 22.66 -23.97 -24.24
N LEU A 477 21.36 -24.13 -24.00
CA LEU A 477 20.75 -23.75 -22.70
C LEU A 477 21.25 -24.73 -21.63
N SER A 478 21.26 -26.03 -21.94
CA SER A 478 21.87 -27.11 -21.11
C SER A 478 23.31 -26.72 -20.74
N GLU A 479 24.11 -26.28 -21.71
CA GLU A 479 25.52 -25.87 -21.52
C GLU A 479 25.59 -24.75 -20.45
N VAL A 480 24.71 -23.75 -20.52
CA VAL A 480 24.78 -22.55 -19.65
C VAL A 480 24.24 -22.91 -18.25
N ALA A 481 23.13 -23.65 -18.20
CA ALA A 481 22.45 -24.12 -16.97
C ALA A 481 23.39 -25.01 -16.15
N SER A 482 24.14 -25.89 -16.79
CA SER A 482 25.02 -26.89 -16.12
C SER A 482 26.09 -26.14 -15.30
N LYS A 483 26.60 -25.01 -15.81
CA LYS A 483 27.57 -24.13 -15.11
C LYS A 483 26.95 -23.63 -13.78
N TRP A 484 25.63 -23.41 -13.72
CA TRP A 484 24.90 -23.01 -12.49
C TRP A 484 24.77 -24.20 -11.53
N SER A 485 24.49 -25.40 -12.07
CA SER A 485 24.18 -26.64 -11.31
C SER A 485 25.21 -26.95 -10.21
N GLN A 486 26.50 -26.64 -10.44
CA GLN A 486 27.59 -26.77 -9.42
C GLN A 486 27.70 -25.48 -8.57
N ALA B 25 15.34 -27.02 11.00
CA ALA B 25 15.24 -26.13 12.23
C ALA B 25 14.30 -24.96 12.00
N PRO B 26 13.25 -24.78 12.85
CA PRO B 26 12.42 -23.59 12.75
C PRO B 26 13.28 -22.31 12.80
N LEU B 27 12.89 -21.28 12.06
CA LEU B 27 13.57 -19.97 12.04
C LEU B 27 12.83 -19.00 12.97
N ILE B 28 13.59 -18.29 13.80
CA ILE B 28 13.15 -17.10 14.55
C ILE B 28 13.78 -15.87 13.89
N VAL B 29 12.97 -14.89 13.53
CA VAL B 29 13.46 -13.62 12.93
C VAL B 29 13.49 -12.57 14.04
N ILE B 30 14.61 -11.87 14.20
CA ILE B 30 14.81 -10.84 15.26
C ILE B 30 15.16 -9.52 14.58
N VAL B 31 14.39 -8.48 14.84
CA VAL B 31 14.60 -7.14 14.22
C VAL B 31 14.94 -6.14 15.29
N PRO B 32 16.25 -5.94 15.55
CA PRO B 32 16.70 -4.94 16.52
C PRO B 32 16.63 -3.54 15.94
N SER B 33 16.19 -2.59 16.77
CA SER B 33 16.35 -1.15 16.54
C SER B 33 17.83 -0.87 16.35
N PRO B 34 18.21 0.17 15.57
CA PRO B 34 19.62 0.53 15.45
C PRO B 34 20.15 1.06 16.80
N GLY B 35 21.42 0.79 17.11
CA GLY B 35 22.03 1.23 18.37
C GLY B 35 22.42 0.05 19.22
N MET B 36 23.54 0.17 19.95
CA MET B 36 24.23 -1.01 20.53
C MET B 36 23.47 -1.52 21.74
N GLY B 37 22.73 -0.65 22.42
CA GLY B 37 21.97 -0.99 23.64
C GLY B 37 20.64 -1.61 23.33
N HIS B 38 20.30 -1.61 22.04
CA HIS B 38 19.17 -2.37 21.43
C HIS B 38 19.73 -3.70 20.90
N LEU B 39 20.88 -3.68 20.23
CA LEU B 39 21.45 -4.87 19.56
C LEU B 39 22.00 -5.91 20.54
N ILE B 40 22.75 -5.51 21.55
CA ILE B 40 23.50 -6.46 22.43
C ILE B 40 22.53 -7.36 23.19
N PRO B 41 21.51 -6.79 23.88
CA PRO B 41 20.50 -7.64 24.53
C PRO B 41 19.80 -8.61 23.54
N LEU B 42 19.43 -8.15 22.33
CA LEU B 42 18.73 -9.01 21.33
C LEU B 42 19.68 -10.08 20.79
N VAL B 43 20.95 -9.74 20.62
CA VAL B 43 21.96 -10.75 20.21
C VAL B 43 22.11 -11.75 21.34
N GLU B 44 22.05 -11.32 22.60
CA GLU B 44 22.16 -12.25 23.75
C GLU B 44 20.98 -13.21 23.77
N PHE B 45 19.76 -12.70 23.57
CA PHE B 45 18.53 -13.53 23.53
C PHE B 45 18.69 -14.55 22.39
N ALA B 46 19.20 -14.10 21.24
CA ALA B 46 19.50 -14.95 20.07
C ALA B 46 20.43 -16.10 20.47
N LYS B 47 21.54 -15.81 21.15
CA LYS B 47 22.56 -16.84 21.54
C LYS B 47 21.91 -17.87 22.48
N VAL B 48 21.01 -17.40 23.34
CA VAL B 48 20.24 -18.24 24.31
C VAL B 48 19.29 -19.14 23.52
N LEU B 49 18.49 -18.59 22.60
CA LEU B 49 17.48 -19.37 21.82
C LEU B 49 18.17 -20.53 21.09
N VAL B 50 19.33 -20.31 20.46
CA VAL B 50 20.04 -21.31 19.61
C VAL B 50 20.88 -22.30 20.45
N SER B 51 21.38 -21.90 21.63
CA SER B 51 22.07 -22.81 22.60
C SER B 51 21.07 -23.78 23.22
N ARG B 52 19.97 -23.25 23.79
CA ARG B 52 19.06 -23.98 24.72
C ARG B 52 18.00 -24.75 23.93
N PHE B 53 17.75 -24.44 22.65
CA PHE B 53 16.68 -25.07 21.84
C PHE B 53 17.19 -25.30 20.41
N HIS B 54 16.41 -26.03 19.63
CA HIS B 54 16.67 -26.35 18.21
C HIS B 54 15.97 -25.27 17.35
N PHE B 55 16.59 -24.09 17.29
CA PHE B 55 16.16 -22.97 16.41
C PHE B 55 17.37 -22.41 15.65
N SER B 56 17.10 -21.82 14.48
CA SER B 56 18.03 -20.89 13.80
C SER B 56 17.47 -19.48 13.97
N VAL B 57 18.33 -18.48 13.89
CA VAL B 57 17.93 -17.06 14.02
C VAL B 57 18.47 -16.29 12.82
N SER B 58 17.64 -15.40 12.27
CA SER B 58 18.02 -14.40 11.25
C SER B 58 17.76 -13.01 11.83
N LEU B 59 18.82 -12.27 12.08
CA LEU B 59 18.75 -10.86 12.50
C LEU B 59 18.63 -9.99 11.26
N LEU B 60 17.53 -9.23 11.16
CA LEU B 60 17.38 -8.19 10.12
C LEU B 60 17.62 -6.83 10.79
N LEU B 61 18.65 -6.11 10.40
CA LEU B 61 19.08 -4.87 11.07
C LEU B 61 18.79 -3.66 10.20
N PRO B 62 17.76 -2.87 10.54
CA PRO B 62 17.60 -1.55 9.95
C PRO B 62 18.78 -0.71 10.43
N THR B 63 19.27 0.18 9.57
CA THR B 63 20.51 0.99 9.78
C THR B 63 20.40 2.32 9.03
N THR B 64 20.99 3.38 9.59
CA THR B 64 21.08 4.71 8.96
C THR B 64 22.41 4.80 8.20
N ALA B 65 23.32 3.82 8.38
CA ALA B 65 24.71 3.89 7.85
C ALA B 65 25.33 2.49 7.61
N GLN B 66 26.51 2.43 6.95
CA GLN B 66 27.32 1.21 6.80
C GLN B 66 27.55 0.60 8.17
N PRO B 67 27.68 -0.73 8.31
CA PRO B 67 27.99 -1.33 9.61
C PRO B 67 29.15 -0.65 10.36
N THR B 68 29.05 -0.50 11.68
CA THR B 68 30.15 -0.03 12.57
C THR B 68 31.04 -1.23 12.87
N LYS B 69 32.24 -0.97 13.42
CA LYS B 69 33.27 -1.98 13.78
C LYS B 69 32.73 -2.84 14.92
N ALA B 70 32.03 -2.19 15.87
CA ALA B 70 31.38 -2.82 17.05
C ALA B 70 30.24 -3.77 16.63
N GLN B 71 29.40 -3.36 15.67
CA GLN B 71 28.32 -4.22 15.13
C GLN B 71 28.93 -5.47 14.49
N THR B 72 29.91 -5.27 13.58
CA THR B 72 30.60 -6.32 12.78
C THR B 72 31.29 -7.32 13.71
N THR B 73 32.00 -6.83 14.73
CA THR B 73 32.69 -7.69 15.74
C THR B 73 31.66 -8.62 16.40
N LEU B 74 30.59 -8.04 16.94
CA LEU B 74 29.53 -8.78 17.69
C LEU B 74 28.87 -9.79 16.76
N LEU B 75 28.48 -9.36 15.56
CA LEU B 75 27.67 -10.18 14.63
C LEU B 75 28.51 -11.33 14.04
N ASN B 76 29.81 -11.09 13.78
CA ASN B 76 30.66 -12.12 13.10
C ASN B 76 31.18 -13.12 14.13
N SER B 77 30.98 -12.84 15.42
CA SER B 77 31.37 -13.71 16.57
C SER B 77 30.26 -14.71 16.96
N LEU B 78 29.10 -14.68 16.31
CA LEU B 78 27.92 -15.51 16.71
C LEU B 78 28.06 -16.91 16.14
N PRO B 79 27.33 -17.91 16.69
CA PRO B 79 27.33 -19.26 16.13
C PRO B 79 26.75 -19.22 14.71
N SER B 80 26.97 -20.29 13.95
CA SER B 80 26.53 -20.38 12.52
C SER B 80 25.00 -20.38 12.46
N SER B 81 24.32 -20.87 13.52
CA SER B 81 22.84 -20.96 13.61
C SER B 81 22.19 -19.55 13.60
N VAL B 82 22.99 -18.50 13.77
CA VAL B 82 22.52 -17.08 13.76
C VAL B 82 23.12 -16.39 12.53
N SER B 83 22.31 -16.22 11.48
CA SER B 83 22.63 -15.38 10.30
C SER B 83 22.23 -13.93 10.61
N HIS B 84 22.79 -12.97 9.87
CA HIS B 84 22.44 -11.53 10.04
C HIS B 84 22.42 -10.86 8.67
N ASN B 85 21.69 -9.76 8.56
CA ASN B 85 21.53 -9.02 7.29
C ASN B 85 21.25 -7.56 7.62
N PHE B 86 22.14 -6.66 7.24
CA PHE B 86 21.88 -5.20 7.24
C PHE B 86 20.90 -4.95 6.11
N LEU B 87 19.84 -4.20 6.38
CA LEU B 87 18.81 -3.87 5.38
C LEU B 87 19.31 -2.67 4.60
N PRO B 88 18.85 -2.44 3.36
CA PRO B 88 19.19 -1.23 2.65
C PRO B 88 19.19 -0.01 3.61
N THR B 89 20.26 0.77 3.59
CA THR B 89 20.42 2.02 4.35
C THR B 89 19.25 2.93 4.06
N VAL B 90 18.65 3.48 5.11
CA VAL B 90 17.73 4.65 5.04
C VAL B 90 18.63 5.87 4.91
N ASP B 91 18.39 6.76 3.95
CA ASP B 91 19.25 7.95 3.73
C ASP B 91 19.07 8.91 4.92
N PRO B 92 20.12 9.23 5.71
CA PRO B 92 19.96 10.12 6.87
C PRO B 92 19.52 11.56 6.54
N ALA B 93 19.52 11.95 5.27
CA ALA B 93 18.96 13.26 4.80
C ALA B 93 17.43 13.21 4.82
N HIS B 94 16.85 12.01 4.69
CA HIS B 94 15.40 11.68 4.60
C HIS B 94 14.72 11.69 5.98
N LEU B 95 15.49 11.78 7.08
CA LEU B 95 14.97 11.87 8.48
C LEU B 95 15.62 13.06 9.16
N PRO B 96 14.90 13.78 10.08
CA PRO B 96 15.33 15.11 10.54
C PRO B 96 16.66 15.17 11.33
N ASP B 97 17.25 16.36 11.43
CA ASP B 97 18.48 16.67 12.21
C ASP B 97 18.06 17.23 13.57
N GLY B 98 18.87 16.95 14.61
CA GLY B 98 18.68 17.44 16.00
C GLY B 98 17.29 17.13 16.54
N VAL B 99 16.86 15.87 16.44
CA VAL B 99 15.65 15.31 17.12
C VAL B 99 16.14 14.22 18.06
N ALA B 100 15.30 13.80 19.00
CA ALA B 100 15.62 12.75 20.00
C ALA B 100 15.88 11.42 19.28
N HIS B 101 16.70 10.55 19.88
CA HIS B 101 17.02 9.18 19.42
C HIS B 101 15.72 8.40 19.13
N GLU B 102 14.75 8.48 20.06
CA GLU B 102 13.43 7.80 19.96
C GLU B 102 12.80 8.09 18.58
N VAL B 103 12.84 9.33 18.12
CA VAL B 103 12.21 9.74 16.83
C VAL B 103 12.99 9.15 15.65
N THR B 104 14.31 9.25 15.68
CA THR B 104 15.25 8.73 14.64
C THR B 104 15.06 7.21 14.52
N ILE B 105 15.05 6.48 15.64
CA ILE B 105 14.83 5.00 15.67
C ILE B 105 13.50 4.69 14.97
N SER B 106 12.43 5.36 15.38
CA SER B 106 11.04 5.17 14.90
C SER B 106 10.99 5.37 13.40
N LEU B 107 11.61 6.45 12.89
CA LEU B 107 11.57 6.79 11.44
C LEU B 107 12.42 5.78 10.65
N THR B 108 13.48 5.26 11.23
CA THR B 108 14.34 4.23 10.61
C THR B 108 13.50 2.97 10.40
N HIS B 109 12.74 2.56 11.41
CA HIS B 109 11.84 1.38 11.36
C HIS B 109 10.78 1.57 10.27
N ALA B 110 10.16 2.74 10.24
CA ALA B 110 9.12 3.15 9.27
C ALA B 110 9.67 3.10 7.83
N HIS B 111 10.83 3.70 7.61
CA HIS B 111 11.47 3.78 6.26
C HIS B 111 12.08 2.42 5.90
N SER B 112 12.06 1.43 6.78
CA SER B 112 12.60 0.06 6.52
C SER B 112 11.48 -0.97 6.48
N LEU B 113 10.22 -0.52 6.58
CA LEU B 113 9.05 -1.42 6.65
C LEU B 113 9.04 -2.26 5.36
N SER B 114 9.19 -1.61 4.20
CA SER B 114 9.19 -2.26 2.87
C SER B 114 10.32 -3.30 2.82
N SER B 115 11.52 -2.91 3.23
CA SER B 115 12.68 -3.84 3.20
C SER B 115 12.38 -5.06 4.06
N ILE B 116 11.79 -4.88 5.26
CA ILE B 116 11.53 -6.03 6.16
C ILE B 116 10.42 -6.91 5.58
N ARG B 117 9.33 -6.31 5.11
CA ARG B 117 8.21 -7.06 4.49
C ARG B 117 8.79 -7.97 3.39
N ALA B 118 9.60 -7.40 2.50
CA ALA B 118 10.29 -8.11 1.38
C ALA B 118 11.18 -9.24 1.89
N ALA B 119 12.08 -8.95 2.83
CA ALA B 119 12.95 -9.95 3.50
C ALA B 119 12.10 -11.04 4.13
N LEU B 120 11.06 -10.65 4.87
CA LEU B 120 10.21 -11.60 5.62
C LEU B 120 9.45 -12.49 4.62
N GLY B 121 8.94 -11.92 3.52
CA GLY B 121 8.25 -12.69 2.47
C GLY B 121 9.15 -13.81 1.91
N SER B 122 10.41 -13.50 1.67
CA SER B 122 11.38 -14.44 1.07
C SER B 122 11.73 -15.52 2.10
N LEU B 123 11.98 -15.15 3.37
CA LEU B 123 12.27 -16.12 4.45
C LEU B 123 11.11 -17.09 4.61
N ALA B 124 9.87 -16.59 4.60
CA ALA B 124 8.64 -17.40 4.82
C ALA B 124 8.53 -18.52 3.77
N GLN B 125 8.98 -18.29 2.53
CA GLN B 125 8.94 -19.31 1.44
C GLN B 125 10.03 -20.36 1.67
N GLN B 126 11.25 -19.91 1.99
CA GLN B 126 12.45 -20.78 2.09
C GLN B 126 12.58 -21.43 3.49
N ALA B 127 11.70 -21.17 4.46
CA ALA B 127 11.83 -21.69 5.86
C ALA B 127 10.51 -21.64 6.64
N GLN B 128 10.47 -22.41 7.73
CA GLN B 128 9.41 -22.35 8.77
C GLN B 128 9.77 -21.19 9.72
N VAL B 129 9.21 -20.01 9.49
CA VAL B 129 9.36 -18.84 10.39
C VAL B 129 8.30 -18.98 11.47
N VAL B 130 8.71 -19.26 12.71
CA VAL B 130 7.76 -19.63 13.80
C VAL B 130 7.51 -18.44 14.73
N ALA B 131 8.38 -17.41 14.68
CA ALA B 131 8.26 -16.20 15.54
C ALA B 131 9.10 -15.03 15.00
N LEU B 132 8.61 -13.83 15.22
CA LEU B 132 9.31 -12.55 15.01
C LEU B 132 9.51 -11.94 16.41
N ILE B 133 10.72 -11.52 16.73
CA ILE B 133 11.03 -10.80 17.99
C ILE B 133 11.55 -9.42 17.63
N THR B 134 11.01 -8.38 18.26
CA THR B 134 11.51 -7.00 18.14
C THR B 134 11.78 -6.43 19.54
N ASP B 135 12.31 -5.22 19.58
CA ASP B 135 12.42 -4.43 20.83
C ASP B 135 11.31 -3.36 20.80
N LEU B 136 11.30 -2.50 21.79
CA LEU B 136 10.13 -1.66 22.16
C LEU B 136 9.85 -0.63 21.07
N PHE B 137 10.68 -0.53 20.02
CA PHE B 137 10.46 0.45 18.92
C PHE B 137 10.19 -0.25 17.57
N GLY B 138 9.98 -1.56 17.57
CA GLY B 138 9.71 -2.35 16.35
C GLY B 138 8.26 -2.75 16.19
N THR B 139 7.36 -2.14 16.95
CA THR B 139 5.93 -2.52 17.04
C THR B 139 5.19 -2.22 15.72
N GLY B 140 5.77 -1.44 14.80
CA GLY B 140 5.22 -1.28 13.43
C GLY B 140 5.17 -2.59 12.66
N LEU B 141 5.83 -3.66 13.14
CA LEU B 141 5.95 -4.95 12.43
C LEU B 141 4.84 -5.92 12.86
N TYR B 142 4.10 -5.64 13.93
CA TYR B 142 3.25 -6.67 14.59
C TYR B 142 2.12 -7.12 13.64
N THR B 143 1.34 -6.19 13.09
CA THR B 143 0.25 -6.50 12.12
C THR B 143 0.88 -7.16 10.88
N VAL B 144 2.03 -6.68 10.41
CA VAL B 144 2.74 -7.28 9.25
C VAL B 144 3.03 -8.76 9.53
N ALA B 145 3.54 -9.09 10.70
CA ALA B 145 3.89 -10.49 11.06
C ALA B 145 2.61 -11.33 11.14
N ARG B 146 1.53 -10.79 11.71
CA ARG B 146 0.23 -11.50 11.90
C ARG B 146 -0.37 -11.92 10.55
N ASP B 147 -0.53 -10.96 9.63
CA ASP B 147 -0.94 -11.17 8.22
C ASP B 147 -0.22 -12.40 7.61
N LEU B 148 1.07 -12.58 7.90
CA LEU B 148 1.94 -13.61 7.28
C LEU B 148 1.94 -14.90 8.11
N GLY B 149 1.14 -14.96 9.18
CA GLY B 149 1.03 -16.15 10.05
C GLY B 149 2.22 -16.31 10.97
N ILE B 150 2.95 -15.23 11.25
CA ILE B 150 4.10 -15.24 12.20
C ILE B 150 3.69 -14.47 13.45
N PRO B 151 3.73 -15.11 14.64
CA PRO B 151 3.41 -14.43 15.89
C PRO B 151 4.53 -13.47 16.30
N PRO B 152 4.22 -12.17 16.52
CA PRO B 152 5.21 -11.19 16.96
C PRO B 152 5.33 -11.07 18.48
N TYR B 153 6.56 -11.05 19.00
CA TYR B 153 6.90 -10.90 20.44
C TYR B 153 7.78 -9.68 20.65
N LEU B 154 7.59 -9.01 21.79
CA LEU B 154 8.41 -7.86 22.27
C LEU B 154 9.40 -8.41 23.30
N TYR B 155 10.70 -8.20 23.08
CA TYR B 155 11.74 -8.47 24.09
C TYR B 155 12.08 -7.12 24.73
N PHE B 156 11.50 -6.91 25.92
CA PHE B 156 11.62 -5.65 26.71
C PHE B 156 12.92 -5.68 27.51
N THR B 157 13.83 -4.77 27.21
CA THR B 157 15.25 -4.86 27.68
C THR B 157 15.46 -4.08 28.98
N SER B 158 14.42 -3.46 29.53
CA SER B 158 14.44 -2.72 30.82
C SER B 158 13.57 -3.45 31.86
N THR B 159 13.16 -2.76 32.92
CA THR B 159 12.51 -3.34 34.12
C THR B 159 11.03 -3.58 33.87
N ALA B 160 10.47 -4.52 34.62
CA ALA B 160 9.02 -4.79 34.70
C ALA B 160 8.35 -3.50 35.18
N MET B 161 8.99 -2.76 36.08
CA MET B 161 8.42 -1.50 36.58
C MET B 161 8.29 -0.55 35.39
N CYS B 162 9.33 -0.47 34.56
CA CYS B 162 9.32 0.40 33.35
C CYS B 162 8.23 -0.07 32.39
N LEU B 163 8.07 -1.38 32.18
CA LEU B 163 6.99 -1.91 31.31
C LEU B 163 5.63 -1.48 31.85
N LEU B 164 5.41 -1.66 33.15
CA LEU B 164 4.14 -1.28 33.83
C LEU B 164 3.94 0.23 33.70
N PHE B 165 4.98 1.04 33.92
CA PHE B 165 4.87 2.51 33.74
C PHE B 165 4.30 2.77 32.36
N LEU B 166 4.82 2.10 31.34
CA LEU B 166 4.49 2.40 29.91
C LEU B 166 3.06 1.93 29.61
N PHE B 167 2.64 0.75 30.04
CA PHE B 167 1.23 0.32 29.87
C PHE B 167 0.28 1.32 30.56
N HIS B 168 0.72 2.02 31.62
CA HIS B 168 -0.15 2.96 32.39
C HIS B 168 -0.14 4.34 31.76
N LEU B 169 0.84 4.65 30.92
CA LEU B 169 1.12 6.02 30.39
C LEU B 169 -0.07 6.53 29.56
N PRO B 170 -0.75 5.74 28.70
CA PRO B 170 -1.86 6.26 27.90
C PRO B 170 -3.02 6.74 28.79
N LYS B 171 -3.44 5.93 29.78
CA LYS B 171 -4.45 6.32 30.83
C LYS B 171 -3.96 7.57 31.60
N LEU B 172 -2.67 7.62 31.98
CA LEU B 172 -2.07 8.78 32.69
C LEU B 172 -2.10 10.01 31.78
N ASP B 173 -1.91 9.84 30.49
CA ASP B 173 -1.83 10.95 29.50
C ASP B 173 -3.19 11.64 29.43
N GLU B 174 -4.28 10.88 29.54
CA GLU B 174 -5.67 11.39 29.50
C GLU B 174 -6.03 12.00 30.86
N THR B 175 -5.74 11.32 31.98
CA THR B 175 -6.03 11.77 33.37
C THR B 175 -5.34 13.11 33.69
N VAL B 176 -4.07 13.26 33.34
CA VAL B 176 -3.20 14.38 33.84
C VAL B 176 -2.78 15.25 32.66
N SER B 177 -3.00 16.56 32.75
CA SER B 177 -2.82 17.53 31.64
C SER B 177 -1.56 18.40 31.82
N CYS B 178 -1.04 18.51 33.04
CA CYS B 178 0.21 19.29 33.31
C CYS B 178 1.42 18.43 32.90
N GLU B 179 2.56 19.09 32.69
CA GLU B 179 3.88 18.44 32.59
C GLU B 179 4.10 17.61 33.86
N TYR B 180 4.59 16.36 33.72
CA TYR B 180 4.52 15.33 34.79
C TYR B 180 5.24 15.80 36.07
N ARG B 181 6.31 16.57 35.93
CA ARG B 181 7.08 17.05 37.12
C ARG B 181 6.21 18.00 37.97
N ASP B 182 5.12 18.56 37.43
CA ASP B 182 4.25 19.52 38.16
C ASP B 182 3.09 18.79 38.85
N MET B 183 3.04 17.45 38.78
CA MET B 183 1.97 16.63 39.42
C MET B 183 1.96 16.84 40.95
N PRO B 184 0.81 17.19 41.55
CA PRO B 184 0.72 17.33 43.01
C PRO B 184 1.04 16.07 43.83
N GLU B 185 1.06 14.89 43.21
CA GLU B 185 1.43 13.63 43.94
C GLU B 185 2.39 12.80 43.09
N PRO B 186 3.07 11.81 43.71
CA PRO B 186 3.79 10.77 42.96
C PRO B 186 2.85 9.77 42.30
N LEU B 187 3.34 9.07 41.28
CA LEU B 187 2.66 7.89 40.68
C LEU B 187 2.94 6.68 41.55
N VAL B 188 1.89 5.97 41.99
CA VAL B 188 2.05 4.70 42.76
C VAL B 188 1.40 3.59 41.95
N LEU B 189 2.19 2.97 41.08
CA LEU B 189 1.76 1.79 40.29
C LEU B 189 1.54 0.67 41.29
N PRO B 190 0.49 -0.17 41.12
CA PRO B 190 0.28 -1.31 42.01
C PRO B 190 1.53 -2.20 42.12
N GLY B 191 2.04 -2.38 43.34
CA GLY B 191 3.14 -3.31 43.66
C GLY B 191 4.51 -2.65 43.57
N CYS B 192 4.56 -1.32 43.43
CA CYS B 192 5.80 -0.58 43.08
C CYS B 192 6.02 0.59 44.04
N VAL B 193 7.27 1.00 44.18
CA VAL B 193 7.60 2.20 44.98
C VAL B 193 7.02 3.42 44.27
N PRO B 194 6.58 4.43 45.05
CA PRO B 194 6.22 5.73 44.49
C PRO B 194 7.30 6.26 43.55
N LEU B 195 6.88 7.03 42.55
CA LEU B 195 7.76 7.62 41.53
C LEU B 195 7.29 9.05 41.23
N HIS B 196 8.05 10.06 41.61
CA HIS B 196 7.76 11.47 41.25
C HIS B 196 7.84 11.60 39.72
N GLY B 197 7.04 12.49 39.15
CA GLY B 197 7.07 12.82 37.71
C GLY B 197 8.47 13.22 37.23
N LYS B 198 9.28 13.86 38.06
CA LYS B 198 10.61 14.34 37.59
C LYS B 198 11.48 13.12 37.25
N ASP B 199 11.11 11.94 37.74
CA ASP B 199 11.84 10.66 37.56
C ASP B 199 11.22 9.76 36.47
N PHE B 200 10.14 10.19 35.82
CA PHE B 200 9.57 9.49 34.64
C PHE B 200 10.62 9.51 33.53
N VAL B 201 10.57 8.51 32.66
CA VAL B 201 11.48 8.35 31.49
C VAL B 201 11.64 9.68 30.74
N ASP B 202 12.80 9.88 30.09
CA ASP B 202 13.20 11.14 29.42
C ASP B 202 12.16 11.63 28.42
N PRO B 203 11.67 10.80 27.49
CA PRO B 203 10.72 11.29 26.48
C PRO B 203 9.39 11.82 27.04
N ALA B 204 9.06 11.53 28.30
CA ALA B 204 7.82 11.95 29.01
C ALA B 204 7.98 13.31 29.69
N GLN B 205 9.17 13.93 29.62
CA GLN B 205 9.50 15.16 30.38
C GLN B 205 9.16 16.44 29.56
N ASP B 206 8.93 16.31 28.26
CA ASP B 206 8.37 17.37 27.38
C ASP B 206 7.25 16.76 26.53
N ARG B 207 6.00 16.99 26.91
CA ARG B 207 4.81 16.39 26.25
C ARG B 207 4.52 17.09 24.91
N GLN B 208 5.31 18.11 24.53
CA GLN B 208 5.17 18.88 23.27
C GLN B 208 6.15 18.33 22.22
N ASP B 209 7.27 17.72 22.66
CA ASP B 209 8.29 17.13 21.75
C ASP B 209 7.69 15.87 21.10
N GLN B 210 8.16 15.55 19.90
CA GLN B 210 7.65 14.42 19.08
C GLN B 210 8.05 13.09 19.77
N ALA B 211 9.12 13.08 20.56
CA ALA B 211 9.61 11.87 21.24
C ALA B 211 8.48 11.32 22.14
N TYR B 212 7.71 12.20 22.78
CA TYR B 212 6.57 11.82 23.64
C TYR B 212 5.51 11.13 22.80
N HIS B 213 5.16 11.70 21.65
CA HIS B 213 4.08 11.21 20.74
C HIS B 213 4.53 9.86 20.15
N VAL B 214 5.79 9.71 19.79
CA VAL B 214 6.37 8.44 19.26
C VAL B 214 6.27 7.37 20.36
N LEU B 215 6.74 7.69 21.56
CA LEU B 215 6.70 6.73 22.69
C LEU B 215 5.24 6.26 22.88
N LEU B 216 4.27 7.18 22.92
CA LEU B 216 2.85 6.81 23.07
C LEU B 216 2.39 5.91 21.92
N ASP B 217 2.79 6.18 20.67
CA ASP B 217 2.31 5.40 19.49
C ASP B 217 2.76 3.95 19.63
N HIS B 218 4.01 3.74 20.06
CA HIS B 218 4.61 2.40 20.20
C HIS B 218 3.92 1.69 21.34
N VAL B 219 3.77 2.36 22.48
CA VAL B 219 3.14 1.78 23.69
C VAL B 219 1.72 1.28 23.37
N LYS B 220 0.96 2.05 22.58
CA LYS B 220 -0.42 1.71 22.19
C LYS B 220 -0.44 0.41 21.37
N ARG B 221 0.68 0.02 20.77
CA ARG B 221 0.78 -1.23 19.94
C ARG B 221 1.35 -2.40 20.75
N TYR B 222 1.88 -2.21 21.98
CA TYR B 222 2.40 -3.32 22.82
C TYR B 222 1.31 -4.38 22.93
N VAL B 223 0.06 -3.93 22.96
CA VAL B 223 -1.16 -4.81 23.06
C VAL B 223 -1.22 -5.78 21.87
N LEU B 224 -0.59 -5.47 20.73
CA LEU B 224 -0.64 -6.32 19.50
C LEU B 224 0.35 -7.50 19.58
N ALA B 225 1.20 -7.59 20.60
CA ALA B 225 2.19 -8.69 20.69
C ALA B 225 1.51 -9.98 21.15
N GLU B 226 1.91 -11.14 20.63
CA GLU B 226 1.49 -12.47 21.16
C GLU B 226 1.92 -12.55 22.63
N GLY B 227 3.04 -11.92 22.95
CA GLY B 227 3.73 -12.10 24.24
C GLY B 227 4.83 -11.09 24.44
N ILE B 228 5.20 -10.82 25.69
CA ILE B 228 6.29 -9.86 26.04
C ILE B 228 7.25 -10.56 27.01
N PHE B 229 8.47 -10.79 26.54
CA PHE B 229 9.62 -11.22 27.37
C PHE B 229 10.16 -9.98 28.08
N VAL B 230 10.58 -10.13 29.34
CA VAL B 230 11.19 -9.04 30.14
C VAL B 230 12.47 -9.58 30.76
N ASN B 231 13.57 -8.83 30.67
CA ASN B 231 14.88 -9.28 31.17
C ASN B 231 14.94 -8.98 32.67
N THR B 232 14.18 -9.74 33.45
CA THR B 232 14.09 -9.56 34.93
C THR B 232 13.62 -10.88 35.51
N PHE B 233 13.37 -10.96 36.82
CA PHE B 233 12.89 -12.21 37.47
C PHE B 233 11.96 -11.89 38.64
N VAL B 234 11.13 -12.87 39.00
CA VAL B 234 10.01 -12.70 39.97
C VAL B 234 10.57 -12.09 41.26
N ASP B 235 11.69 -12.64 41.76
CA ASP B 235 12.26 -12.28 43.08
C ASP B 235 12.71 -10.80 43.06
N LEU B 236 13.05 -10.25 41.89
CA LEU B 236 13.61 -8.89 41.76
C LEU B 236 12.48 -7.85 41.72
N GLU B 237 11.31 -8.19 41.18
CA GLU B 237 10.24 -7.19 40.95
C GLU B 237 8.86 -7.84 41.11
N PRO B 238 8.51 -8.38 42.30
CA PRO B 238 7.40 -9.30 42.42
C PRO B 238 6.06 -8.58 42.22
N GLY B 239 6.04 -7.29 42.60
CA GLY B 239 4.83 -6.45 42.53
C GLY B 239 4.49 -6.05 41.11
N ALA B 240 5.46 -5.47 40.41
CA ALA B 240 5.29 -5.04 39.00
C ALA B 240 4.94 -6.26 38.15
N ILE B 241 5.58 -7.41 38.37
CA ILE B 241 5.32 -8.65 37.58
C ILE B 241 3.93 -9.19 37.91
N LYS B 242 3.58 -9.30 39.19
CA LYS B 242 2.22 -9.73 39.64
C LYS B 242 1.21 -8.84 38.91
N THR B 243 1.34 -7.53 39.06
CA THR B 243 0.42 -6.53 38.46
C THR B 243 0.36 -6.70 36.94
N LEU B 244 1.51 -6.84 36.25
CA LEU B 244 1.52 -6.92 34.75
C LEU B 244 0.71 -8.14 34.29
N GLN B 245 0.85 -9.23 35.02
CA GLN B 245 0.28 -10.56 34.71
C GLN B 245 -1.20 -10.71 35.14
N THR B 246 -1.78 -9.81 35.95
CA THR B 246 -3.15 -10.02 36.50
C THR B 246 -4.06 -8.80 36.32
N GLU B 247 -3.54 -7.57 36.42
CA GLU B 247 -4.33 -6.30 36.44
C GLU B 247 -5.19 -6.12 35.18
N ASP B 248 -4.80 -6.64 34.00
CA ASP B 248 -5.53 -6.37 32.71
C ASP B 248 -5.50 -7.61 31.80
N PRO B 249 -6.66 -8.04 31.27
CA PRO B 249 -6.69 -8.99 30.16
C PRO B 249 -6.18 -8.38 28.83
N ASN B 250 -6.36 -7.06 28.67
CA ASN B 250 -5.92 -6.25 27.51
C ASN B 250 -4.40 -6.45 27.26
N VAL B 251 -3.58 -6.48 28.33
CA VAL B 251 -2.11 -6.68 28.30
C VAL B 251 -1.80 -8.10 27.89
N PRO B 252 -0.86 -8.34 26.93
CA PRO B 252 -0.51 -9.69 26.51
C PRO B 252 0.21 -10.43 27.63
N PRO B 253 0.39 -11.76 27.51
CA PRO B 253 1.21 -12.51 28.45
C PRO B 253 2.58 -11.83 28.59
N VAL B 254 3.15 -11.90 29.79
CA VAL B 254 4.44 -11.26 30.17
C VAL B 254 5.30 -12.33 30.83
N TYR B 255 6.49 -12.55 30.27
CA TYR B 255 7.39 -13.69 30.59
C TYR B 255 8.71 -13.16 31.14
N PRO B 256 8.90 -13.12 32.47
CA PRO B 256 10.20 -12.84 33.04
C PRO B 256 11.13 -14.02 32.76
N VAL B 257 12.23 -13.79 32.04
CA VAL B 257 13.16 -14.85 31.57
C VAL B 257 14.61 -14.49 31.86
N GLY B 258 14.82 -13.51 32.74
CA GLY B 258 16.15 -12.97 33.06
C GLY B 258 16.68 -13.50 34.38
N PRO B 259 17.89 -13.08 34.82
CA PRO B 259 18.76 -12.20 34.02
C PRO B 259 19.46 -12.91 32.85
N ILE B 260 19.44 -12.27 31.68
CA ILE B 260 20.25 -12.70 30.50
C ILE B 260 21.32 -11.62 30.29
N ILE B 261 22.59 -11.98 30.36
CA ILE B 261 23.74 -11.04 30.22
C ILE B 261 24.82 -11.69 29.35
N GLN B 262 25.66 -10.87 28.71
CA GLN B 262 26.82 -11.31 27.89
C GLN B 262 27.76 -12.15 28.74
N SER B 263 28.49 -13.11 28.13
CA SER B 263 29.23 -14.22 28.78
C SER B 263 28.24 -15.18 29.44
N SER B 272 42.00 -5.39 29.30
CA SER B 272 42.99 -6.49 29.47
C SER B 272 44.07 -6.08 30.50
N ASP B 273 44.59 -4.86 30.40
CA ASP B 273 45.68 -4.30 31.24
C ASP B 273 45.20 -4.12 32.68
N CYS B 274 43.93 -3.73 32.85
CA CYS B 274 43.35 -3.26 34.14
C CYS B 274 42.89 -4.45 35.01
N LEU B 275 42.72 -5.63 34.41
CA LEU B 275 42.48 -6.89 35.16
C LEU B 275 43.77 -7.26 35.92
N LYS B 276 44.93 -7.09 35.28
CA LYS B 276 46.24 -7.32 35.95
C LYS B 276 46.31 -6.40 37.17
N TRP B 277 45.85 -5.15 37.05
CA TRP B 277 45.81 -4.15 38.14
C TRP B 277 44.84 -4.59 39.25
N LEU B 278 43.63 -5.04 38.89
CA LEU B 278 42.63 -5.47 39.91
C LEU B 278 43.20 -6.63 40.71
N ASP B 279 44.02 -7.49 40.08
CA ASP B 279 44.59 -8.71 40.71
C ASP B 279 45.45 -8.32 41.91
N ARG B 280 46.06 -7.14 41.89
CA ARG B 280 47.04 -6.70 42.91
C ARG B 280 46.31 -6.07 44.10
N GLN B 281 44.97 -5.95 44.08
CA GLN B 281 44.21 -5.21 45.12
C GLN B 281 43.49 -6.17 46.05
N PRO B 282 43.22 -5.78 47.32
CA PRO B 282 42.49 -6.62 48.25
C PRO B 282 41.01 -6.82 47.86
N SER B 283 40.45 -7.97 48.22
CA SER B 283 39.01 -8.33 48.12
C SER B 283 38.11 -7.14 48.48
N GLY B 284 37.16 -6.82 47.60
CA GLY B 284 36.07 -5.83 47.80
C GLY B 284 36.56 -4.41 48.03
N SER B 285 37.74 -4.03 47.53
CA SER B 285 38.42 -2.76 47.87
C SER B 285 38.31 -1.72 46.75
N VAL B 286 37.96 -2.12 45.53
CA VAL B 286 37.95 -1.17 44.36
C VAL B 286 36.52 -0.76 43.98
N LEU B 287 36.33 0.54 43.79
CA LEU B 287 35.10 1.14 43.24
C LEU B 287 35.25 1.24 41.74
N PHE B 288 34.43 0.49 41.02
CA PHE B 288 34.33 0.63 39.55
C PHE B 288 33.42 1.84 39.27
N VAL B 289 33.87 2.76 38.43
CA VAL B 289 33.14 4.00 38.05
C VAL B 289 32.99 3.98 36.53
N SER B 290 31.75 3.92 36.02
CA SER B 290 31.44 3.92 34.57
C SER B 290 30.08 4.57 34.29
N PHE B 291 30.08 5.61 33.45
CA PHE B 291 28.86 6.26 32.90
C PHE B 291 28.53 5.79 31.47
N GLY B 292 29.31 4.87 30.90
CA GLY B 292 29.05 4.29 29.58
C GLY B 292 29.12 5.33 28.46
N SER B 293 28.84 4.88 27.22
CA SER B 293 29.11 5.60 25.96
C SER B 293 28.28 6.89 25.87
N GLY B 294 26.96 6.77 26.04
CA GLY B 294 25.98 7.83 25.70
C GLY B 294 25.79 8.84 26.82
N GLY B 295 26.27 8.50 28.02
CA GLY B 295 26.23 9.39 29.20
C GLY B 295 27.31 10.45 29.13
N THR B 296 26.91 11.70 28.88
CA THR B 296 27.80 12.89 28.80
C THR B 296 27.63 13.77 30.06
N LEU B 297 28.75 14.08 30.71
CA LEU B 297 28.88 14.92 31.92
C LEU B 297 29.64 16.21 31.58
N SER B 298 29.32 17.34 32.20
CA SER B 298 30.06 18.62 32.02
C SER B 298 31.52 18.44 32.48
N ASN B 299 32.46 19.15 31.84
CA ASN B 299 33.87 19.17 32.27
C ASN B 299 33.95 19.58 33.74
N GLU B 300 33.10 20.53 34.17
CA GLU B 300 33.09 21.00 35.57
C GLU B 300 32.76 19.81 36.49
N GLN B 301 31.83 18.93 36.09
CA GLN B 301 31.30 17.84 36.96
C GLN B 301 32.29 16.67 37.01
N LEU B 302 32.96 16.38 35.88
CA LEU B 302 34.08 15.40 35.79
C LEU B 302 35.18 15.80 36.78
N ASN B 303 35.62 17.07 36.76
CA ASN B 303 36.67 17.62 37.66
C ASN B 303 36.26 17.49 39.12
N GLU B 304 34.98 17.70 39.46
CA GLU B 304 34.45 17.52 40.82
C GLU B 304 34.50 16.02 41.20
N LEU B 305 34.17 15.16 40.24
CA LEU B 305 34.17 13.69 40.44
C LEU B 305 35.58 13.24 40.76
N ALA B 306 36.58 13.75 40.02
CA ALA B 306 38.01 13.41 40.18
C ALA B 306 38.45 13.74 41.62
N ILE B 307 38.37 15.01 42.01
CA ILE B 307 38.74 15.47 43.38
C ILE B 307 37.97 14.65 44.42
N GLY B 308 36.69 14.36 44.16
CA GLY B 308 35.87 13.56 45.09
C GLY B 308 36.44 12.16 45.28
N LEU B 309 36.83 11.50 44.18
CA LEU B 309 37.40 10.13 44.24
C LEU B 309 38.74 10.18 44.98
N GLU B 310 39.60 11.15 44.65
CA GLU B 310 40.92 11.38 45.28
C GLU B 310 40.76 11.51 46.80
N ILE B 311 39.93 12.44 47.26
CA ILE B 311 39.82 12.75 48.71
C ILE B 311 39.02 11.66 49.43
N SER B 312 38.36 10.73 48.73
CA SER B 312 37.65 9.58 49.37
C SER B 312 38.68 8.68 50.04
N GLY B 313 39.90 8.65 49.52
CA GLY B 313 40.98 7.77 49.99
C GLY B 313 40.82 6.33 49.54
N HIS B 314 39.77 5.96 48.79
CA HIS B 314 39.55 4.56 48.36
C HIS B 314 40.25 4.27 47.03
N ARG B 315 40.37 2.98 46.70
CA ARG B 315 40.87 2.52 45.37
C ARG B 315 39.72 2.58 44.38
N PHE B 316 39.98 3.05 43.16
CA PHE B 316 38.90 3.22 42.14
C PHE B 316 39.47 2.95 40.75
N LEU B 317 38.60 2.45 39.87
CA LEU B 317 38.89 2.17 38.45
C LEU B 317 37.83 2.94 37.67
N TRP B 318 38.26 3.95 36.94
CA TRP B 318 37.35 4.96 36.37
C TRP B 318 37.52 4.96 34.86
N VAL B 319 36.45 4.62 34.14
CA VAL B 319 36.36 4.74 32.66
C VAL B 319 35.72 6.08 32.31
N VAL B 320 36.39 6.92 31.51
CA VAL B 320 35.71 7.92 30.61
C VAL B 320 35.98 7.52 29.16
N PHE B 342 39.34 12.86 27.79
CA PHE B 342 40.66 12.33 28.25
C PHE B 342 41.39 13.35 29.15
N GLY B 343 41.73 14.51 28.57
CA GLY B 343 42.62 15.54 29.14
C GLY B 343 41.88 16.80 29.54
N PHE B 344 40.69 16.64 30.13
CA PHE B 344 39.87 17.70 30.79
C PHE B 344 40.33 17.95 32.24
N LEU B 345 41.37 17.26 32.70
CA LEU B 345 41.72 17.16 34.15
C LEU B 345 42.59 18.33 34.56
N PRO B 346 42.70 18.59 35.89
CA PRO B 346 43.77 19.43 36.42
C PRO B 346 45.11 18.92 35.89
N THR B 347 45.95 19.79 35.32
CA THR B 347 47.23 19.36 34.73
C THR B 347 48.08 18.84 35.91
N GLY B 348 48.67 17.66 35.76
CA GLY B 348 49.46 16.99 36.80
C GLY B 348 48.65 15.98 37.62
N PHE B 349 47.31 15.95 37.49
CA PHE B 349 46.38 15.11 38.31
C PHE B 349 46.69 13.61 38.13
N VAL B 350 46.79 13.17 36.87
CA VAL B 350 47.06 11.76 36.48
C VAL B 350 48.13 11.17 37.40
N ASP B 351 49.23 11.91 37.63
CA ASP B 351 50.45 11.42 38.31
C ASP B 351 50.21 11.25 39.82
N ARG B 352 49.63 12.27 40.47
CA ARG B 352 49.35 12.34 41.94
C ARG B 352 48.70 11.06 42.48
N ILE B 353 47.81 10.43 41.70
CA ILE B 353 46.89 9.34 42.14
C ILE B 353 47.23 8.02 41.43
N LYS B 354 48.46 7.87 40.94
CA LYS B 354 49.01 6.63 40.33
C LYS B 354 48.80 5.40 41.24
N ASP B 355 48.95 5.55 42.56
CA ASP B 355 49.04 4.44 43.55
C ASP B 355 47.74 3.64 43.75
N ARG B 356 46.58 4.31 43.79
CA ARG B 356 45.32 3.72 44.35
C ARG B 356 44.16 3.79 43.36
N GLY B 357 44.28 4.60 42.30
CA GLY B 357 43.26 4.75 41.26
C GLY B 357 43.86 4.48 39.89
N LEU B 358 43.09 3.86 39.02
CA LEU B 358 43.48 3.60 37.61
C LEU B 358 42.45 4.28 36.71
N LEU B 359 42.91 5.11 35.79
CA LEU B 359 42.06 5.75 34.75
C LEU B 359 42.16 4.94 33.48
N VAL B 360 41.01 4.58 32.89
CA VAL B 360 40.96 3.81 31.63
C VAL B 360 40.26 4.68 30.59
N PRO B 361 40.91 4.97 29.46
CA PRO B 361 40.27 5.70 28.37
C PRO B 361 39.20 4.85 27.69
N SER B 362 38.04 5.45 27.42
CA SER B 362 36.98 4.95 26.51
C SER B 362 36.28 3.69 27.04
N TRP B 363 37.01 2.62 27.40
CA TRP B 363 36.43 1.25 27.47
C TRP B 363 37.16 0.37 28.49
N ALA B 364 36.41 -0.46 29.23
CA ALA B 364 36.92 -1.52 30.14
C ALA B 364 36.12 -2.79 29.94
N PRO B 365 36.66 -3.99 30.24
CA PRO B 365 35.88 -5.21 30.14
C PRO B 365 34.93 -5.30 31.34
N GLN B 366 33.77 -4.64 31.26
CA GLN B 366 32.84 -4.44 32.41
C GLN B 366 32.52 -5.78 33.09
N ILE B 367 32.16 -6.81 32.33
CA ILE B 367 31.71 -8.09 32.93
C ILE B 367 32.86 -8.66 33.78
N LYS B 368 34.10 -8.57 33.26
CA LYS B 368 35.31 -9.15 33.89
C LYS B 368 35.64 -8.36 35.14
N VAL B 369 35.57 -7.02 35.07
CA VAL B 369 35.76 -6.12 36.25
C VAL B 369 34.74 -6.46 37.33
N LEU B 370 33.45 -6.52 36.99
CA LEU B 370 32.36 -6.67 37.99
C LEU B 370 32.40 -8.06 38.64
N SER B 371 32.89 -9.08 37.93
CA SER B 371 32.96 -10.48 38.44
C SER B 371 34.27 -10.73 39.20
N HIS B 372 35.19 -9.75 39.23
CA HIS B 372 36.47 -9.82 39.98
C HIS B 372 36.23 -9.57 41.47
N GLY B 373 36.98 -10.28 42.33
CA GLY B 373 36.85 -10.25 43.81
C GLY B 373 37.36 -8.95 44.41
N SER B 374 38.24 -8.24 43.71
CA SER B 374 38.76 -6.91 44.13
C SER B 374 37.66 -5.86 44.09
N THR B 375 36.60 -6.07 43.28
CA THR B 375 35.56 -5.05 42.99
C THR B 375 34.54 -5.03 44.12
N GLY B 376 34.44 -3.90 44.82
CA GLY B 376 33.56 -3.74 46.01
C GLY B 376 32.31 -2.95 45.69
N GLY B 377 32.35 -2.10 44.66
CA GLY B 377 31.23 -1.21 44.35
C GLY B 377 31.27 -0.73 42.92
N PHE B 378 30.15 -0.17 42.49
CA PHE B 378 29.91 0.26 41.09
C PHE B 378 29.17 1.60 41.13
N LEU B 379 29.83 2.67 40.75
CA LEU B 379 29.20 3.99 40.48
C LEU B 379 28.74 3.94 39.02
N THR B 380 27.43 3.73 38.80
CA THR B 380 26.81 3.44 37.49
C THR B 380 25.76 4.51 37.15
N HIS B 381 25.46 4.64 35.87
CA HIS B 381 24.36 5.50 35.36
C HIS B 381 23.04 4.73 35.37
N CYS B 382 23.00 3.47 35.81
CA CYS B 382 21.77 2.64 36.00
C CYS B 382 21.13 2.17 34.71
N GLY B 383 21.87 2.14 33.61
CA GLY B 383 21.45 1.31 32.47
C GLY B 383 21.12 -0.09 32.97
N TRP B 384 20.06 -0.72 32.46
CA TRP B 384 19.56 -2.00 32.99
C TRP B 384 20.57 -3.13 32.75
N ASN B 385 21.33 -3.10 31.66
CA ASN B 385 22.30 -4.20 31.35
C ASN B 385 23.42 -4.15 32.39
N SER B 386 23.92 -2.95 32.67
CA SER B 386 24.96 -2.70 33.70
C SER B 386 24.41 -3.12 35.06
N THR B 387 23.18 -2.71 35.38
CA THR B 387 22.51 -3.03 36.66
C THR B 387 22.42 -4.55 36.80
N LEU B 388 22.01 -5.28 35.76
CA LEU B 388 21.84 -6.75 35.86
C LEU B 388 23.22 -7.41 36.09
N GLU B 389 24.24 -6.98 35.36
CA GLU B 389 25.62 -7.53 35.49
C GLU B 389 26.07 -7.39 36.96
N SER B 390 25.82 -6.23 37.54
CA SER B 390 26.13 -5.89 38.96
C SER B 390 25.30 -6.80 39.89
N ILE B 391 24.02 -6.97 39.60
CA ILE B 391 23.12 -7.86 40.40
C ILE B 391 23.68 -9.28 40.37
N VAL B 392 24.01 -9.85 39.22
CA VAL B 392 24.36 -11.31 39.22
C VAL B 392 25.72 -11.50 39.90
N ASN B 393 26.54 -10.46 40.04
CA ASN B 393 27.87 -10.55 40.73
C ASN B 393 27.84 -9.95 42.16
N GLY B 394 26.68 -9.73 42.76
CA GLY B 394 26.52 -9.21 44.15
C GLY B 394 27.19 -7.85 44.41
N VAL B 395 27.51 -7.05 43.41
CA VAL B 395 28.19 -5.74 43.60
C VAL B 395 27.14 -4.64 43.83
N PRO B 396 27.13 -4.00 45.02
CA PRO B 396 26.20 -2.91 45.33
C PRO B 396 26.63 -1.62 44.63
N LEU B 397 25.75 -0.64 44.54
CA LEU B 397 26.10 0.51 43.68
C LEU B 397 25.78 1.84 44.32
N ILE B 398 26.41 2.86 43.77
CA ILE B 398 25.96 4.28 43.82
C ILE B 398 25.32 4.59 42.47
N VAL B 399 24.06 4.98 42.48
CA VAL B 399 23.28 5.34 41.27
C VAL B 399 23.47 6.83 40.97
N TRP B 400 23.78 7.13 39.71
CA TRP B 400 23.97 8.49 39.16
C TRP B 400 23.28 8.52 37.79
N PRO B 401 21.94 8.51 37.76
CA PRO B 401 21.21 8.33 36.50
C PRO B 401 21.38 9.53 35.57
N LEU B 402 21.41 9.32 34.26
CA LEU B 402 21.66 10.39 33.24
C LEU B 402 20.50 10.54 32.26
N TYR B 403 19.91 9.47 31.74
CA TYR B 403 18.96 9.58 30.59
C TYR B 403 18.09 8.32 30.46
N ALA B 404 17.26 8.26 29.42
CA ALA B 404 16.33 7.14 29.14
C ALA B 404 15.47 6.89 30.39
N GLU B 405 15.45 5.68 30.91
CA GLU B 405 14.60 5.42 32.09
C GLU B 405 15.49 5.17 33.30
N GLN B 406 16.67 5.79 33.31
CA GLN B 406 17.68 5.57 34.37
C GLN B 406 17.20 6.17 35.70
N ARG B 407 16.53 7.33 35.70
CA ARG B 407 16.05 7.98 36.95
C ARG B 407 15.04 7.05 37.64
N MET B 408 14.22 6.38 36.86
CA MET B 408 13.21 5.42 37.38
C MET B 408 13.96 4.19 37.92
N ASN B 409 15.05 3.77 37.27
CA ASN B 409 15.84 2.59 37.74
C ASN B 409 16.49 2.94 39.08
N ALA B 410 17.02 4.16 39.22
CA ALA B 410 17.70 4.64 40.45
C ALA B 410 16.71 4.57 41.61
N VAL B 411 15.47 5.04 41.41
CA VAL B 411 14.45 5.08 42.49
C VAL B 411 14.15 3.65 42.90
N MET B 412 14.00 2.75 41.93
CA MET B 412 13.73 1.31 42.20
C MET B 412 14.91 0.67 42.97
N LEU B 413 16.14 0.97 42.57
CA LEU B 413 17.37 0.36 43.15
C LEU B 413 17.63 0.96 44.54
N ASN B 414 17.39 2.25 44.71
CA ASN B 414 17.71 3.03 45.93
C ASN B 414 16.65 2.83 47.01
N GLN B 415 15.36 2.96 46.69
CA GLN B 415 14.25 2.96 47.70
C GLN B 415 13.51 1.62 47.73
N GLY B 416 13.46 0.88 46.62
CA GLY B 416 12.72 -0.40 46.53
C GLY B 416 13.57 -1.57 46.98
N LEU B 417 14.67 -1.85 46.30
CA LEU B 417 15.55 -2.99 46.59
C LEU B 417 16.56 -2.63 47.68
N LYS B 418 16.90 -1.34 47.81
CA LYS B 418 17.83 -0.80 48.85
C LYS B 418 19.23 -1.40 48.68
N VAL B 419 19.66 -1.58 47.43
CA VAL B 419 20.98 -2.16 47.03
C VAL B 419 21.86 -1.05 46.44
N ALA B 420 21.40 0.20 46.54
CA ALA B 420 22.09 1.39 45.98
C ALA B 420 22.02 2.59 46.93
N LEU B 421 23.10 3.35 46.96
CA LEU B 421 23.18 4.68 47.61
C LEU B 421 23.12 5.73 46.51
N ARG B 422 23.10 7.01 46.89
CA ARG B 422 22.81 8.17 46.03
C ARG B 422 23.46 9.41 46.62
N PRO B 423 24.29 10.17 45.89
CA PRO B 423 24.71 11.50 46.33
C PRO B 423 23.53 12.48 46.31
N ASN B 424 23.64 13.60 47.05
CA ASN B 424 22.76 14.79 46.91
C ASN B 424 23.44 15.82 46.02
N ALA B 425 22.76 16.32 44.99
CA ALA B 425 23.23 17.48 44.17
C ALA B 425 23.07 18.76 45.00
N SER B 426 23.93 19.76 44.77
CA SER B 426 23.75 21.14 45.29
C SER B 426 22.66 21.83 44.46
N GLN B 427 22.24 23.02 44.90
CA GLN B 427 21.08 23.77 44.31
C GLN B 427 21.23 23.82 42.78
N ARG B 428 22.43 24.17 42.31
CA ARG B 428 22.80 24.46 40.90
C ARG B 428 22.71 23.20 40.00
N GLY B 429 22.68 21.99 40.57
CA GLY B 429 22.55 20.71 39.83
C GLY B 429 23.84 19.91 39.83
N LEU B 430 24.92 20.48 40.37
CA LEU B 430 26.29 19.91 40.43
C LEU B 430 26.45 19.03 41.67
N VAL B 431 26.98 17.82 41.53
CA VAL B 431 27.35 16.95 42.69
C VAL B 431 28.78 17.31 43.08
N GLU B 432 28.98 17.76 44.32
CA GLU B 432 30.25 18.40 44.76
C GLU B 432 31.17 17.33 45.34
N ALA B 433 32.49 17.52 45.18
CA ALA B 433 33.55 16.57 45.59
C ALA B 433 33.28 16.04 47.01
N ASP B 434 33.01 16.91 47.97
CA ASP B 434 32.87 16.50 49.40
C ASP B 434 31.71 15.50 49.52
N GLU B 435 30.64 15.67 48.72
CA GLU B 435 29.44 14.78 48.77
C GLU B 435 29.78 13.45 48.07
N ILE B 436 30.55 13.48 46.99
CA ILE B 436 31.01 12.27 46.25
C ILE B 436 31.84 11.40 47.20
N ALA B 437 32.84 12.01 47.84
CA ALA B 437 33.69 11.37 48.89
C ALA B 437 32.80 10.77 49.98
N ARG B 438 31.83 11.53 50.50
CA ARG B 438 30.97 11.02 51.60
C ARG B 438 30.33 9.70 51.10
N VAL B 439 29.70 9.70 49.93
CA VAL B 439 28.86 8.54 49.53
C VAL B 439 29.75 7.38 49.07
N VAL B 440 30.91 7.66 48.45
CA VAL B 440 31.93 6.61 48.15
C VAL B 440 32.32 5.88 49.46
N LYS B 441 32.70 6.63 50.50
CA LYS B 441 33.07 6.10 51.84
C LYS B 441 31.87 5.31 52.39
N GLU B 442 30.66 5.85 52.27
CA GLU B 442 29.45 5.17 52.82
C GLU B 442 29.33 3.79 52.13
N LEU B 443 29.59 3.69 50.82
CA LEU B 443 29.43 2.43 50.09
C LEU B 443 30.53 1.45 50.47
N MET B 444 31.79 1.89 50.36
CA MET B 444 32.96 0.98 50.42
C MET B 444 33.23 0.52 51.86
N ASP B 445 32.95 1.32 52.89
CA ASP B 445 33.31 0.92 54.28
C ASP B 445 32.18 1.19 55.29
N GLY B 446 31.16 2.01 54.97
CA GLY B 446 30.10 2.42 55.91
C GLY B 446 29.01 1.38 56.12
N ASP B 447 28.07 1.67 57.03
CA ASP B 447 26.96 0.77 57.47
C ASP B 447 25.96 0.59 56.33
N GLU B 448 25.55 1.70 55.71
CA GLU B 448 24.60 1.70 54.56
C GLU B 448 25.19 0.83 53.44
N GLY B 449 26.50 0.95 53.17
CA GLY B 449 27.22 0.09 52.21
C GLY B 449 27.04 -1.39 52.56
N LYS B 450 27.23 -1.74 53.83
CA LYS B 450 27.18 -3.15 54.27
C LYS B 450 25.75 -3.68 54.12
N LYS B 451 24.73 -2.87 54.41
CA LYS B 451 23.30 -3.29 54.30
C LYS B 451 22.98 -3.51 52.81
N ALA B 452 23.50 -2.63 51.95
CA ALA B 452 23.31 -2.69 50.48
C ALA B 452 24.01 -3.94 49.94
N ARG B 453 25.26 -4.19 50.34
CA ARG B 453 26.07 -5.38 49.93
C ARG B 453 25.32 -6.66 50.29
N TYR B 454 24.71 -6.72 51.48
CA TYR B 454 24.00 -7.92 51.98
C TYR B 454 22.81 -8.17 51.04
N LYS B 455 21.99 -7.15 50.83
CA LYS B 455 20.73 -7.24 50.04
C LYS B 455 21.08 -7.60 48.59
N MET B 456 22.22 -7.11 48.09
CA MET B 456 22.63 -7.31 46.68
C MET B 456 23.15 -8.74 46.52
N ARG B 457 23.80 -9.28 47.56
CA ARG B 457 24.28 -10.69 47.59
C ARG B 457 23.05 -11.61 47.60
N GLU B 458 21.98 -11.23 48.29
CA GLU B 458 20.70 -12.00 48.32
C GLU B 458 20.11 -12.02 46.90
N LEU B 459 20.05 -10.88 46.23
CA LEU B 459 19.52 -10.83 44.84
C LEU B 459 20.41 -11.66 43.93
N SER B 460 21.74 -11.60 44.12
CA SER B 460 22.72 -12.46 43.40
C SER B 460 22.35 -13.95 43.50
N ASP B 461 21.91 -14.40 44.69
CA ASP B 461 21.62 -15.83 44.96
C ASP B 461 20.28 -16.20 44.31
N SER B 462 19.30 -15.28 44.31
CA SER B 462 18.01 -15.51 43.60
C SER B 462 18.27 -15.62 42.10
N ALA B 463 19.16 -14.77 41.57
CA ALA B 463 19.50 -14.70 40.13
C ALA B 463 20.04 -16.05 39.70
N LYS B 464 21.04 -16.58 40.42
CA LYS B 464 21.70 -17.89 40.13
C LYS B 464 20.64 -18.99 40.10
N ARG B 465 19.78 -19.04 41.13
CA ARG B 465 18.70 -20.04 41.31
C ARG B 465 17.72 -19.97 40.12
N VAL B 466 17.16 -18.80 39.79
CA VAL B 466 16.07 -18.68 38.75
C VAL B 466 16.60 -18.95 37.33
N THR B 467 17.93 -18.92 37.12
CA THR B 467 18.59 -19.15 35.80
C THR B 467 19.27 -20.53 35.76
N SER B 468 19.14 -21.34 36.80
CA SER B 468 19.71 -22.71 36.87
C SER B 468 18.74 -23.65 36.16
N GLU B 469 19.14 -24.91 35.96
CA GLU B 469 18.46 -25.92 35.11
C GLU B 469 16.95 -25.94 35.40
N ASN B 470 16.52 -25.84 36.67
CA ASN B 470 15.10 -25.98 37.08
C ASN B 470 14.49 -24.65 37.51
N GLY B 471 15.20 -23.52 37.33
CA GLY B 471 14.79 -22.18 37.82
C GLY B 471 13.56 -21.63 37.09
N GLU B 472 12.84 -20.70 37.73
CA GLU B 472 11.55 -20.15 37.21
C GLU B 472 11.80 -19.52 35.82
N SER B 473 12.94 -18.85 35.61
CA SER B 473 13.26 -18.12 34.35
C SER B 473 13.57 -19.10 33.21
N THR B 474 14.49 -20.03 33.43
CA THR B 474 14.82 -21.14 32.49
C THR B 474 13.55 -21.89 32.05
N LYS B 475 12.70 -22.23 33.02
CA LYS B 475 11.49 -23.08 32.80
C LYS B 475 10.48 -22.31 31.94
N LEU B 476 10.19 -21.06 32.29
CA LEU B 476 9.15 -20.25 31.61
C LEU B 476 9.55 -20.06 30.14
N LEU B 477 10.82 -19.80 29.84
CA LEU B 477 11.25 -19.56 28.44
C LEU B 477 11.10 -20.86 27.66
N SER B 478 11.57 -21.97 28.23
CA SER B 478 11.39 -23.35 27.70
C SER B 478 9.92 -23.58 27.37
N GLU B 479 9.02 -23.24 28.28
CA GLU B 479 7.55 -23.40 28.10
C GLU B 479 7.09 -22.63 26.85
N VAL B 480 7.54 -21.40 26.63
CA VAL B 480 7.05 -20.52 25.52
C VAL B 480 7.70 -20.96 24.20
N ALA B 481 8.99 -21.28 24.22
CA ALA B 481 9.78 -21.76 23.05
C ALA B 481 9.22 -23.07 22.50
N SER B 482 8.81 -23.99 23.37
CA SER B 482 8.32 -25.33 22.98
C SER B 482 7.07 -25.19 22.11
N LYS B 483 6.21 -24.21 22.39
CA LYS B 483 5.01 -23.87 21.58
C LYS B 483 5.41 -23.52 20.14
N TRP B 484 6.59 -22.91 19.93
CA TRP B 484 7.13 -22.59 18.57
C TRP B 484 7.66 -23.86 17.90
N SER B 485 8.32 -24.75 18.66
CA SER B 485 9.05 -25.95 18.18
C SER B 485 8.21 -26.82 17.24
N GLN B 486 6.89 -26.92 17.48
CA GLN B 486 5.90 -27.70 16.67
C GLN B 486 6.22 -27.59 15.17
N MET C 21 5.76 29.13 -21.02
CA MET C 21 6.67 30.02 -20.15
C MET C 21 6.30 29.95 -18.65
N GLU C 22 5.02 30.07 -18.31
CA GLU C 22 4.45 29.66 -16.98
C GLU C 22 4.26 28.13 -17.01
N MET C 23 4.72 27.38 -15.99
CA MET C 23 4.43 25.92 -15.85
C MET C 23 3.03 25.77 -15.23
N GLU C 24 2.12 25.15 -15.97
CA GLU C 24 0.71 24.89 -15.55
C GLU C 24 0.58 23.38 -15.21
N ALA C 25 -0.11 23.04 -14.11
CA ALA C 25 -0.47 21.65 -13.77
C ALA C 25 -1.56 21.13 -14.71
N PRO C 26 -1.63 19.81 -14.95
CA PRO C 26 -2.72 19.21 -15.71
C PRO C 26 -4.08 19.71 -15.20
N LEU C 27 -5.05 19.87 -16.10
CA LEU C 27 -6.39 20.39 -15.77
C LEU C 27 -7.39 19.24 -15.69
N ILE C 28 -8.19 19.24 -14.65
CA ILE C 28 -9.42 18.40 -14.52
C ILE C 28 -10.61 19.35 -14.64
N VAL C 29 -11.56 19.02 -15.50
CA VAL C 29 -12.80 19.82 -15.67
C VAL C 29 -13.91 19.08 -14.94
N ILE C 30 -14.66 19.78 -14.10
CA ILE C 30 -15.80 19.21 -13.33
C ILE C 30 -17.07 19.97 -13.71
N VAL C 31 -18.10 19.26 -14.16
CA VAL C 31 -19.39 19.85 -14.55
C VAL C 31 -20.47 19.32 -13.61
N PRO C 32 -20.77 20.08 -12.54
CA PRO C 32 -21.84 19.74 -11.63
C PRO C 32 -23.20 20.06 -12.25
N SER C 33 -24.17 19.19 -11.99
CA SER C 33 -25.61 19.47 -12.18
C SER C 33 -25.97 20.68 -11.33
N PRO C 34 -26.96 21.49 -11.72
CA PRO C 34 -27.29 22.69 -10.94
C PRO C 34 -27.95 22.30 -9.61
N GLY C 35 -27.70 23.06 -8.54
CA GLY C 35 -28.26 22.79 -7.21
C GLY C 35 -27.19 22.40 -6.21
N MET C 36 -27.39 22.75 -4.95
CA MET C 36 -26.32 22.81 -3.92
C MET C 36 -25.90 21.39 -3.54
N GLY C 37 -26.80 20.42 -3.62
CA GLY C 37 -26.53 19.03 -3.19
C GLY C 37 -25.85 18.22 -4.28
N HIS C 38 -25.75 18.84 -5.47
CA HIS C 38 -24.89 18.39 -6.59
C HIS C 38 -23.55 19.12 -6.50
N LEU C 39 -23.54 20.43 -6.21
CA LEU C 39 -22.31 21.26 -6.21
C LEU C 39 -21.37 20.93 -5.04
N ILE C 40 -21.89 20.81 -3.83
CA ILE C 40 -21.04 20.71 -2.60
C ILE C 40 -20.18 19.44 -2.68
N PRO C 41 -20.75 18.26 -2.93
CA PRO C 41 -19.91 17.05 -3.06
C PRO C 41 -18.83 17.20 -4.13
N LEU C 42 -19.16 17.78 -5.31
CA LEU C 42 -18.18 17.93 -6.42
C LEU C 42 -17.14 18.99 -6.07
N VAL C 43 -17.52 20.04 -5.34
CA VAL C 43 -16.53 21.02 -4.80
C VAL C 43 -15.60 20.28 -3.83
N GLU C 44 -16.14 19.36 -3.02
CA GLU C 44 -15.31 18.62 -2.03
C GLU C 44 -14.31 17.75 -2.76
N PHE C 45 -14.76 17.03 -3.79
CA PHE C 45 -13.87 16.15 -4.62
C PHE C 45 -12.77 17.04 -5.22
N ALA C 46 -13.16 18.24 -5.71
CA ALA C 46 -12.23 19.25 -6.27
C ALA C 46 -11.15 19.58 -5.24
N LYS C 47 -11.52 19.91 -3.99
CA LYS C 47 -10.52 20.30 -2.94
C LYS C 47 -9.57 19.14 -2.64
N VAL C 48 -10.09 17.91 -2.72
CA VAL C 48 -9.31 16.65 -2.50
C VAL C 48 -8.30 16.49 -3.65
N LEU C 49 -8.75 16.58 -4.90
CA LEU C 49 -7.88 16.37 -6.10
C LEU C 49 -6.68 17.34 -6.06
N VAL C 50 -6.91 18.62 -5.72
CA VAL C 50 -5.88 19.69 -5.76
C VAL C 50 -4.98 19.68 -4.52
N SER C 51 -5.46 19.23 -3.35
CA SER C 51 -4.63 19.06 -2.11
C SER C 51 -3.68 17.88 -2.28
N ARG C 52 -4.18 16.71 -2.68
CA ARG C 52 -3.43 15.42 -2.63
C ARG C 52 -2.57 15.21 -3.89
N PHE C 53 -2.83 15.93 -4.98
CA PHE C 53 -2.12 15.72 -6.28
C PHE C 53 -1.83 17.06 -6.94
N HIS C 54 -1.01 17.00 -8.00
CA HIS C 54 -0.58 18.20 -8.77
C HIS C 54 -1.54 18.35 -9.96
N PHE C 55 -2.75 18.85 -9.67
CA PHE C 55 -3.83 19.16 -10.63
C PHE C 55 -4.39 20.54 -10.32
N SER C 56 -4.88 21.23 -11.34
CA SER C 56 -5.81 22.38 -11.22
C SER C 56 -7.18 21.87 -11.67
N VAL C 57 -8.23 22.57 -11.25
CA VAL C 57 -9.62 22.19 -11.55
C VAL C 57 -10.36 23.43 -12.07
N SER C 58 -11.14 23.25 -13.12
CA SER C 58 -12.08 24.26 -13.66
C SER C 58 -13.51 23.70 -13.55
N LEU C 59 -14.34 24.35 -12.75
CA LEU C 59 -15.75 23.99 -12.58
C LEU C 59 -16.54 24.77 -13.64
N LEU C 60 -17.26 24.06 -14.52
CA LEU C 60 -18.23 24.71 -15.43
C LEU C 60 -19.62 24.46 -14.88
N LEU C 61 -20.35 25.54 -14.57
CA LEU C 61 -21.64 25.42 -13.88
C LEU C 61 -22.80 25.79 -14.79
N PRO C 62 -23.56 24.81 -15.31
CA PRO C 62 -24.83 25.10 -15.95
C PRO C 62 -25.76 25.65 -14.87
N THR C 63 -26.68 26.52 -15.26
CA THR C 63 -27.61 27.23 -14.35
C THR C 63 -29.02 27.32 -14.96
N THR C 64 -30.02 27.12 -14.11
CA THR C 64 -31.46 27.35 -14.33
C THR C 64 -31.78 28.84 -14.08
N ALA C 65 -30.89 29.54 -13.36
CA ALA C 65 -31.09 30.89 -12.78
C ALA C 65 -29.74 31.55 -12.50
N GLN C 66 -29.72 32.88 -12.36
CA GLN C 66 -28.50 33.68 -12.04
C GLN C 66 -27.89 33.09 -10.76
N PRO C 67 -26.56 33.15 -10.60
CA PRO C 67 -25.90 32.71 -9.37
C PRO C 67 -26.59 33.16 -8.07
N THR C 68 -26.69 32.27 -7.07
CA THR C 68 -27.04 32.58 -5.64
C THR C 68 -25.85 33.31 -5.00
N LYS C 69 -26.10 34.01 -3.91
CA LYS C 69 -25.04 34.59 -3.03
C LYS C 69 -24.31 33.43 -2.33
N ALA C 70 -25.04 32.35 -1.99
CA ALA C 70 -24.53 31.06 -1.46
C ALA C 70 -23.54 30.39 -2.41
N GLN C 71 -23.85 30.31 -3.71
CA GLN C 71 -22.95 29.72 -4.74
C GLN C 71 -21.67 30.55 -4.82
N THR C 72 -21.81 31.87 -4.98
CA THR C 72 -20.70 32.87 -5.14
C THR C 72 -19.76 32.80 -3.92
N THR C 73 -20.32 32.78 -2.71
CA THR C 73 -19.54 32.69 -1.45
C THR C 73 -18.69 31.41 -1.47
N LEU C 74 -19.32 30.27 -1.72
CA LEU C 74 -18.66 28.94 -1.73
C LEU C 74 -17.57 28.90 -2.81
N LEU C 75 -17.87 29.37 -4.01
CA LEU C 75 -16.96 29.26 -5.17
C LEU C 75 -15.76 30.21 -5.01
N ASN C 76 -15.96 31.41 -4.43
CA ASN C 76 -14.88 32.44 -4.30
C ASN C 76 -13.98 32.08 -3.11
N SER C 77 -14.41 31.16 -2.25
CA SER C 77 -13.71 30.69 -1.03
C SER C 77 -12.78 29.50 -1.31
N LEU C 78 -12.71 28.99 -2.54
CA LEU C 78 -11.92 27.76 -2.87
C LEU C 78 -10.46 28.13 -3.04
N PRO C 79 -9.53 27.14 -3.01
CA PRO C 79 -8.12 27.41 -3.29
C PRO C 79 -7.96 27.96 -4.70
N SER C 80 -6.84 28.60 -5.00
CA SER C 80 -6.62 29.30 -6.29
C SER C 80 -6.52 28.27 -7.41
N SER C 81 -6.09 27.04 -7.10
CA SER C 81 -5.96 25.90 -8.05
C SER C 81 -7.33 25.49 -8.63
N VAL C 82 -8.44 25.96 -8.05
CA VAL C 82 -9.83 25.69 -8.52
C VAL C 82 -10.44 26.98 -9.05
N SER C 83 -10.48 27.13 -10.37
CA SER C 83 -11.25 28.19 -11.08
C SER C 83 -12.70 27.73 -11.29
N HIS C 84 -13.61 28.64 -11.57
CA HIS C 84 -15.05 28.34 -11.82
C HIS C 84 -15.58 29.26 -12.95
N ASN C 85 -16.66 28.86 -13.63
CA ASN C 85 -17.22 29.59 -14.79
C ASN C 85 -18.70 29.23 -14.93
N PHE C 86 -19.59 30.19 -14.66
CA PHE C 86 -21.04 30.00 -14.80
C PHE C 86 -21.35 30.08 -16.29
N LEU C 87 -22.16 29.16 -16.78
CA LEU C 87 -22.50 29.09 -18.21
C LEU C 87 -23.71 29.97 -18.41
N PRO C 88 -23.97 30.44 -19.65
CA PRO C 88 -25.23 31.12 -19.94
C PRO C 88 -26.39 30.44 -19.23
N THR C 89 -27.21 31.22 -18.54
CA THR C 89 -28.53 30.81 -18.00
C THR C 89 -29.38 30.22 -19.12
N VAL C 90 -30.06 29.10 -18.88
CA VAL C 90 -31.20 28.64 -19.72
C VAL C 90 -32.41 29.48 -19.30
N ASP C 91 -33.16 30.02 -20.26
CA ASP C 91 -34.42 30.76 -20.01
C ASP C 91 -35.51 29.79 -19.51
N PRO C 92 -36.32 30.19 -18.50
CA PRO C 92 -37.42 29.35 -18.00
C PRO C 92 -38.53 29.03 -19.02
N ALA C 93 -38.47 29.60 -20.23
CA ALA C 93 -39.33 29.22 -21.38
C ALA C 93 -38.93 27.85 -21.92
N HIS C 94 -37.66 27.45 -21.75
CA HIS C 94 -37.08 26.17 -22.29
C HIS C 94 -37.34 24.99 -21.34
N LEU C 95 -37.83 25.25 -20.13
CA LEU C 95 -38.08 24.22 -19.10
C LEU C 95 -39.55 24.27 -18.66
N PRO C 96 -40.30 23.14 -18.70
CA PRO C 96 -41.68 23.10 -18.21
C PRO C 96 -41.85 23.36 -16.69
N ASP C 97 -43.09 23.68 -16.26
CA ASP C 97 -43.49 23.84 -14.84
C ASP C 97 -44.09 22.53 -14.32
N GLY C 98 -43.93 22.26 -13.02
CA GLY C 98 -44.45 21.06 -12.33
C GLY C 98 -44.04 19.77 -13.02
N VAL C 99 -42.73 19.61 -13.26
CA VAL C 99 -42.06 18.34 -13.62
C VAL C 99 -41.10 18.02 -12.47
N ALA C 100 -40.61 16.79 -12.40
CA ALA C 100 -39.59 16.36 -11.42
C ALA C 100 -38.30 17.20 -11.58
N HIS C 101 -37.50 17.31 -10.52
CA HIS C 101 -36.17 17.98 -10.55
C HIS C 101 -35.27 17.23 -11.56
N GLU C 102 -35.35 15.89 -11.64
CA GLU C 102 -34.63 15.04 -12.61
C GLU C 102 -34.81 15.60 -14.04
N VAL C 103 -36.03 15.96 -14.43
CA VAL C 103 -36.32 16.50 -15.79
C VAL C 103 -35.66 17.87 -15.98
N THR C 104 -35.82 18.75 -15.00
CA THR C 104 -35.26 20.13 -15.00
C THR C 104 -33.74 20.06 -15.09
N ILE C 105 -33.07 19.25 -14.26
CA ILE C 105 -31.59 19.04 -14.29
C ILE C 105 -31.18 18.63 -15.73
N SER C 106 -31.81 17.60 -16.26
CA SER C 106 -31.53 16.98 -17.57
C SER C 106 -31.65 18.04 -18.67
N LEU C 107 -32.73 18.83 -18.66
CA LEU C 107 -32.98 19.86 -19.71
C LEU C 107 -31.99 21.02 -19.57
N THR C 108 -31.55 21.33 -18.37
CA THR C 108 -30.53 22.38 -18.15
C THR C 108 -29.21 21.94 -18.78
N HIS C 109 -28.81 20.69 -18.59
CA HIS C 109 -27.57 20.09 -19.18
C HIS C 109 -27.68 20.11 -20.72
N ALA C 110 -28.81 19.70 -21.25
CA ALA C 110 -29.14 19.66 -22.69
C ALA C 110 -29.05 21.04 -23.31
N HIS C 111 -29.67 22.04 -22.67
CA HIS C 111 -29.72 23.43 -23.20
C HIS C 111 -28.39 24.15 -22.89
N SER C 112 -27.42 23.48 -22.29
CA SER C 112 -26.05 24.02 -22.01
C SER C 112 -24.99 23.29 -22.85
N LEU C 113 -25.39 22.32 -23.67
CA LEU C 113 -24.47 21.36 -24.31
C LEU C 113 -23.48 22.15 -25.16
N SER C 114 -23.99 23.06 -26.01
CA SER C 114 -23.20 23.96 -26.90
C SER C 114 -22.20 24.78 -26.08
N SER C 115 -22.66 25.41 -25.02
CA SER C 115 -21.77 26.24 -24.16
C SER C 115 -20.67 25.34 -23.55
N ILE C 116 -20.99 24.13 -23.11
CA ILE C 116 -19.94 23.25 -22.51
C ILE C 116 -18.95 22.78 -23.58
N ARG C 117 -19.44 22.30 -24.72
CA ARG C 117 -18.60 21.91 -25.87
C ARG C 117 -17.59 23.04 -26.15
N ALA C 118 -18.08 24.28 -26.31
CA ALA C 118 -17.28 25.51 -26.54
C ALA C 118 -16.21 25.70 -25.45
N ALA C 119 -16.61 25.73 -24.18
CA ALA C 119 -15.66 25.93 -23.04
C ALA C 119 -14.66 24.79 -23.04
N LEU C 120 -15.14 23.55 -23.20
CA LEU C 120 -14.26 22.35 -23.17
C LEU C 120 -13.24 22.43 -24.33
N GLY C 121 -13.72 22.78 -25.54
CA GLY C 121 -12.86 22.87 -26.73
C GLY C 121 -11.73 23.86 -26.50
N SER C 122 -12.04 25.01 -25.89
CA SER C 122 -11.03 26.08 -25.68
C SER C 122 -10.01 25.61 -24.64
N LEU C 123 -10.45 25.05 -23.50
CA LEU C 123 -9.52 24.58 -22.44
C LEU C 123 -8.57 23.53 -23.05
N ALA C 124 -9.12 22.56 -23.81
CA ALA C 124 -8.36 21.41 -24.35
C ALA C 124 -7.19 21.86 -25.23
N GLN C 125 -7.32 22.98 -25.95
CA GLN C 125 -6.28 23.53 -26.84
C GLN C 125 -5.20 24.23 -26.00
N GLN C 126 -5.60 25.04 -25.02
CA GLN C 126 -4.69 25.92 -24.24
C GLN C 126 -4.09 25.18 -23.03
N ALA C 127 -4.43 23.91 -22.76
CA ALA C 127 -4.02 23.17 -21.54
C ALA C 127 -4.11 21.66 -21.73
N GLN C 128 -3.45 20.92 -20.84
CA GLN C 128 -3.57 19.45 -20.81
C GLN C 128 -4.77 19.13 -19.90
N VAL C 129 -5.92 18.91 -20.52
CA VAL C 129 -7.15 18.44 -19.83
C VAL C 129 -7.05 16.93 -19.81
N VAL C 130 -6.88 16.37 -18.62
CA VAL C 130 -6.60 14.92 -18.43
C VAL C 130 -7.90 14.16 -18.07
N ALA C 131 -8.96 14.86 -17.65
CA ALA C 131 -10.25 14.24 -17.30
C ALA C 131 -11.38 15.27 -17.22
N LEU C 132 -12.58 14.80 -17.54
CA LEU C 132 -13.87 15.48 -17.26
C LEU C 132 -14.56 14.64 -16.19
N ILE C 133 -15.01 15.26 -15.12
CA ILE C 133 -15.84 14.60 -14.08
C ILE C 133 -17.22 15.25 -14.10
N THR C 134 -18.25 14.43 -14.14
CA THR C 134 -19.65 14.87 -14.03
C THR C 134 -20.33 14.08 -12.92
N ASP C 135 -21.56 14.42 -12.63
CA ASP C 135 -22.43 13.65 -11.71
C ASP C 135 -23.43 12.89 -12.58
N LEU C 136 -24.36 12.20 -11.96
CA LEU C 136 -25.16 11.14 -12.59
C LEU C 136 -26.10 11.71 -13.66
N PHE C 137 -26.18 13.03 -13.84
CA PHE C 137 -27.07 13.67 -14.84
C PHE C 137 -26.27 14.41 -15.93
N GLY C 138 -24.95 14.24 -15.98
CA GLY C 138 -24.06 14.92 -16.94
C GLY C 138 -23.61 14.02 -18.08
N THR C 139 -24.23 12.85 -18.27
CA THR C 139 -23.83 11.82 -19.27
C THR C 139 -23.99 12.31 -20.72
N GLY C 140 -24.74 13.38 -20.99
CA GLY C 140 -24.81 13.98 -22.33
C GLY C 140 -23.45 14.51 -22.79
N LEU C 141 -22.48 14.65 -21.89
CA LEU C 141 -21.14 15.23 -22.19
C LEU C 141 -20.15 14.16 -22.65
N TYR C 142 -20.46 12.87 -22.47
CA TYR C 142 -19.46 11.79 -22.63
C TYR C 142 -18.97 11.76 -24.10
N THR C 143 -19.83 11.78 -25.11
CA THR C 143 -19.37 11.82 -26.54
C THR C 143 -18.58 13.10 -26.80
N VAL C 144 -19.01 14.22 -26.25
CA VAL C 144 -18.31 15.53 -26.43
C VAL C 144 -16.88 15.46 -25.88
N ALA C 145 -16.71 14.87 -24.69
CA ALA C 145 -15.39 14.72 -24.06
C ALA C 145 -14.51 13.75 -24.87
N ARG C 146 -15.10 12.66 -25.39
CA ARG C 146 -14.33 11.62 -26.14
C ARG C 146 -13.82 12.17 -27.48
N ASP C 147 -14.64 12.88 -28.26
CA ASP C 147 -14.27 13.62 -29.49
C ASP C 147 -13.01 14.45 -29.25
N LEU C 148 -12.86 15.05 -28.07
CA LEU C 148 -11.75 15.99 -27.74
C LEU C 148 -10.58 15.24 -27.11
N GLY C 149 -10.68 13.92 -26.98
CA GLY C 149 -9.63 13.07 -26.36
C GLY C 149 -9.55 13.25 -24.85
N ILE C 150 -10.66 13.63 -24.22
CA ILE C 150 -10.77 13.74 -22.74
C ILE C 150 -11.62 12.58 -22.24
N PRO C 151 -11.06 11.76 -21.32
CA PRO C 151 -11.80 10.66 -20.71
C PRO C 151 -12.83 11.18 -19.69
N PRO C 152 -14.11 10.80 -19.84
CA PRO C 152 -15.14 11.19 -18.89
C PRO C 152 -15.32 10.19 -17.73
N TYR C 153 -15.40 10.72 -16.50
CA TYR C 153 -15.65 9.96 -15.25
C TYR C 153 -16.95 10.43 -14.62
N LEU C 154 -17.68 9.49 -14.04
CA LEU C 154 -18.88 9.75 -13.19
C LEU C 154 -18.44 9.75 -11.71
N TYR C 155 -18.70 10.83 -10.98
CA TYR C 155 -18.59 10.90 -9.50
C TYR C 155 -20.00 10.71 -8.96
N PHE C 156 -20.32 9.47 -8.57
CA PHE C 156 -21.61 9.02 -8.04
C PHE C 156 -21.70 9.39 -6.55
N THR C 157 -22.61 10.28 -6.21
CA THR C 157 -22.69 10.93 -4.88
C THR C 157 -23.66 10.19 -3.95
N SER C 158 -24.22 9.06 -4.35
CA SER C 158 -25.10 8.19 -3.53
C SER C 158 -24.41 6.83 -3.31
N THR C 159 -25.16 5.81 -2.94
CA THR C 159 -24.64 4.50 -2.46
C THR C 159 -24.25 3.61 -3.65
N ALA C 160 -23.32 2.69 -3.41
CA ALA C 160 -22.97 1.59 -4.32
C ALA C 160 -24.23 0.79 -4.60
N MET C 161 -25.10 0.62 -3.60
CA MET C 161 -26.35 -0.13 -3.80
C MET C 161 -27.19 0.62 -4.83
N CYS C 162 -27.27 1.95 -4.70
CA CYS C 162 -28.05 2.80 -5.63
C CYS C 162 -27.44 2.70 -7.03
N LEU C 163 -26.09 2.71 -7.16
CA LEU C 163 -25.42 2.56 -8.46
C LEU C 163 -25.81 1.21 -9.08
N LEU C 164 -25.72 0.14 -8.29
CA LEU C 164 -26.07 -1.23 -8.73
C LEU C 164 -27.55 -1.26 -9.15
N PHE C 165 -28.44 -0.66 -8.36
CA PHE C 165 -29.88 -0.63 -8.71
C PHE C 165 -29.99 -0.03 -10.12
N LEU C 166 -29.27 1.04 -10.41
CA LEU C 166 -29.43 1.82 -11.68
C LEU C 166 -28.86 1.00 -12.84
N PHE C 167 -27.70 0.38 -12.71
CA PHE C 167 -27.20 -0.55 -13.75
C PHE C 167 -28.19 -1.70 -14.00
N HIS C 168 -29.00 -2.11 -13.02
CA HIS C 168 -29.96 -3.25 -13.16
C HIS C 168 -31.28 -2.75 -13.74
N LEU C 169 -31.54 -1.44 -13.71
CA LEU C 169 -32.88 -0.87 -14.02
C LEU C 169 -33.27 -1.13 -15.49
N PRO C 170 -32.37 -1.04 -16.49
CA PRO C 170 -32.78 -1.28 -17.88
C PRO C 170 -33.25 -2.73 -18.10
N LYS C 171 -32.49 -3.72 -17.60
CA LYS C 171 -32.89 -5.16 -17.58
C LYS C 171 -34.21 -5.34 -16.82
N LEU C 172 -34.37 -4.70 -15.67
CA LEU C 172 -35.62 -4.75 -14.84
C LEU C 172 -36.77 -4.12 -15.63
N ASP C 173 -36.52 -3.08 -16.42
CA ASP C 173 -37.57 -2.36 -17.19
C ASP C 173 -38.17 -3.31 -18.23
N GLU C 174 -37.35 -4.17 -18.84
CA GLU C 174 -37.78 -5.17 -19.86
C GLU C 174 -38.46 -6.36 -19.14
N THR C 175 -37.86 -6.91 -18.09
CA THR C 175 -38.36 -8.09 -17.31
C THR C 175 -39.76 -7.82 -16.72
N VAL C 176 -39.98 -6.66 -16.12
CA VAL C 176 -41.17 -6.41 -15.25
C VAL C 176 -41.97 -5.25 -15.85
N SER C 177 -43.27 -5.47 -16.06
CA SER C 177 -44.16 -4.60 -16.87
C SER C 177 -45.13 -3.83 -15.97
N CYS C 178 -45.36 -4.29 -14.73
CA CYS C 178 -46.21 -3.56 -13.75
C CYS C 178 -45.43 -2.35 -13.19
N GLU C 179 -46.15 -1.35 -12.66
CA GLU C 179 -45.57 -0.30 -11.78
C GLU C 179 -44.85 -1.01 -10.62
N TYR C 180 -43.62 -0.58 -10.29
CA TYR C 180 -42.70 -1.37 -9.42
C TYR C 180 -43.32 -1.56 -8.03
N ARG C 181 -44.17 -0.65 -7.53
CA ARG C 181 -44.78 -0.84 -6.17
C ARG C 181 -45.68 -2.09 -6.16
N ASP C 182 -46.15 -2.53 -7.33
CA ASP C 182 -47.13 -3.64 -7.45
C ASP C 182 -46.38 -4.97 -7.69
N MET C 183 -45.05 -4.97 -7.61
CA MET C 183 -44.22 -6.19 -7.73
C MET C 183 -44.54 -7.18 -6.61
N PRO C 184 -44.94 -8.44 -6.93
CA PRO C 184 -45.32 -9.39 -5.89
C PRO C 184 -44.18 -9.76 -4.92
N GLU C 185 -42.93 -9.48 -5.28
CA GLU C 185 -41.75 -9.89 -4.47
C GLU C 185 -40.73 -8.75 -4.48
N PRO C 186 -39.79 -8.76 -3.51
CA PRO C 186 -38.70 -7.79 -3.47
C PRO C 186 -37.61 -8.07 -4.53
N LEU C 187 -36.87 -7.03 -4.92
CA LEU C 187 -35.63 -7.15 -5.73
C LEU C 187 -34.49 -7.51 -4.78
N VAL C 188 -33.74 -8.59 -5.08
CA VAL C 188 -32.50 -8.95 -4.34
C VAL C 188 -31.33 -8.81 -5.30
N LEU C 189 -30.74 -7.61 -5.33
CA LEU C 189 -29.46 -7.35 -6.01
C LEU C 189 -28.40 -8.19 -5.31
N PRO C 190 -27.49 -8.86 -6.05
CA PRO C 190 -26.45 -9.66 -5.41
C PRO C 190 -25.67 -8.85 -4.38
N GLY C 191 -25.66 -9.31 -3.13
CA GLY C 191 -24.81 -8.79 -2.04
C GLY C 191 -25.50 -7.71 -1.25
N CYS C 192 -26.80 -7.53 -1.46
CA CYS C 192 -27.60 -6.39 -0.91
C CYS C 192 -28.81 -6.91 -0.15
N VAL C 193 -29.29 -6.13 0.81
CA VAL C 193 -30.59 -6.41 1.47
C VAL C 193 -31.70 -6.35 0.42
N PRO C 194 -32.72 -7.23 0.54
CA PRO C 194 -33.91 -7.13 -0.31
C PRO C 194 -34.49 -5.71 -0.28
N LEU C 195 -35.13 -5.33 -1.38
CA LEU C 195 -35.67 -3.97 -1.58
C LEU C 195 -37.04 -4.07 -2.26
N HIS C 196 -38.12 -3.75 -1.54
CA HIS C 196 -39.47 -3.73 -2.13
C HIS C 196 -39.51 -2.65 -3.22
N GLY C 197 -40.31 -2.85 -4.26
CA GLY C 197 -40.53 -1.85 -5.32
C GLY C 197 -41.00 -0.51 -4.77
N LYS C 198 -41.75 -0.48 -3.66
CA LYS C 198 -42.30 0.81 -3.17
C LYS C 198 -41.12 1.69 -2.73
N ASP C 199 -39.94 1.08 -2.50
CA ASP C 199 -38.70 1.72 -1.98
C ASP C 199 -37.68 2.03 -3.10
N PHE C 200 -37.98 1.71 -4.35
CA PHE C 200 -37.17 2.11 -5.52
C PHE C 200 -37.19 3.65 -5.58
N VAL C 201 -36.16 4.23 -6.16
CA VAL C 201 -35.95 5.71 -6.27
C VAL C 201 -37.24 6.36 -6.81
N ASP C 202 -37.48 7.65 -6.48
CA ASP C 202 -38.72 8.40 -6.80
C ASP C 202 -39.05 8.36 -8.29
N PRO C 203 -38.11 8.68 -9.22
CA PRO C 203 -38.44 8.70 -10.63
C PRO C 203 -38.93 7.36 -11.23
N ALA C 204 -38.69 6.24 -10.54
CA ALA C 204 -39.06 4.87 -10.96
C ALA C 204 -40.46 4.50 -10.46
N GLN C 205 -41.16 5.40 -9.77
CA GLN C 205 -42.46 5.12 -9.11
C GLN C 205 -43.63 5.48 -10.03
N ASP C 206 -43.37 6.21 -11.13
CA ASP C 206 -44.33 6.49 -12.23
C ASP C 206 -43.62 6.30 -13.56
N ARG C 207 -43.83 5.14 -14.20
CA ARG C 207 -43.15 4.73 -15.47
C ARG C 207 -43.73 5.51 -16.67
N GLN C 208 -44.75 6.34 -16.45
CA GLN C 208 -45.43 7.16 -17.47
C GLN C 208 -44.90 8.59 -17.46
N ASP C 209 -44.32 9.04 -16.33
CA ASP C 209 -43.71 10.40 -16.23
C ASP C 209 -42.40 10.41 -17.03
N GLN C 210 -42.01 11.57 -17.55
CA GLN C 210 -40.77 11.67 -18.36
C GLN C 210 -39.56 11.53 -17.41
N ALA C 211 -39.72 11.72 -16.09
CA ALA C 211 -38.64 11.53 -15.09
C ALA C 211 -38.06 10.12 -15.23
N TYR C 212 -38.92 9.13 -15.43
CA TYR C 212 -38.52 7.72 -15.59
C TYR C 212 -37.68 7.56 -16.87
N HIS C 213 -38.14 8.16 -17.98
CA HIS C 213 -37.48 8.04 -19.31
C HIS C 213 -36.12 8.76 -19.28
N VAL C 214 -36.05 9.91 -18.60
CA VAL C 214 -34.77 10.67 -18.40
C VAL C 214 -33.81 9.80 -17.61
N LEU C 215 -34.26 9.22 -16.50
CA LEU C 215 -33.40 8.37 -15.67
C LEU C 215 -32.85 7.22 -16.53
N LEU C 216 -33.70 6.56 -17.31
CA LEU C 216 -33.25 5.46 -18.21
C LEU C 216 -32.21 5.97 -19.21
N ASP C 217 -32.41 7.16 -19.83
CA ASP C 217 -31.45 7.70 -20.83
C ASP C 217 -30.05 7.82 -20.22
N HIS C 218 -29.98 8.37 -19.00
CA HIS C 218 -28.71 8.66 -18.29
C HIS C 218 -28.07 7.34 -17.91
N VAL C 219 -28.85 6.44 -17.32
CA VAL C 219 -28.26 5.16 -16.78
C VAL C 219 -27.69 4.34 -17.92
N LYS C 220 -28.34 4.33 -19.09
CA LYS C 220 -27.87 3.60 -20.29
C LYS C 220 -26.48 4.08 -20.72
N ARG C 221 -26.12 5.33 -20.38
CA ARG C 221 -24.81 5.94 -20.77
C ARG C 221 -23.75 5.79 -19.67
N TYR C 222 -24.07 5.35 -18.45
CA TYR C 222 -23.05 5.12 -17.37
C TYR C 222 -21.96 4.22 -17.94
N VAL C 223 -22.35 3.30 -18.84
CA VAL C 223 -21.40 2.34 -19.48
C VAL C 223 -20.33 3.09 -20.30
N LEU C 224 -20.60 4.32 -20.74
CA LEU C 224 -19.65 5.13 -21.58
C LEU C 224 -18.53 5.78 -20.73
N ALA C 225 -18.56 5.68 -19.40
CA ALA C 225 -17.57 6.34 -18.52
C ALA C 225 -16.26 5.56 -18.58
N GLU C 226 -15.12 6.25 -18.53
CA GLU C 226 -13.79 5.59 -18.37
C GLU C 226 -13.78 4.90 -17.01
N GLY C 227 -14.53 5.46 -16.05
CA GLY C 227 -14.48 5.04 -14.63
C GLY C 227 -15.57 5.69 -13.81
N ILE C 228 -15.96 5.07 -12.70
CA ILE C 228 -17.02 5.59 -11.78
C ILE C 228 -16.47 5.60 -10.36
N PHE C 229 -16.27 6.79 -9.82
CA PHE C 229 -16.00 7.05 -8.40
C PHE C 229 -17.33 6.93 -7.66
N VAL C 230 -17.30 6.34 -6.45
CA VAL C 230 -18.48 6.25 -5.56
C VAL C 230 -18.07 6.73 -4.18
N ASN C 231 -18.85 7.64 -3.58
CA ASN C 231 -18.51 8.22 -2.26
C ASN C 231 -18.99 7.23 -1.18
N THR C 232 -18.28 6.11 -1.06
CA THR C 232 -18.58 5.02 -0.11
C THR C 232 -17.27 4.25 0.09
N PHE C 233 -17.30 3.14 0.85
CA PHE C 233 -16.08 2.35 1.14
C PHE C 233 -16.43 0.86 1.28
N VAL C 234 -15.43 0.01 1.08
CA VAL C 234 -15.63 -1.47 0.96
C VAL C 234 -16.34 -1.97 2.21
N ASP C 235 -15.91 -1.51 3.39
CA ASP C 235 -16.45 -2.00 4.71
C ASP C 235 -17.95 -1.67 4.82
N LEU C 236 -18.41 -0.61 4.16
CA LEU C 236 -19.81 -0.11 4.30
C LEU C 236 -20.76 -0.89 3.38
N GLU C 237 -20.29 -1.35 2.21
CA GLU C 237 -21.18 -1.94 1.17
C GLU C 237 -20.44 -3.04 0.43
N PRO C 238 -19.98 -4.13 1.08
CA PRO C 238 -18.98 -5.02 0.49
C PRO C 238 -19.60 -5.83 -0.65
N GLY C 239 -20.90 -6.11 -0.54
CA GLY C 239 -21.65 -6.94 -1.50
C GLY C 239 -21.93 -6.18 -2.78
N ALA C 240 -22.52 -4.99 -2.67
CA ALA C 240 -22.82 -4.13 -3.84
C ALA C 240 -21.50 -3.82 -4.58
N ILE C 241 -20.41 -3.53 -3.85
CA ILE C 241 -19.09 -3.18 -4.45
C ILE C 241 -18.48 -4.42 -5.13
N LYS C 242 -18.46 -5.57 -4.45
CA LYS C 242 -18.00 -6.85 -5.05
C LYS C 242 -18.78 -7.08 -6.35
N THR C 243 -20.11 -7.07 -6.29
CA THR C 243 -21.02 -7.25 -7.44
C THR C 243 -20.69 -6.25 -8.56
N LEU C 244 -20.54 -4.95 -8.26
CA LEU C 244 -20.35 -3.89 -9.30
C LEU C 244 -19.04 -4.18 -10.05
N GLN C 245 -18.03 -4.63 -9.31
CA GLN C 245 -16.63 -4.82 -9.77
C GLN C 245 -16.42 -6.18 -10.47
N THR C 246 -17.37 -7.13 -10.44
CA THR C 246 -17.14 -8.49 -11.01
C THR C 246 -18.30 -8.95 -11.91
N GLU C 247 -19.57 -8.64 -11.58
CA GLU C 247 -20.81 -9.21 -12.20
C GLU C 247 -20.85 -8.97 -13.72
N ASP C 248 -20.29 -7.86 -14.25
CA ASP C 248 -20.47 -7.45 -15.68
C ASP C 248 -19.18 -6.83 -16.24
N PRO C 249 -18.71 -7.25 -17.43
CA PRO C 249 -17.73 -6.48 -18.18
C PRO C 249 -18.28 -5.18 -18.76
N ASN C 250 -19.60 -5.14 -19.04
CA ASN C 250 -20.34 -3.96 -19.56
C ASN C 250 -20.17 -2.75 -18.62
N VAL C 251 -20.18 -2.97 -17.31
CA VAL C 251 -19.98 -1.94 -16.25
C VAL C 251 -18.51 -1.49 -16.24
N PRO C 252 -18.23 -0.16 -16.21
CA PRO C 252 -16.86 0.34 -16.16
C PRO C 252 -16.23 0.05 -14.81
N PRO C 253 -14.90 0.29 -14.65
CA PRO C 253 -14.26 0.27 -13.35
C PRO C 253 -15.08 1.13 -12.36
N VAL C 254 -15.13 0.70 -11.10
CA VAL C 254 -15.84 1.37 -9.99
C VAL C 254 -14.86 1.54 -8.83
N TYR C 255 -14.66 2.76 -8.38
CA TYR C 255 -13.62 3.17 -7.40
C TYR C 255 -14.28 3.74 -6.16
N PRO C 256 -14.47 2.94 -5.09
CA PRO C 256 -14.89 3.50 -3.79
C PRO C 256 -13.74 4.32 -3.20
N VAL C 257 -13.97 5.62 -2.98
CA VAL C 257 -12.94 6.61 -2.58
C VAL C 257 -13.45 7.46 -1.41
N GLY C 258 -14.52 7.02 -0.74
CA GLY C 258 -15.17 7.79 0.34
C GLY C 258 -14.85 7.22 1.72
N PRO C 259 -15.40 7.78 2.81
CA PRO C 259 -16.23 8.98 2.79
C PRO C 259 -15.47 10.28 2.52
N ILE C 260 -16.01 11.10 1.62
CA ILE C 260 -15.50 12.47 1.35
C ILE C 260 -16.60 13.42 1.79
N ILE C 261 -16.27 14.29 2.74
CA ILE C 261 -17.21 15.16 3.50
C ILE C 261 -16.61 16.57 3.55
N GLN C 262 -17.42 17.62 3.74
CA GLN C 262 -16.90 18.98 4.04
C GLN C 262 -16.37 18.96 5.49
N SER C 263 -15.31 19.74 5.76
CA SER C 263 -14.79 20.14 7.10
C SER C 263 -14.30 18.92 7.90
N SER C 272 -24.48 28.74 14.74
CA SER C 272 -23.22 29.21 15.40
C SER C 272 -23.45 29.40 16.90
N ASP C 273 -24.60 29.98 17.29
CA ASP C 273 -25.05 30.17 18.70
C ASP C 273 -25.41 28.82 19.33
N CYS C 274 -25.80 27.80 18.54
CA CYS C 274 -26.38 26.51 19.02
C CYS C 274 -25.27 25.52 19.42
N LEU C 275 -24.03 25.78 19.03
CA LEU C 275 -22.84 25.05 19.54
C LEU C 275 -22.63 25.41 21.02
N LYS C 276 -22.80 26.69 21.38
CA LYS C 276 -22.78 27.14 22.79
C LYS C 276 -23.82 26.34 23.57
N TRP C 277 -25.02 26.13 23.01
CA TRP C 277 -26.12 25.34 23.63
C TRP C 277 -25.71 23.87 23.77
N LEU C 278 -25.15 23.26 22.72
CA LEU C 278 -24.75 21.83 22.79
C LEU C 278 -23.72 21.63 23.89
N ASP C 279 -22.86 22.63 24.13
CA ASP C 279 -21.76 22.58 25.12
C ASP C 279 -22.33 22.35 26.53
N ARG C 280 -23.54 22.84 26.79
CA ARG C 280 -24.16 22.86 28.14
C ARG C 280 -24.88 21.53 28.41
N GLN C 281 -24.91 20.58 27.45
CA GLN C 281 -25.74 19.35 27.55
C GLN C 281 -24.86 18.14 27.81
N PRO C 282 -25.39 17.08 28.46
CA PRO C 282 -24.62 15.87 28.72
C PRO C 282 -24.26 15.08 27.45
N SER C 283 -23.15 14.35 27.49
CA SER C 283 -22.66 13.43 26.43
C SER C 283 -23.81 12.58 25.90
N GLY C 284 -23.96 12.53 24.57
CA GLY C 284 -24.89 11.65 23.83
C GLY C 284 -26.35 11.87 24.17
N SER C 285 -26.74 13.08 24.58
CA SER C 285 -28.09 13.37 25.14
C SER C 285 -28.99 14.09 24.13
N VAL C 286 -28.43 14.70 23.07
CA VAL C 286 -29.24 15.54 22.13
C VAL C 286 -29.54 14.79 20.81
N LEU C 287 -30.81 14.81 20.41
CA LEU C 287 -31.29 14.34 19.09
C LEU C 287 -31.26 15.53 18.15
N PHE C 288 -30.38 15.45 17.16
CA PHE C 288 -30.39 16.43 16.05
C PHE C 288 -31.49 16.02 15.08
N VAL C 289 -32.37 16.95 14.72
CA VAL C 289 -33.51 16.74 13.78
C VAL C 289 -33.34 17.69 12.60
N SER C 290 -33.14 17.18 11.38
CA SER C 290 -32.96 17.99 10.13
C SER C 290 -33.46 17.23 8.91
N PHE C 291 -34.47 17.84 8.28
CA PHE C 291 -34.92 17.56 6.89
C PHE C 291 -34.12 18.56 6.05
N GLY C 292 -33.80 18.26 4.79
CA GLY C 292 -32.94 19.16 4.00
C GLY C 292 -33.65 20.46 3.64
N SER C 293 -33.07 21.23 2.72
CA SER C 293 -33.75 22.36 2.01
C SER C 293 -34.95 21.82 1.22
N GLY C 294 -34.75 20.74 0.44
CA GLY C 294 -35.71 20.22 -0.55
C GLY C 294 -36.76 19.31 0.08
N GLY C 295 -36.52 18.86 1.32
CA GLY C 295 -37.47 18.05 2.09
C GLY C 295 -38.57 18.90 2.67
N THR C 296 -39.79 18.82 2.10
CA THR C 296 -41.00 19.53 2.56
C THR C 296 -41.96 18.57 3.24
N LEU C 297 -42.38 18.95 4.47
CA LEU C 297 -43.38 18.25 5.31
C LEU C 297 -44.66 19.09 5.40
N SER C 298 -45.83 18.46 5.44
CA SER C 298 -47.14 19.15 5.62
C SER C 298 -47.16 19.85 6.97
N ASN C 299 -47.90 20.97 7.09
CA ASN C 299 -48.11 21.64 8.40
C ASN C 299 -48.65 20.61 9.41
N GLU C 300 -49.54 19.71 9.00
CA GLU C 300 -50.12 18.68 9.90
C GLU C 300 -48.98 17.80 10.44
N GLN C 301 -47.99 17.46 9.61
CA GLN C 301 -46.91 16.49 9.96
C GLN C 301 -45.86 17.17 10.85
N LEU C 302 -45.56 18.45 10.57
CA LEU C 302 -44.69 19.31 11.42
C LEU C 302 -45.27 19.37 12.84
N ASN C 303 -46.57 19.68 12.98
CA ASN C 303 -47.30 19.78 14.27
C ASN C 303 -47.21 18.45 15.04
N GLU C 304 -47.33 17.32 14.34
CA GLU C 304 -47.20 15.98 14.97
C GLU C 304 -45.75 15.79 15.43
N LEU C 305 -44.80 16.23 14.63
CA LEU C 305 -43.35 16.08 14.93
C LEU C 305 -43.02 16.87 16.19
N ALA C 306 -43.53 18.09 16.29
CA ALA C 306 -43.29 19.00 17.45
C ALA C 306 -43.76 18.33 18.74
N ILE C 307 -45.06 18.01 18.83
CA ILE C 307 -45.68 17.33 20.00
C ILE C 307 -44.90 16.05 20.29
N GLY C 308 -44.51 15.30 19.25
CA GLY C 308 -43.77 14.04 19.44
C GLY C 308 -42.44 14.29 20.12
N LEU C 309 -41.68 15.30 19.68
CA LEU C 309 -40.34 15.61 20.26
C LEU C 309 -40.53 16.05 21.72
N GLU C 310 -41.49 16.95 21.97
CA GLU C 310 -41.84 17.48 23.30
C GLU C 310 -42.13 16.32 24.27
N ILE C 311 -43.07 15.44 23.91
CA ILE C 311 -43.56 14.40 24.87
C ILE C 311 -42.55 13.25 24.95
N SER C 312 -41.51 13.21 24.11
CA SER C 312 -40.44 12.20 24.22
C SER C 312 -39.68 12.39 25.53
N GLY C 313 -39.62 13.64 26.00
CA GLY C 313 -38.86 13.97 27.21
C GLY C 313 -37.36 14.13 26.93
N HIS C 314 -36.87 13.83 25.73
CA HIS C 314 -35.44 13.93 25.40
C HIS C 314 -35.10 15.33 24.89
N ARG C 315 -33.80 15.65 24.96
CA ARG C 315 -33.24 16.94 24.49
C ARG C 315 -33.07 16.87 22.98
N PHE C 316 -33.39 17.95 22.25
CA PHE C 316 -33.39 17.92 20.78
C PHE C 316 -32.99 19.29 20.23
N LEU C 317 -32.35 19.26 19.05
CA LEU C 317 -31.96 20.45 18.27
C LEU C 317 -32.63 20.27 16.90
N TRP C 318 -33.60 21.11 16.58
CA TRP C 318 -34.48 20.92 15.41
C TRP C 318 -34.29 22.09 14.46
N VAL C 319 -33.82 21.83 13.23
CA VAL C 319 -33.81 22.79 12.09
C VAL C 319 -35.12 22.64 11.29
N VAL C 320 -35.89 23.71 11.14
CA VAL C 320 -37.23 23.73 10.48
C VAL C 320 -37.19 24.60 9.23
N ARG C 321 -37.86 24.21 8.14
CA ARG C 321 -38.43 25.15 7.12
C ARG C 321 -39.67 24.50 6.47
N PHE C 342 -41.51 28.53 13.87
CA PHE C 342 -42.28 29.25 12.80
C PHE C 342 -43.79 29.13 13.09
N GLY C 343 -44.61 29.84 12.30
CA GLY C 343 -46.03 30.13 12.58
C GLY C 343 -46.92 28.90 12.72
N PHE C 344 -46.46 27.69 12.37
CA PHE C 344 -47.27 26.45 12.28
C PHE C 344 -47.35 25.73 13.65
N LEU C 345 -46.66 26.23 14.68
CA LEU C 345 -46.48 25.47 15.95
C LEU C 345 -47.66 25.75 16.87
N PRO C 346 -47.86 24.89 17.89
CA PRO C 346 -48.70 25.25 19.05
C PRO C 346 -48.20 26.59 19.60
N THR C 347 -49.11 27.52 19.85
CA THR C 347 -48.74 28.93 20.15
C THR C 347 -47.89 28.99 21.43
N GLY C 348 -48.01 28.06 22.38
CA GLY C 348 -47.23 28.08 23.63
C GLY C 348 -45.90 27.32 23.56
N PHE C 349 -45.53 26.78 22.39
CA PHE C 349 -44.60 25.61 22.25
C PHE C 349 -43.18 25.99 22.67
N VAL C 350 -42.67 27.09 22.11
CA VAL C 350 -41.29 27.62 22.36
C VAL C 350 -41.02 27.58 23.86
N ASP C 351 -42.00 28.03 24.66
CA ASP C 351 -41.89 28.26 26.13
C ASP C 351 -41.77 26.92 26.87
N ARG C 352 -42.69 25.97 26.62
CA ARG C 352 -42.85 24.69 27.35
C ARG C 352 -41.53 23.90 27.42
N ILE C 353 -40.70 24.00 26.37
CA ILE C 353 -39.55 23.10 26.07
C ILE C 353 -38.24 23.88 26.10
N LYS C 354 -38.21 25.03 26.80
CA LYS C 354 -37.20 26.11 26.65
C LYS C 354 -35.78 25.56 26.84
N ASP C 355 -35.54 24.71 27.84
CA ASP C 355 -34.16 24.40 28.30
C ASP C 355 -33.80 22.95 27.93
N ARG C 356 -34.66 22.31 27.16
CA ARG C 356 -34.58 20.87 26.79
C ARG C 356 -34.47 20.74 25.25
N GLY C 357 -35.13 21.64 24.51
CA GLY C 357 -35.09 21.63 23.04
C GLY C 357 -34.79 23.01 22.50
N LEU C 358 -33.99 23.08 21.43
CA LEU C 358 -33.62 24.33 20.75
C LEU C 358 -34.11 24.28 19.30
N LEU C 359 -34.85 25.29 18.87
CA LEU C 359 -35.32 25.42 17.48
C LEU C 359 -34.37 26.36 16.72
N VAL C 360 -33.87 25.94 15.58
CA VAL C 360 -32.98 26.76 14.71
C VAL C 360 -33.68 26.99 13.37
N PRO C 361 -33.91 28.26 12.98
CA PRO C 361 -34.52 28.55 11.68
C PRO C 361 -33.54 28.26 10.53
N SER C 362 -34.04 27.62 9.49
CA SER C 362 -33.43 27.52 8.12
C SER C 362 -32.16 26.67 8.11
N TRP C 363 -31.17 26.93 8.98
CA TRP C 363 -29.81 26.35 8.82
C TRP C 363 -29.10 26.11 10.17
N ALA C 364 -28.30 25.05 10.27
CA ALA C 364 -27.41 24.75 11.42
C ALA C 364 -26.06 24.28 10.89
N PRO C 365 -24.95 24.43 11.66
CA PRO C 365 -23.67 23.89 11.22
C PRO C 365 -23.65 22.38 11.43
N GLN C 366 -24.22 21.62 10.50
CA GLN C 366 -24.49 20.17 10.64
C GLN C 366 -23.21 19.43 11.02
N ILE C 367 -22.09 19.66 10.34
CA ILE C 367 -20.84 18.89 10.61
C ILE C 367 -20.42 19.11 12.07
N LYS C 368 -20.54 20.36 12.56
CA LYS C 368 -20.10 20.77 13.91
C LYS C 368 -21.03 20.14 14.95
N VAL C 369 -22.35 20.18 14.71
CA VAL C 369 -23.39 19.52 15.55
C VAL C 369 -23.08 18.02 15.64
N LEU C 370 -22.89 17.34 14.50
CA LEU C 370 -22.79 15.86 14.44
C LEU C 370 -21.47 15.41 15.07
N SER C 371 -20.42 16.23 15.04
CA SER C 371 -19.07 15.90 15.60
C SER C 371 -18.99 16.29 17.09
N HIS C 372 -20.02 16.92 17.64
CA HIS C 372 -20.12 17.29 19.07
C HIS C 372 -20.52 16.06 19.90
N GLY C 373 -19.95 15.92 21.10
CA GLY C 373 -20.15 14.78 22.01
C GLY C 373 -21.52 14.80 22.68
N SER C 374 -22.17 15.95 22.75
CA SER C 374 -23.55 16.08 23.28
C SER C 374 -24.56 15.40 22.34
N THR C 375 -24.21 15.24 21.05
CA THR C 375 -25.14 14.70 20.01
C THR C 375 -25.19 13.17 20.09
N GLY C 376 -26.38 12.64 20.37
CA GLY C 376 -26.61 11.20 20.55
C GLY C 376 -27.32 10.57 19.37
N GLY C 377 -28.03 11.36 18.58
CA GLY C 377 -28.81 10.83 17.46
C GLY C 377 -29.14 11.88 16.43
N PHE C 378 -29.60 11.40 15.28
CA PHE C 378 -29.90 12.23 14.08
C PHE C 378 -31.19 11.69 13.46
N LEU C 379 -32.26 12.50 13.52
CA LEU C 379 -33.49 12.26 12.74
C LEU C 379 -33.30 12.94 11.39
N THR C 380 -33.01 12.17 10.34
CA THR C 380 -32.56 12.65 9.00
C THR C 380 -33.49 12.15 7.90
N HIS C 381 -33.51 12.84 6.76
CA HIS C 381 -34.24 12.40 5.54
C HIS C 381 -33.40 11.42 4.71
N CYS C 382 -32.17 11.10 5.16
CA CYS C 382 -31.30 10.03 4.56
C CYS C 382 -30.65 10.46 3.25
N GLY C 383 -30.60 11.75 2.96
CA GLY C 383 -29.58 12.25 2.00
C GLY C 383 -28.24 11.62 2.31
N TRP C 384 -27.50 11.20 1.28
CA TRP C 384 -26.25 10.43 1.45
C TRP C 384 -25.18 11.27 2.12
N ASN C 385 -25.13 12.59 1.87
CA ASN C 385 -24.06 13.45 2.42
C ASN C 385 -24.28 13.55 3.94
N SER C 386 -25.52 13.76 4.35
CA SER C 386 -25.96 13.76 5.78
C SER C 386 -25.62 12.42 6.41
N THR C 387 -25.98 11.33 5.76
CA THR C 387 -25.75 9.94 6.23
C THR C 387 -24.24 9.74 6.42
N LEU C 388 -23.39 10.17 5.48
CA LEU C 388 -21.92 9.92 5.59
C LEU C 388 -21.38 10.74 6.77
N GLU C 389 -21.80 12.00 6.92
CA GLU C 389 -21.35 12.87 8.03
C GLU C 389 -21.64 12.16 9.36
N SER C 390 -22.84 11.61 9.49
CA SER C 390 -23.32 10.86 10.66
C SER C 390 -22.47 9.59 10.84
N ILE C 391 -22.19 8.85 9.77
CA ILE C 391 -21.32 7.64 9.81
C ILE C 391 -19.94 8.03 10.34
N VAL C 392 -19.29 9.07 9.81
CA VAL C 392 -17.88 9.38 10.18
C VAL C 392 -17.83 9.77 11.67
N ASN C 393 -18.94 10.28 12.24
CA ASN C 393 -18.97 10.75 13.64
C ASN C 393 -19.70 9.77 14.59
N GLY C 394 -19.90 8.51 14.18
CA GLY C 394 -20.55 7.47 15.00
C GLY C 394 -21.97 7.79 15.51
N VAL C 395 -22.69 8.73 14.91
CA VAL C 395 -24.07 9.09 15.36
C VAL C 395 -25.11 8.21 14.68
N PRO C 396 -25.87 7.38 15.44
CA PRO C 396 -26.93 6.54 14.90
C PRO C 396 -28.19 7.36 14.55
N LEU C 397 -29.10 6.79 13.76
CA LEU C 397 -30.19 7.65 13.20
C LEU C 397 -31.56 7.05 13.37
N ILE C 398 -32.56 7.93 13.29
CA ILE C 398 -33.94 7.63 12.86
C ILE C 398 -34.08 8.12 11.40
N VAL C 399 -34.36 7.19 10.50
CA VAL C 399 -34.55 7.47 9.05
C VAL C 399 -36.01 7.82 8.78
N TRP C 400 -36.20 8.90 8.04
CA TRP C 400 -37.48 9.45 7.59
C TRP C 400 -37.31 9.91 6.15
N PRO C 401 -37.22 8.95 5.20
CA PRO C 401 -36.95 9.27 3.81
C PRO C 401 -38.09 10.05 3.14
N LEU C 402 -37.77 10.98 2.24
CA LEU C 402 -38.76 11.87 1.58
C LEU C 402 -38.76 11.72 0.05
N TYR C 403 -37.59 11.68 -0.61
CA TYR C 403 -37.52 11.80 -2.08
C TYR C 403 -36.20 11.24 -2.62
N ALA C 404 -36.01 11.36 -3.93
CA ALA C 404 -34.81 10.84 -4.62
C ALA C 404 -34.61 9.37 -4.25
N GLU C 405 -33.42 8.96 -3.80
CA GLU C 405 -33.10 7.54 -3.48
C GLU C 405 -33.18 7.30 -1.95
N GLN C 406 -33.85 8.20 -1.22
CA GLN C 406 -33.82 8.19 0.26
C GLN C 406 -34.51 6.92 0.81
N ARG C 407 -35.60 6.45 0.20
CA ARG C 407 -36.30 5.21 0.66
C ARG C 407 -35.35 4.01 0.59
N MET C 408 -34.52 3.93 -0.43
CA MET C 408 -33.61 2.77 -0.50
C MET C 408 -32.44 3.01 0.46
N ASN C 409 -32.06 4.25 0.76
CA ASN C 409 -31.01 4.53 1.78
C ASN C 409 -31.52 4.08 3.15
N ALA C 410 -32.78 4.37 3.45
CA ALA C 410 -33.42 4.02 4.73
C ALA C 410 -33.39 2.50 4.92
N VAL C 411 -33.77 1.74 3.88
CA VAL C 411 -33.85 0.26 3.94
C VAL C 411 -32.44 -0.26 4.18
N MET C 412 -31.45 0.30 3.51
CA MET C 412 -30.03 -0.13 3.66
C MET C 412 -29.55 0.15 5.08
N LEU C 413 -29.86 1.33 5.61
CA LEU C 413 -29.37 1.79 6.93
C LEU C 413 -30.12 1.02 8.05
N ASN C 414 -31.42 0.78 7.86
CA ASN C 414 -32.32 0.19 8.89
C ASN C 414 -32.20 -1.33 8.93
N GLN C 415 -32.25 -2.04 7.81
CA GLN C 415 -32.30 -3.55 7.76
C GLN C 415 -30.93 -4.14 7.41
N GLY C 416 -30.07 -3.45 6.65
CA GLY C 416 -28.75 -3.95 6.23
C GLY C 416 -27.67 -3.68 7.29
N LEU C 417 -27.38 -2.42 7.57
CA LEU C 417 -26.30 -2.01 8.50
C LEU C 417 -26.82 -2.00 9.93
N LYS C 418 -28.12 -1.83 10.13
CA LYS C 418 -28.80 -1.87 11.46
C LYS C 418 -28.27 -0.75 12.37
N VAL C 419 -28.00 0.43 11.77
CA VAL C 419 -27.49 1.64 12.46
C VAL C 419 -28.58 2.71 12.52
N ALA C 420 -29.82 2.33 12.18
CA ALA C 420 -30.98 3.26 12.11
C ALA C 420 -32.26 2.58 12.59
N LEU C 421 -33.10 3.34 13.28
CA LEU C 421 -34.49 3.00 13.61
C LEU C 421 -35.41 3.75 12.64
N ARG C 422 -36.69 3.42 12.66
CA ARG C 422 -37.70 3.87 11.68
C ARG C 422 -39.05 3.98 12.36
N PRO C 423 -39.74 5.13 12.31
CA PRO C 423 -41.13 5.19 12.77
C PRO C 423 -42.04 4.43 11.80
N ASN C 424 -43.21 4.01 12.28
CA ASN C 424 -44.30 3.42 11.45
C ASN C 424 -45.32 4.51 11.12
N ALA C 425 -45.70 4.64 9.85
CA ALA C 425 -46.77 5.53 9.38
C ALA C 425 -48.14 4.97 9.79
N SER C 426 -49.11 5.85 10.03
CA SER C 426 -50.55 5.50 10.15
C SER C 426 -51.11 5.34 8.72
N GLN C 427 -52.42 5.04 8.60
CA GLN C 427 -53.13 4.72 7.34
C GLN C 427 -52.72 5.72 6.25
N ARG C 428 -52.80 7.03 6.54
CA ARG C 428 -52.68 8.15 5.55
C ARG C 428 -51.25 8.27 5.00
N GLY C 429 -50.24 7.73 5.71
CA GLY C 429 -48.79 7.96 5.45
C GLY C 429 -48.19 9.02 6.38
N LEU C 430 -49.00 9.52 7.33
CA LEU C 430 -48.63 10.48 8.41
C LEU C 430 -48.01 9.74 9.59
N VAL C 431 -46.85 10.20 10.09
CA VAL C 431 -46.23 9.63 11.33
C VAL C 431 -46.77 10.44 12.50
N GLU C 432 -47.41 9.75 13.47
CA GLU C 432 -48.17 10.39 14.57
C GLU C 432 -47.22 10.66 15.75
N ALA C 433 -47.50 11.72 16.52
CA ALA C 433 -46.69 12.16 17.68
C ALA C 433 -46.30 10.97 18.57
N ASP C 434 -47.25 10.13 18.96
CA ASP C 434 -46.98 9.04 19.94
C ASP C 434 -45.95 8.08 19.32
N GLU C 435 -45.98 7.87 18.00
CA GLU C 435 -45.00 6.96 17.33
C GLU C 435 -43.61 7.63 17.27
N ILE C 436 -43.55 8.92 17.03
CA ILE C 436 -42.29 9.73 17.01
C ILE C 436 -41.63 9.64 18.38
N ALA C 437 -42.38 9.93 19.44
CA ALA C 437 -41.94 9.80 20.85
C ALA C 437 -41.42 8.38 21.10
N ARG C 438 -42.17 7.35 20.68
CA ARG C 438 -41.72 5.96 20.94
C ARG C 438 -40.32 5.81 20.35
N VAL C 439 -40.11 6.16 19.08
CA VAL C 439 -38.86 5.79 18.37
C VAL C 439 -37.73 6.72 18.81
N VAL C 440 -38.02 7.99 19.14
CA VAL C 440 -37.02 8.90 19.79
C VAL C 440 -36.48 8.26 21.08
N LYS C 441 -37.37 7.85 21.99
CA LYS C 441 -37.01 7.16 23.26
C LYS C 441 -36.22 5.89 22.91
N GLU C 442 -36.64 5.12 21.90
CA GLU C 442 -35.93 3.86 21.56
C GLU C 442 -34.48 4.21 21.16
N LEU C 443 -34.27 5.30 20.43
CA LEU C 443 -32.90 5.66 19.95
C LEU C 443 -32.06 6.17 21.12
N MET C 444 -32.58 7.16 21.85
CA MET C 444 -31.78 7.92 22.83
C MET C 444 -31.53 7.12 24.11
N ASP C 445 -32.43 6.21 24.52
CA ASP C 445 -32.29 5.51 25.83
C ASP C 445 -32.53 3.98 25.71
N GLY C 446 -33.14 3.48 24.64
CA GLY C 446 -33.56 2.06 24.50
C GLY C 446 -32.42 1.14 24.07
N ASP C 447 -32.68 -0.19 24.08
CA ASP C 447 -31.74 -1.28 23.70
C ASP C 447 -31.44 -1.20 22.20
N GLU C 448 -32.48 -1.04 21.36
CA GLU C 448 -32.30 -0.93 19.88
C GLU C 448 -31.38 0.25 19.58
N GLY C 449 -31.56 1.37 20.30
CA GLY C 449 -30.68 2.55 20.19
C GLY C 449 -29.23 2.17 20.48
N LYS C 450 -29.02 1.43 21.55
CA LYS C 450 -27.64 1.06 22.00
C LYS C 450 -27.01 0.13 20.97
N LYS C 451 -27.75 -0.82 20.40
CA LYS C 451 -27.23 -1.74 19.36
C LYS C 451 -26.84 -0.93 18.11
N ALA C 452 -27.68 0.05 17.74
CA ALA C 452 -27.46 0.94 16.59
C ALA C 452 -26.20 1.80 16.84
N ARG C 453 -26.10 2.43 18.02
CA ARG C 453 -24.94 3.28 18.41
C ARG C 453 -23.63 2.48 18.31
N TYR C 454 -23.63 1.23 18.77
CA TYR C 454 -22.43 0.37 18.76
C TYR C 454 -22.01 0.11 17.31
N LYS C 455 -22.95 -0.35 16.48
CA LYS C 455 -22.69 -0.72 15.05
C LYS C 455 -22.23 0.54 14.28
N MET C 456 -22.74 1.72 14.65
CA MET C 456 -22.43 2.98 13.94
C MET C 456 -21.02 3.42 14.34
N ARG C 457 -20.63 3.18 15.59
CA ARG C 457 -19.26 3.48 16.07
C ARG C 457 -18.26 2.57 15.32
N GLU C 458 -18.63 1.32 15.05
CA GLU C 458 -17.79 0.37 14.27
C GLU C 458 -17.59 0.93 12.85
N LEU C 459 -18.67 1.37 12.19
CA LEU C 459 -18.56 1.93 10.81
C LEU C 459 -17.70 3.21 10.87
N SER C 460 -17.87 4.03 11.91
CA SER C 460 -17.04 5.24 12.16
C SER C 460 -15.53 4.91 12.14
N ASP C 461 -15.14 3.77 12.72
CA ASP C 461 -13.71 3.38 12.87
C ASP C 461 -13.20 2.88 11.52
N SER C 462 -14.03 2.17 10.76
CA SER C 462 -13.68 1.75 9.37
C SER C 462 -13.46 3.00 8.49
N ALA C 463 -14.33 4.01 8.63
CA ALA C 463 -14.29 5.28 7.86
C ALA C 463 -12.94 5.96 8.08
N LYS C 464 -12.54 6.15 9.35
CA LYS C 464 -11.25 6.80 9.76
C LYS C 464 -10.09 6.05 9.10
N ARG C 465 -10.07 4.72 9.25
CA ARG C 465 -9.00 3.82 8.74
C ARG C 465 -8.90 3.94 7.20
N VAL C 466 -10.02 3.79 6.45
CA VAL C 466 -9.96 3.70 4.95
C VAL C 466 -9.57 5.05 4.34
N THR C 467 -9.66 6.16 5.08
CA THR C 467 -9.31 7.53 4.61
C THR C 467 -8.00 8.03 5.22
N SER C 468 -7.29 7.20 5.99
CA SER C 468 -5.97 7.55 6.59
C SER C 468 -4.89 7.31 5.53
N GLU C 469 -3.64 7.71 5.81
CA GLU C 469 -2.52 7.78 4.82
C GLU C 469 -2.45 6.50 3.97
N ASN C 470 -2.62 5.32 4.57
CA ASN C 470 -2.44 4.00 3.89
C ASN C 470 -3.76 3.29 3.64
N GLY C 471 -4.92 3.94 3.89
CA GLY C 471 -6.27 3.37 3.75
C GLY C 471 -6.67 2.99 2.33
N GLU C 472 -7.58 2.03 2.17
CA GLU C 472 -8.00 1.46 0.86
C GLU C 472 -8.56 2.60 -0.03
N SER C 473 -9.28 3.58 0.55
CA SER C 473 -9.93 4.69 -0.20
C SER C 473 -8.87 5.68 -0.71
N THR C 474 -7.99 6.17 0.17
CA THR C 474 -6.88 7.08 -0.23
C THR C 474 -6.00 6.41 -1.29
N LYS C 475 -5.69 5.13 -1.16
CA LYS C 475 -4.77 4.39 -2.06
C LYS C 475 -5.40 4.28 -3.45
N LEU C 476 -6.65 3.86 -3.52
CA LEU C 476 -7.35 3.64 -4.82
C LEU C 476 -7.44 4.96 -5.61
N LEU C 477 -7.72 6.09 -4.95
CA LEU C 477 -7.85 7.39 -5.65
C LEU C 477 -6.48 7.79 -6.22
N SER C 478 -5.44 7.68 -5.38
CA SER C 478 -4.02 7.86 -5.75
C SER C 478 -3.72 7.06 -7.02
N GLU C 479 -4.10 5.78 -7.02
CA GLU C 479 -3.86 4.84 -8.14
C GLU C 479 -4.47 5.40 -9.43
N VAL C 480 -5.71 5.93 -9.38
CA VAL C 480 -6.47 6.36 -10.60
C VAL C 480 -5.92 7.70 -11.08
N ALA C 481 -5.66 8.64 -10.16
CA ALA C 481 -5.07 9.97 -10.45
C ALA C 481 -3.69 9.87 -11.12
N SER C 482 -2.87 8.93 -10.68
CA SER C 482 -1.52 8.61 -11.20
C SER C 482 -1.58 8.34 -12.72
N LYS C 483 -2.57 7.58 -13.19
CA LYS C 483 -2.81 7.27 -14.62
C LYS C 483 -3.02 8.57 -15.42
N TRP C 484 -3.60 9.63 -14.81
CA TRP C 484 -3.76 10.99 -15.40
C TRP C 484 -2.41 11.72 -15.43
C1 U2F D . 4.82 -8.09 -26.02
O1 U2F D . 4.03 -9.20 -26.38
PB U2F D . 2.47 -9.27 -26.02
O1B U2F D . 1.93 -7.89 -25.91
O2B U2F D . 2.27 -10.19 -24.86
O3A U2F D . 1.88 -9.97 -27.34
PA U2F D . 2.32 -11.25 -28.18
O1A U2F D . 3.81 -11.25 -28.32
O2A U2F D . 1.49 -11.33 -29.43
O5' U2F D . 1.88 -12.44 -27.19
C5' U2F D . 0.50 -12.88 -27.20
C4' U2F D . 0.35 -14.10 -26.32
O4' U2F D . -1.02 -14.23 -25.88
C1' U2F D . -1.61 -15.38 -26.46
C2' U2F D . -0.67 -15.86 -27.57
C3' U2F D . 0.69 -15.45 -26.98
O3' U2F D . 1.17 -16.38 -26.03
O2' U2F D . -0.79 -17.26 -27.72
N1 U2F D . -2.94 -15.03 -26.97
C6' U2F D . -3.93 -15.98 -26.87
O6' U2F D . -3.75 -17.09 -26.38
N3 U2F D . -5.17 -15.61 -27.36
C7' U2F D . -5.49 -14.39 -27.93
O7' U2F D . -6.64 -14.20 -28.32
C8' U2F D . -4.41 -13.45 -28.01
C9' U2F D . -3.20 -13.79 -27.54
C2 U2F D . 4.70 -7.05 -27.12
F1 U2F D . 3.33 -6.80 -27.35
C3 U2F D . 5.33 -7.53 -28.41
O3 U2F D . 5.33 -6.45 -29.35
C4 U2F D . 6.75 -7.99 -28.14
O4 U2F D . 7.32 -8.54 -29.33
C5 U2F D . 6.76 -9.04 -27.04
C6 U2F D . 8.15 -9.51 -26.67
O6 U2F D . 8.15 -10.22 -25.44
O5 U2F D . 6.17 -8.49 -25.85
C1 STL E . 11.61 -2.29 -27.19
C2 STL E . 11.82 -3.63 -27.46
C3 STL E . 10.98 -4.59 -26.92
C4 STL E . 9.92 -4.21 -26.10
C5 STL E . 9.72 -2.86 -25.81
C6 STL E . 10.56 -1.90 -26.36
C7 STL E . 8.60 -2.46 -24.94
C8 STL E . 7.78 -3.37 -24.42
C9 STL E . 6.67 -2.97 -23.54
C10 STL E . 5.72 -3.91 -23.14
C11 STL E . 4.67 -3.52 -22.32
C12 STL E . 4.57 -2.20 -21.89
C13 STL E . 5.52 -1.26 -22.29
C14 STL E . 6.57 -1.64 -23.12
O1 STL E . 3.54 -1.83 -21.08
O2 STL E . 11.18 -5.91 -27.19
O3 STL E . 12.44 -1.35 -27.72
C1 U2F F . 20.51 1.48 27.30
O1 U2F F . 21.61 0.98 28.04
PB U2F F . 22.97 0.54 27.32
O1B U2F F . 22.86 -0.89 26.88
O2B U2F F . 23.34 1.56 26.30
O3A U2F F . 24.01 0.62 28.54
PA U2F F . 24.25 -0.30 29.83
O1A U2F F . 22.93 -0.77 30.34
O2A U2F F . 25.15 0.42 30.78
O5' U2F F . 25.05 -1.53 29.18
C5' U2F F . 26.27 -1.27 28.44
C4' U2F F . 26.92 -2.57 28.06
O4' U2F F . 28.26 -2.32 27.54
C1' U2F F . 29.22 -2.86 28.41
C2' U2F F . 28.51 -3.19 29.73
C3' U2F F . 27.12 -3.58 29.21
O3' U2F F . 27.08 -4.91 28.73
O2' U2F F . 29.17 -4.27 30.37
N1 U2F F . 30.30 -1.87 28.59
C6' U2F F . 31.61 -2.36 28.59
O6' U2F F . 31.87 -3.54 28.45
N3 U2F F . 32.57 -1.40 28.76
C7' U2F F . 32.39 -0.04 28.92
O7' U2F F . 33.36 0.69 29.06
C8' U2F F . 31.01 0.38 28.91
C9' U2F F . 30.04 -0.53 28.75
C2 U2F F . 19.91 2.62 28.09
F1 U2F F . 20.91 3.55 28.39
C3 U2F F . 19.28 2.13 29.39
O3 U2F F . 18.58 3.22 29.99
C4 U2F F . 18.31 1.00 29.09
O4 U2F F . 17.81 0.46 30.30
C5 U2F F . 19.03 -0.11 28.31
C6 U2F F . 18.12 -1.24 27.92
O6 U2F F . 18.70 -2.05 26.91
O5 U2F F . 19.55 0.44 27.09
C1 STL G . 13.05 2.21 27.90
C2 STL G . 12.09 3.21 27.82
C3 STL G . 12.36 4.39 27.14
C4 STL G . 13.60 4.58 26.53
C5 STL G . 14.56 3.58 26.61
C6 STL G . 14.29 2.39 27.28
C7 STL G . 15.87 3.76 25.95
C8 STL G . 16.04 4.74 25.05
C9 STL G . 17.36 4.93 24.41
C10 STL G . 18.29 3.91 24.42
C11 STL G . 19.53 4.09 23.81
C12 STL G . 19.82 5.30 23.19
C13 STL G . 18.89 6.32 23.18
C14 STL G . 17.65 6.14 23.79
O1 STL G . 21.04 5.48 22.59
O2 STL G . 11.42 5.37 27.07
O3 STL G . 12.78 1.05 28.57
C1 U2F H . -29.74 15.10 -2.19
O1 U2F H . -29.55 15.47 -0.85
PB U2F H . -28.73 16.78 -0.43
O1B U2F H . -27.32 16.65 -0.91
O2B U2F H . -29.49 17.99 -0.85
O3A U2F H . -28.74 16.66 1.17
PA U2F H . -27.88 15.81 2.20
O1A U2F H . -27.30 14.64 1.50
O2A U2F H . -28.70 15.56 3.43
O5' U2F H . -26.70 16.85 2.56
C5' U2F H . -27.08 18.21 2.91
C4' U2F H . -25.81 19.03 3.09
O4' U2F H . -26.16 20.33 3.65
C1' U2F H . -25.60 20.47 4.94
C2' U2F H . -25.18 19.07 5.39
C3' U2F H . -24.77 18.45 4.05
O3' U2F H . -23.45 18.84 3.67
O2' U2F H . -24.11 19.16 6.30
N1 U2F H . -26.61 21.07 5.83
C6' U2F H . -26.15 21.91 6.83
O6' U2F H . -24.96 22.14 7.00
N3 U2F H . -27.13 22.44 7.63
C7' U2F H . -28.48 22.24 7.52
O7' U2F H . -29.24 22.81 8.32
C8' U2F H . -28.89 21.37 6.46
C9' U2F H . -27.96 20.83 5.66
C2 U2F H . -30.75 13.97 -2.23
F1 U2F H . -31.89 14.36 -1.52
C3 U2F H . -30.20 12.70 -1.61
O3 U2F H . -31.12 11.64 -1.83
C4 U2F H . -28.85 12.38 -2.24
O4 U2F H . -28.26 11.26 -1.58
C5 U2F H . -27.92 13.57 -2.13
C6 U2F H . -26.58 13.34 -2.80
O6 U2F H . -26.68 12.36 -3.84
O5 U2F H . -28.52 14.70 -2.78
C1 STL I . -29.95 9.73 -6.73
C2 STL I . -30.70 8.86 -7.51
C3 STL I . -31.80 9.34 -8.20
C4 STL I . -32.16 10.68 -8.11
C5 STL I . -31.42 11.54 -7.33
C6 STL I . -30.30 11.06 -6.64
C7 STL I . -31.79 12.97 -7.24
C8 STL I . -31.08 13.79 -6.47
C9 STL I . -31.46 15.22 -6.37
C10 STL I . -32.59 15.69 -7.04
C11 STL I . -32.94 17.03 -6.95
C12 STL I . -32.16 17.90 -6.20
C13 STL I . -31.04 17.44 -5.52
C14 STL I . -30.68 16.10 -5.62
O1 STL I . -32.51 19.22 -6.10
O2 STL I . -32.55 8.48 -8.97
O3 STL I . -28.87 9.26 -6.04
#